data_1P73
#
_entry.id   1P73
#
_cell.length_a   111.347
_cell.length_b   118.293
_cell.length_c   122.652
_cell.angle_alpha   90.00
_cell.angle_beta   90.00
_cell.angle_gamma   90.00
#
_symmetry.space_group_name_H-M   'P 21 21 2'
#
loop_
_entity.id
_entity.type
_entity.pdbx_description
1 polymer 'Thymidine kinase'
2 non-polymer 'SULFATE ION'
3 non-polymer "P1-(5'-ADENOSYL)P4-(5'-(2'-DEOXY-THYMIDYL))TETRAPHOSPHATE"
4 water water
#
_entity_poly.entity_id   1
_entity_poly.type   'polypeptide(L)'
_entity_poly.pdbx_seq_one_letter_code
;GSHMVTIVRIYLDGVYGIGKSTTGRVMASAASGGSPTLYFPEPMAYWRTLFETDVISGIYDTQNRKQQGNLAVDDAALIT
AHYQSRFTTPYLILHDHTCTLFGGNSLQRGTQPDLTLVFDRHPVASTVCFPAARYLLGDMSMCALMAMVATLPREPQGGN
IVVTTLNVEEHIRRLRTRARIGEQIDITLIATLRNVYFMLVNTCHFLRSGRVWRDGWGELPTSCGAYKHRATQMDAFQER
VSPELGDTLFALFKTQELLDDRGVILEVHAWALDALMLKLRNLNVFSADLSGTPRQCAAVVESLLPLMSSTLSDFDSASA
LERAARTFNAEMGV
;
_entity_poly.pdbx_strand_id   A,B,C,D
#
loop_
_chem_comp.id
_chem_comp.type
_chem_comp.name
_chem_comp.formula
4TA RNA linking P1-(5'-ADENOSYL)P4-(5'-(2'-DEOXY-THYMIDYL))TETRAPHOSPHATE 'C20 H25 N7 O20 P4 -4'
SO4 non-polymer 'SULFATE ION' 'O4 S -2'
#
# COMPACT_ATOMS: atom_id res chain seq x y z
N MET A 4 -36.90 -33.16 13.71
CA MET A 4 -36.40 -32.65 15.02
C MET A 4 -36.70 -33.61 16.20
N VAL A 5 -35.63 -34.08 16.84
CA VAL A 5 -35.75 -34.88 18.05
C VAL A 5 -35.42 -34.03 19.28
N THR A 6 -36.27 -34.13 20.31
CA THR A 6 -36.12 -33.41 21.56
C THR A 6 -35.26 -34.24 22.52
N ILE A 7 -34.16 -33.68 23.00
CA ILE A 7 -33.23 -34.43 23.85
C ILE A 7 -33.02 -33.77 25.22
N VAL A 8 -33.06 -34.60 26.25
CA VAL A 8 -32.70 -34.20 27.61
C VAL A 8 -31.46 -35.02 28.01
N ARG A 9 -30.36 -34.31 28.25
CA ARG A 9 -29.17 -34.97 28.76
C ARG A 9 -29.04 -34.67 30.25
N ILE A 10 -28.80 -35.71 31.02
CA ILE A 10 -28.50 -35.52 32.43
C ILE A 10 -27.19 -36.18 32.84
N TYR A 11 -26.39 -35.42 33.58
CA TYR A 11 -25.18 -35.90 34.20
C TYR A 11 -25.49 -36.26 35.64
N LEU A 12 -25.37 -37.54 35.96
CA LEU A 12 -25.49 -38.04 37.32
C LEU A 12 -24.13 -37.95 37.99
N ASP A 13 -24.04 -37.20 39.08
CA ASP A 13 -22.75 -36.99 39.74
C ASP A 13 -22.83 -36.97 41.27
N GLY A 14 -21.67 -36.85 41.91
CA GLY A 14 -21.59 -36.81 43.35
C GLY A 14 -20.39 -37.58 43.89
N VAL A 15 -20.36 -37.73 45.21
CA VAL A 15 -19.31 -38.50 45.86
C VAL A 15 -19.51 -39.96 45.55
N TYR A 16 -18.41 -40.70 45.45
CA TYR A 16 -18.49 -42.13 45.15
C TYR A 16 -19.11 -42.96 46.27
N GLY A 17 -19.55 -44.16 45.93
CA GLY A 17 -20.10 -45.07 46.93
C GLY A 17 -21.50 -44.78 47.45
N ILE A 18 -22.25 -43.95 46.72
CA ILE A 18 -23.65 -43.67 47.06
C ILE A 18 -24.61 -44.52 46.21
N GLY A 19 -24.26 -44.75 44.95
CA GLY A 19 -25.05 -45.61 44.09
C GLY A 19 -25.50 -44.97 42.80
N LYS A 20 -24.73 -44.00 42.31
CA LYS A 20 -25.06 -43.32 41.06
C LYS A 20 -25.04 -44.25 39.84
N SER A 21 -24.04 -45.12 39.73
CA SER A 21 -23.98 -46.05 38.60
C SER A 21 -25.19 -46.98 38.60
N THR A 22 -25.55 -47.46 39.80
CA THR A 22 -26.67 -48.36 39.98
C THR A 22 -27.97 -47.68 39.54
N THR A 23 -28.20 -46.47 40.04
CA THR A 23 -29.34 -45.66 39.67
C THR A 23 -29.41 -45.47 38.18
N GLY A 24 -28.27 -45.15 37.56
CA GLY A 24 -28.17 -44.91 36.13
C GLY A 24 -28.58 -46.12 35.31
N ARG A 25 -28.01 -47.29 35.65
CA ARG A 25 -28.29 -48.57 35.01
C ARG A 25 -29.77 -48.95 35.06
N VAL A 26 -30.44 -48.57 36.15
CA VAL A 26 -31.86 -48.89 36.33
C VAL A 26 -32.73 -47.97 35.49
N MET A 27 -32.28 -46.73 35.31
CA MET A 27 -33.06 -45.75 34.57
C MET A 27 -33.18 -46.18 33.13
N ALA A 28 -32.13 -46.80 32.62
CA ALA A 28 -32.13 -47.33 31.27
C ALA A 28 -32.77 -48.73 31.24
N SER A 29 -33.16 -49.23 32.42
CA SER A 29 -33.65 -50.60 32.65
C SER A 29 -32.52 -51.63 32.89
N SER A 35 -40.39 -43.16 27.87
CA SER A 35 -39.33 -42.50 27.09
C SER A 35 -37.98 -43.27 27.05
N PRO A 36 -37.51 -43.63 25.84
CA PRO A 36 -36.24 -44.37 25.66
C PRO A 36 -35.04 -43.65 26.30
N THR A 37 -34.19 -44.43 26.97
CA THR A 37 -33.10 -43.84 27.72
C THR A 37 -31.75 -44.51 27.47
N LEU A 38 -30.76 -43.70 27.09
CA LEU A 38 -29.42 -44.20 26.94
C LEU A 38 -28.57 -43.95 28.19
N TYR A 39 -27.67 -44.89 28.49
CA TYR A 39 -26.78 -44.74 29.63
C TYR A 39 -25.33 -44.89 29.19
N PHE A 40 -24.55 -43.85 29.43
CA PHE A 40 -23.12 -43.86 29.22
C PHE A 40 -22.50 -44.13 30.58
N PRO A 41 -21.89 -45.29 30.74
CA PRO A 41 -21.23 -45.63 32.00
C PRO A 41 -19.89 -44.92 32.14
N GLU A 42 -19.28 -45.09 33.30
CA GLU A 42 -17.94 -44.57 33.54
C GLU A 42 -16.91 -45.24 32.63
N PRO A 43 -15.82 -44.55 32.35
CA PRO A 43 -14.80 -45.10 31.44
C PRO A 43 -13.85 -46.07 32.16
N MET A 44 -14.43 -47.03 32.88
CA MET A 44 -13.66 -47.98 33.67
C MET A 44 -12.52 -48.65 32.88
N ALA A 45 -12.83 -49.22 31.72
CA ALA A 45 -11.80 -49.85 30.91
C ALA A 45 -10.65 -48.89 30.60
N TYR A 46 -10.98 -47.65 30.23
CA TYR A 46 -9.98 -46.64 29.91
C TYR A 46 -8.98 -46.44 31.06
N TRP A 47 -9.50 -46.37 32.28
CA TRP A 47 -8.71 -46.13 33.48
C TRP A 47 -7.87 -47.33 33.93
N ARG A 48 -8.40 -48.54 33.75
CA ARG A 48 -7.82 -49.72 34.39
C ARG A 48 -7.23 -50.72 33.42
N THR A 49 -7.82 -50.81 32.24
CA THR A 49 -7.63 -51.96 31.38
C THR A 49 -6.83 -51.69 30.08
N LEU A 50 -7.09 -50.56 29.42
CA LEU A 50 -6.58 -50.32 28.06
C LEU A 50 -5.11 -49.96 27.95
N PHE A 51 -4.49 -49.61 29.07
CA PHE A 51 -3.11 -49.18 29.08
C PHE A 51 -2.37 -49.88 30.22
N GLU A 52 -1.03 -49.86 30.18
CA GLU A 52 -0.20 -50.59 31.14
C GLU A 52 -0.48 -50.25 32.62
N THR A 53 -0.84 -48.99 32.91
CA THR A 53 -1.10 -48.55 34.28
C THR A 53 -2.61 -48.63 34.65
N ASP A 54 -2.88 -48.82 35.94
CA ASP A 54 -4.23 -48.74 36.50
C ASP A 54 -4.31 -47.47 37.35
N VAL A 55 -5.05 -46.48 36.86
CA VAL A 55 -5.14 -45.19 37.56
C VAL A 55 -5.85 -45.25 38.91
N ILE A 56 -6.77 -46.20 39.08
CA ILE A 56 -7.43 -46.40 40.37
C ILE A 56 -6.49 -47.11 41.35
N SER A 57 -5.80 -48.13 40.88
CA SER A 57 -4.74 -48.74 41.68
C SER A 57 -3.67 -47.70 41.98
N GLY A 58 -3.20 -47.00 40.93
CA GLY A 58 -2.17 -45.97 41.06
C GLY A 58 -2.38 -44.94 42.16
N ILE A 59 -3.47 -44.16 42.05
CA ILE A 59 -3.76 -43.10 43.02
C ILE A 59 -3.88 -43.59 44.47
N TYR A 60 -4.33 -44.84 44.64
CA TYR A 60 -4.35 -45.50 45.94
C TYR A 60 -2.93 -45.96 46.34
N ASP A 61 -2.26 -46.68 45.45
CA ASP A 61 -0.89 -47.18 45.70
C ASP A 61 0.13 -46.06 45.91
N THR A 62 -0.08 -44.91 45.25
CA THR A 62 0.75 -43.73 45.44
C THR A 62 0.62 -43.17 46.86
N GLN A 63 -0.50 -43.47 47.52
CA GLN A 63 -0.66 -43.10 48.92
C GLN A 63 0.02 -44.14 49.85
N ASN A 64 1.17 -44.63 49.41
CA ASN A 64 2.12 -45.37 50.25
C ASN A 64 3.13 -44.41 50.89
N ARG A 65 2.76 -43.14 50.95
CA ARG A 65 3.55 -42.11 51.60
C ARG A 65 3.20 -42.00 53.09
N LYS A 66 2.02 -42.51 53.46
CA LYS A 66 1.54 -42.49 54.85
C LYS A 66 2.27 -43.52 55.74
N VAL A 73 5.99 -37.60 50.80
CA VAL A 73 5.03 -36.59 51.26
C VAL A 73 5.21 -35.26 50.54
N ASP A 74 5.81 -35.33 49.35
CA ASP A 74 6.09 -34.15 48.52
C ASP A 74 6.18 -34.55 47.05
N ASP A 75 6.62 -35.78 46.82
CA ASP A 75 6.67 -36.35 45.47
C ASP A 75 5.39 -37.08 45.14
N ALA A 76 4.74 -37.65 46.16
CA ALA A 76 3.42 -38.26 46.02
C ALA A 76 2.44 -37.26 45.44
N ALA A 77 2.49 -36.03 45.94
CA ALA A 77 1.62 -34.92 45.52
C ALA A 77 1.68 -34.62 44.02
N LEU A 78 2.79 -34.98 43.38
CA LEU A 78 2.97 -34.76 41.96
C LEU A 78 2.53 -35.97 41.16
N ILE A 79 2.66 -37.16 41.74
CA ILE A 79 2.23 -38.39 41.06
C ILE A 79 0.71 -38.57 41.17
N THR A 80 0.14 -38.24 42.31
CA THR A 80 -1.32 -38.27 42.47
C THR A 80 -1.99 -37.23 41.57
N ALA A 81 -1.29 -36.12 41.31
CA ALA A 81 -1.81 -35.06 40.46
C ALA A 81 -1.78 -35.45 39.00
N HIS A 82 -0.80 -36.27 38.61
CA HIS A 82 -0.71 -36.74 37.24
C HIS A 82 -1.81 -37.75 36.94
N TYR A 83 -2.07 -38.63 37.92
CA TYR A 83 -3.12 -39.64 37.84
C TYR A 83 -4.51 -39.03 37.73
N GLN A 84 -4.73 -37.99 38.52
CA GLN A 84 -5.92 -37.17 38.39
C GLN A 84 -6.11 -36.75 36.92
N SER A 85 -5.05 -36.29 36.26
CA SER A 85 -5.14 -35.95 34.83
C SER A 85 -5.68 -37.10 34.01
N ARG A 86 -5.23 -38.32 34.32
CA ARG A 86 -5.57 -39.51 33.55
C ARG A 86 -7.02 -39.93 33.71
N PHE A 87 -7.62 -39.59 34.85
CA PHE A 87 -9.04 -39.80 35.13
C PHE A 87 -9.87 -38.98 34.15
N THR A 88 -9.36 -37.79 33.86
CA THR A 88 -10.04 -36.78 33.07
C THR A 88 -10.07 -37.12 31.59
N THR A 89 -8.96 -37.63 31.07
CA THR A 89 -8.85 -37.95 29.63
C THR A 89 -10.12 -38.51 28.96
N PRO A 90 -10.63 -39.68 29.36
CA PRO A 90 -11.80 -40.23 28.68
C PRO A 90 -13.05 -39.33 28.79
N TYR A 91 -13.10 -38.49 29.83
CA TYR A 91 -14.21 -37.55 29.97
C TYR A 91 -14.15 -36.45 28.92
N LEU A 92 -12.98 -35.87 28.70
CA LEU A 92 -12.78 -34.90 27.63
C LEU A 92 -13.07 -35.50 26.25
N ILE A 93 -12.72 -36.77 26.07
CA ILE A 93 -13.02 -37.44 24.81
C ILE A 93 -14.51 -37.65 24.59
N LEU A 94 -15.21 -38.17 25.59
CA LEU A 94 -16.67 -38.30 25.49
C LEU A 94 -17.40 -36.95 25.33
N HIS A 95 -17.00 -35.93 26.08
CA HIS A 95 -17.55 -34.57 25.94
C HIS A 95 -17.39 -34.01 24.54
N ASP A 96 -16.21 -34.14 23.95
CA ASP A 96 -15.97 -33.64 22.59
C ASP A 96 -16.81 -34.33 21.52
N HIS A 97 -17.09 -35.61 21.71
CA HIS A 97 -17.82 -36.37 20.71
C HIS A 97 -19.31 -36.03 20.80
N THR A 98 -19.86 -36.01 22.01
CA THR A 98 -21.30 -35.80 22.19
C THR A 98 -21.80 -34.36 22.05
N CYS A 99 -20.99 -33.37 22.43
CA CYS A 99 -21.40 -31.96 22.40
C CYS A 99 -21.78 -31.47 21.02
N THR A 100 -21.21 -32.13 20.00
CA THR A 100 -21.52 -31.87 18.60
C THR A 100 -22.98 -32.24 18.31
N LEU A 101 -23.44 -33.35 18.88
CA LEU A 101 -24.76 -33.92 18.55
C LEU A 101 -26.01 -33.43 19.32
N PHE A 102 -25.86 -32.73 20.44
CA PHE A 102 -27.03 -32.42 21.27
C PHE A 102 -28.02 -31.47 20.62
N GLY A 103 -27.51 -30.53 19.84
CA GLY A 103 -28.33 -29.51 19.21
C GLY A 103 -28.47 -28.29 20.09
N GLY A 104 -29.09 -27.23 19.56
CA GLY A 104 -29.29 -26.02 20.31
C GLY A 104 -30.73 -25.89 20.78
N ASN A 105 -31.20 -24.63 20.85
CA ASN A 105 -32.58 -24.32 21.23
C ASN A 105 -32.93 -24.80 22.63
N SER A 106 -32.03 -24.56 23.59
CA SER A 106 -32.25 -24.97 24.96
C SER A 106 -33.50 -24.30 25.57
N LEU A 107 -34.33 -25.11 26.20
CA LEU A 107 -35.58 -24.65 26.80
C LEU A 107 -36.15 -25.65 27.79
N GLN A 108 -36.75 -25.16 28.86
CA GLN A 108 -37.48 -26.02 29.78
C GLN A 108 -38.93 -26.11 29.32
N ARG A 109 -39.19 -27.15 28.53
CA ARG A 109 -40.42 -27.32 27.76
C ARG A 109 -41.47 -28.07 28.58
N GLY A 110 -41.01 -28.76 29.61
CA GLY A 110 -41.88 -29.46 30.53
C GLY A 110 -42.60 -30.67 29.98
N THR A 111 -42.09 -31.25 28.89
CA THR A 111 -42.65 -32.46 28.30
C THR A 111 -41.67 -33.63 28.42
N GLN A 112 -42.16 -34.82 28.08
CA GLN A 112 -41.32 -35.99 27.99
C GLN A 112 -40.59 -35.94 26.65
N PRO A 113 -39.26 -35.98 26.67
CA PRO A 113 -38.47 -35.83 25.44
C PRO A 113 -38.46 -37.13 24.61
N ASP A 114 -38.16 -37.01 23.32
CA ASP A 114 -38.05 -38.19 22.45
C ASP A 114 -36.87 -39.08 22.83
N LEU A 115 -35.88 -38.53 23.55
CA LEU A 115 -34.71 -39.27 23.97
C LEU A 115 -34.07 -38.64 25.19
N THR A 116 -33.74 -39.46 26.19
CA THR A 116 -33.00 -38.97 27.35
C THR A 116 -31.66 -39.68 27.55
N LEU A 117 -30.60 -38.89 27.71
CA LEU A 117 -29.25 -39.40 27.89
C LEU A 117 -28.77 -39.32 29.35
N VAL A 118 -28.41 -40.46 29.93
CA VAL A 118 -27.84 -40.46 31.27
C VAL A 118 -26.35 -40.75 31.23
N PHE A 119 -25.57 -39.75 31.67
CA PHE A 119 -24.11 -39.86 31.73
C PHE A 119 -23.70 -40.11 33.17
N ASP A 120 -22.78 -41.07 33.37
CA ASP A 120 -22.18 -41.28 34.66
C ASP A 120 -21.07 -40.25 34.84
N ARG A 121 -21.37 -39.21 35.61
CA ARG A 121 -20.43 -38.14 35.89
C ARG A 121 -20.23 -37.19 34.71
N HIS A 122 -19.87 -35.96 35.08
CA HIS A 122 -19.58 -34.87 34.17
C HIS A 122 -18.08 -34.61 34.29
N PRO A 123 -17.42 -34.12 33.24
CA PRO A 123 -16.06 -33.60 33.36
C PRO A 123 -15.73 -32.82 34.64
N VAL A 124 -16.72 -32.19 35.27
CA VAL A 124 -16.50 -31.38 36.48
C VAL A 124 -15.96 -32.20 37.68
N ALA A 125 -16.27 -33.48 37.72
CA ALA A 125 -15.81 -34.37 38.77
C ALA A 125 -14.29 -34.50 38.76
N SER A 126 -13.75 -34.87 37.61
CA SER A 126 -12.33 -35.16 37.51
C SER A 126 -11.46 -33.93 37.34
N THR A 127 -11.99 -32.85 36.78
CA THR A 127 -11.20 -31.64 36.56
C THR A 127 -11.36 -30.63 37.67
N VAL A 128 -12.51 -30.67 38.37
CA VAL A 128 -12.76 -29.74 39.48
C VAL A 128 -12.94 -30.41 40.86
N CYS A 129 -13.91 -31.31 40.99
CA CYS A 129 -14.33 -31.78 42.31
C CYS A 129 -13.31 -32.63 43.07
N PHE A 130 -12.78 -33.66 42.42
CA PHE A 130 -11.74 -34.50 42.99
C PHE A 130 -10.41 -33.78 43.14
N PRO A 131 -9.98 -33.04 42.13
CA PRO A 131 -8.80 -32.19 42.26
C PRO A 131 -9.24 -30.74 42.43
N ALA A 132 -9.09 -29.99 41.32
CA ALA A 132 -9.31 -28.53 41.19
C ALA A 132 -9.40 -27.84 42.53
N ALA A 133 -8.23 -27.39 42.97
CA ALA A 133 -8.05 -27.12 44.38
C ALA A 133 -8.59 -28.28 45.33
N ARG A 134 -8.24 -29.55 45.03
CA ARG A 134 -8.29 -30.64 46.05
C ARG A 134 -7.01 -30.50 46.87
N TYR A 135 -6.46 -29.31 46.79
CA TYR A 135 -5.36 -28.97 47.62
C TYR A 135 -5.85 -29.05 49.09
N LEU A 136 -7.11 -29.41 49.25
CA LEU A 136 -7.81 -29.32 50.53
C LEU A 136 -7.26 -30.25 51.63
N LEU A 137 -7.16 -31.54 51.32
CA LEU A 137 -6.53 -32.51 52.22
C LEU A 137 -4.99 -32.37 52.28
N GLY A 138 -4.44 -31.46 51.49
CA GLY A 138 -3.01 -31.25 51.42
C GLY A 138 -2.27 -32.33 50.64
N ASP A 139 -3.01 -33.03 49.77
CA ASP A 139 -2.47 -34.09 48.93
C ASP A 139 -2.10 -33.59 47.54
N MET A 140 -2.34 -32.30 47.30
CA MET A 140 -2.17 -31.71 45.98
C MET A 140 -2.08 -30.21 46.16
N SER A 141 -1.34 -29.52 45.31
CA SER A 141 -1.11 -28.08 45.52
C SER A 141 -1.98 -27.18 44.65
N MET A 142 -2.10 -25.92 45.05
CA MET A 142 -2.89 -24.93 44.31
C MET A 142 -2.46 -24.85 42.85
N CYS A 143 -1.17 -25.01 42.60
CA CYS A 143 -0.63 -25.00 41.26
C CYS A 143 -1.19 -26.17 40.45
N ALA A 144 -0.97 -27.39 40.97
CA ALA A 144 -1.49 -28.63 40.38
C ALA A 144 -2.99 -28.56 40.19
N LEU A 145 -3.61 -27.68 40.97
CA LEU A 145 -5.04 -27.47 40.95
C LEU A 145 -5.56 -26.65 39.82
N MET A 146 -4.95 -25.47 39.70
CA MET A 146 -5.16 -24.57 38.58
C MET A 146 -4.94 -25.34 37.32
N ALA A 147 -4.00 -26.29 37.35
CA ALA A 147 -3.72 -27.11 36.19
C ALA A 147 -4.94 -27.91 35.77
N MET A 148 -5.51 -28.70 36.67
CA MET A 148 -6.75 -29.42 36.35
C MET A 148 -7.94 -28.53 36.01
N VAL A 149 -8.16 -27.48 36.81
CA VAL A 149 -9.36 -26.61 36.65
C VAL A 149 -9.41 -26.01 35.27
N ALA A 150 -8.25 -25.63 34.76
CA ALA A 150 -8.16 -25.04 33.42
C ALA A 150 -8.66 -25.97 32.30
N THR A 151 -8.64 -27.27 32.54
CA THR A 151 -8.96 -28.27 31.50
C THR A 151 -10.42 -28.64 31.48
N LEU A 152 -11.18 -28.14 32.46
CA LEU A 152 -12.63 -28.24 32.43
C LEU A 152 -13.19 -27.70 31.10
N PRO A 153 -13.86 -28.56 30.32
CA PRO A 153 -14.52 -28.11 29.09
C PRO A 153 -15.76 -27.23 29.35
N ARG A 154 -16.04 -26.33 28.41
CA ARG A 154 -17.24 -25.50 28.43
C ARG A 154 -18.51 -26.31 28.14
N GLU A 155 -19.49 -26.23 29.04
CA GLU A 155 -20.75 -26.91 28.81
C GLU A 155 -21.58 -26.08 27.85
N PRO A 156 -21.96 -26.67 26.71
CA PRO A 156 -22.88 -26.02 25.77
C PRO A 156 -24.28 -25.96 26.35
N GLN A 157 -25.15 -25.18 25.73
CA GLN A 157 -26.50 -24.98 26.23
C GLN A 157 -27.27 -26.29 26.46
N GLY A 158 -28.17 -26.27 27.43
CA GLY A 158 -29.04 -27.40 27.69
C GLY A 158 -28.55 -28.50 28.61
N GLY A 159 -27.42 -28.33 29.30
CA GLY A 159 -26.91 -29.36 30.19
C GLY A 159 -27.66 -29.46 31.50
N ASN A 160 -27.77 -30.67 32.06
CA ASN A 160 -28.42 -30.84 33.37
C ASN A 160 -27.56 -31.69 34.30
N ILE A 161 -27.29 -31.18 35.50
CA ILE A 161 -26.50 -31.94 36.45
C ILE A 161 -27.34 -32.32 37.68
N VAL A 162 -27.30 -33.58 38.06
CA VAL A 162 -28.01 -34.08 39.25
C VAL A 162 -27.02 -34.60 40.28
N VAL A 163 -26.84 -33.88 41.38
CA VAL A 163 -25.90 -34.30 42.43
C VAL A 163 -26.65 -35.20 43.41
N THR A 164 -26.09 -36.38 43.63
CA THR A 164 -26.74 -37.36 44.45
C THR A 164 -26.33 -37.05 45.87
N THR A 165 -27.30 -37.04 46.78
CA THR A 165 -27.02 -36.80 48.19
C THR A 165 -27.47 -38.02 48.94
N LEU A 166 -26.82 -38.28 50.06
CA LEU A 166 -27.18 -39.39 50.95
C LEU A 166 -26.73 -39.07 52.36
N ASN A 167 -27.62 -39.30 53.32
CA ASN A 167 -27.29 -39.17 54.73
C ASN A 167 -26.03 -40.01 55.00
N VAL A 168 -25.10 -39.45 55.77
CA VAL A 168 -23.76 -40.01 55.97
C VAL A 168 -23.75 -41.44 56.56
N GLU A 169 -24.63 -41.69 57.52
CA GLU A 169 -24.81 -43.04 58.05
C GLU A 169 -25.01 -44.08 56.94
N GLU A 170 -25.97 -43.85 56.05
CA GLU A 170 -26.26 -44.82 54.97
C GLU A 170 -25.15 -44.89 53.89
N HIS A 171 -24.47 -43.77 53.67
CA HIS A 171 -23.31 -43.71 52.79
C HIS A 171 -22.16 -44.59 53.31
N ILE A 172 -21.77 -44.36 54.57
CA ILE A 172 -20.70 -45.12 55.22
C ILE A 172 -21.03 -46.60 55.29
N ARG A 173 -22.29 -46.91 55.61
CA ARG A 173 -22.80 -48.28 55.58
C ARG A 173 -22.58 -48.88 54.19
N ARG A 174 -23.04 -48.18 53.16
CA ARG A 174 -22.91 -48.69 51.79
C ARG A 174 -21.46 -48.99 51.43
N LEU A 175 -20.55 -48.07 51.75
CA LEU A 175 -19.12 -48.23 51.46
C LEU A 175 -18.49 -49.40 52.22
N ARG A 176 -18.98 -49.62 53.45
CA ARG A 176 -18.52 -50.70 54.32
C ARG A 176 -19.01 -52.06 53.81
N THR A 177 -20.28 -52.13 53.45
CA THR A 177 -20.89 -53.35 52.91
C THR A 177 -20.48 -53.54 51.45
N ARG A 178 -19.18 -53.47 51.19
CA ARG A 178 -18.61 -53.43 49.85
C ARG A 178 -17.10 -53.62 49.94
N ALA A 179 -16.57 -53.50 51.17
CA ALA A 179 -15.14 -53.68 51.44
C ALA A 179 -14.89 -55.09 51.97
N ARG A 180 -13.66 -55.58 51.79
CA ARG A 180 -13.27 -56.95 52.18
C ARG A 180 -12.41 -56.99 53.43
N ILE A 181 -11.90 -58.20 53.72
CA ILE A 181 -11.21 -58.53 54.99
C ILE A 181 -10.41 -57.40 55.63
N GLY A 182 -9.32 -56.98 54.97
CA GLY A 182 -8.47 -55.91 55.46
C GLY A 182 -8.44 -54.74 54.49
N GLU A 183 -9.54 -54.00 54.42
CA GLU A 183 -9.64 -52.81 53.58
C GLU A 183 -9.80 -51.56 54.42
N GLN A 184 -9.66 -50.41 53.77
CA GLN A 184 -9.95 -49.14 54.38
C GLN A 184 -10.93 -48.39 53.50
N ILE A 185 -11.58 -47.38 54.07
CA ILE A 185 -12.34 -46.38 53.35
C ILE A 185 -11.65 -45.09 53.70
N ASP A 186 -11.29 -44.28 52.71
CA ASP A 186 -10.74 -42.95 52.98
C ASP A 186 -11.91 -42.05 53.40
N ILE A 187 -12.29 -42.17 54.67
CA ILE A 187 -13.45 -41.47 55.22
C ILE A 187 -13.25 -39.97 55.18
N THR A 188 -12.00 -39.55 55.40
CA THR A 188 -11.66 -38.14 55.40
C THR A 188 -11.73 -37.58 53.98
N LEU A 189 -11.43 -38.41 52.98
CA LEU A 189 -11.62 -38.01 51.58
C LEU A 189 -13.12 -37.93 51.27
N ILE A 190 -13.87 -38.96 51.69
CA ILE A 190 -15.32 -39.01 51.52
C ILE A 190 -16.00 -37.78 52.11
N ALA A 191 -15.55 -37.36 53.29
CA ALA A 191 -16.15 -36.17 53.91
C ALA A 191 -15.86 -34.90 53.12
N THR A 192 -14.60 -34.76 52.66
CA THR A 192 -14.19 -33.62 51.86
C THR A 192 -15.00 -33.57 50.55
N LEU A 193 -15.07 -34.70 49.86
CA LEU A 193 -15.79 -34.78 48.60
C LEU A 193 -17.25 -34.38 48.78
N ARG A 194 -17.85 -34.77 49.90
CA ARG A 194 -19.23 -34.41 50.20
C ARG A 194 -19.36 -32.89 50.40
N ASN A 195 -18.30 -32.25 50.89
CA ASN A 195 -18.31 -30.80 51.04
C ASN A 195 -18.10 -30.07 49.71
N VAL A 196 -17.21 -30.62 48.89
CA VAL A 196 -16.86 -30.03 47.60
C VAL A 196 -18.06 -30.11 46.66
N TYR A 197 -18.79 -31.21 46.71
CA TYR A 197 -19.99 -31.34 45.86
C TYR A 197 -21.17 -30.46 46.27
N PHE A 198 -21.22 -30.09 47.56
CA PHE A 198 -22.21 -29.12 48.05
C PHE A 198 -21.80 -27.74 47.53
N MET A 199 -20.51 -27.44 47.63
CA MET A 199 -19.95 -26.22 47.06
C MET A 199 -20.27 -26.16 45.57
N LEU A 200 -20.19 -27.30 44.86
CA LEU A 200 -20.55 -27.32 43.43
C LEU A 200 -22.02 -26.96 43.20
N VAL A 201 -22.92 -27.64 43.91
CA VAL A 201 -24.33 -27.30 43.89
C VAL A 201 -24.52 -25.80 44.16
N ASN A 202 -23.90 -25.30 45.24
CA ASN A 202 -24.09 -23.92 45.63
C ASN A 202 -23.57 -22.96 44.56
N THR A 203 -22.41 -23.30 43.96
CA THR A 203 -21.85 -22.47 42.89
C THR A 203 -22.84 -22.24 41.73
N CYS A 204 -23.50 -23.31 41.28
CA CYS A 204 -24.51 -23.20 40.23
C CYS A 204 -25.74 -22.37 40.61
N HIS A 205 -26.19 -22.50 41.87
CA HIS A 205 -27.32 -21.71 42.39
C HIS A 205 -26.96 -20.24 42.41
N PHE A 206 -25.70 -19.99 42.74
CA PHE A 206 -25.13 -18.65 42.90
C PHE A 206 -25.04 -17.99 41.51
N LEU A 207 -24.52 -18.72 40.52
CA LEU A 207 -24.46 -18.22 39.17
C LEU A 207 -25.86 -18.07 38.57
N ARG A 208 -26.74 -19.02 38.84
CA ARG A 208 -28.14 -18.91 38.45
C ARG A 208 -28.82 -17.70 39.12
N SER A 209 -28.53 -17.47 40.40
CA SER A 209 -29.02 -16.27 41.11
C SER A 209 -28.63 -14.94 40.44
N GLY A 210 -27.80 -14.98 39.41
CA GLY A 210 -27.38 -13.78 38.71
C GLY A 210 -26.05 -13.20 39.14
N ARG A 211 -25.58 -13.56 40.33
CA ARG A 211 -24.32 -13.04 40.87
C ARG A 211 -23.10 -13.64 40.19
N VAL A 212 -21.94 -13.05 40.48
CA VAL A 212 -20.63 -13.38 39.91
C VAL A 212 -19.61 -13.48 41.04
N TRP A 213 -18.52 -14.20 40.80
CA TRP A 213 -17.54 -14.43 41.86
C TRP A 213 -17.00 -13.17 42.54
N ARG A 214 -17.06 -12.03 41.84
CA ARG A 214 -16.60 -10.75 42.40
C ARG A 214 -17.56 -10.17 43.47
N ASP A 215 -18.85 -10.49 43.36
CA ASP A 215 -19.88 -10.05 44.31
C ASP A 215 -19.70 -10.67 45.69
N GLY A 216 -18.97 -9.98 46.57
CA GLY A 216 -18.72 -10.47 47.92
C GLY A 216 -17.24 -10.70 48.19
N TRP A 217 -16.43 -10.53 47.14
CA TRP A 217 -15.03 -10.99 47.14
C TRP A 217 -14.14 -10.25 48.13
N GLY A 218 -14.16 -8.92 48.04
CA GLY A 218 -13.47 -8.07 49.00
C GLY A 218 -13.88 -8.34 50.43
N GLU A 219 -15.20 -8.48 50.66
CA GLU A 219 -15.78 -8.70 51.99
C GLU A 219 -15.79 -10.18 52.41
N LEU A 220 -14.87 -10.96 51.85
CA LEU A 220 -14.72 -12.37 52.20
C LEU A 220 -13.36 -12.54 52.83
N PRO A 221 -13.31 -13.22 53.99
CA PRO A 221 -12.05 -13.49 54.67
C PRO A 221 -11.08 -14.28 53.77
N THR A 222 -9.78 -14.03 53.91
CA THR A 222 -8.81 -14.78 53.12
C THR A 222 -8.77 -16.22 53.62
N SER A 223 -9.40 -17.09 52.86
CA SER A 223 -9.30 -18.53 53.05
C SER A 223 -7.84 -18.98 53.08
N CYS A 224 -7.26 -19.12 54.27
CA CYS A 224 -5.89 -19.61 54.39
C CYS A 224 -5.65 -20.44 55.64
N GLY A 225 -5.56 -21.77 55.47
CA GLY A 225 -5.25 -22.68 56.55
C GLY A 225 -6.47 -23.15 57.35
N ALA A 226 -7.20 -22.20 57.92
CA ALA A 226 -8.43 -22.52 58.66
C ALA A 226 -9.53 -23.04 57.73
N TYR A 227 -9.72 -22.40 56.59
CA TYR A 227 -10.76 -22.76 55.62
C TYR A 227 -10.59 -24.21 55.10
N LYS A 228 -9.36 -24.61 54.81
CA LYS A 228 -9.06 -25.97 54.37
C LYS A 228 -9.50 -27.01 55.43
N HIS A 229 -9.10 -26.79 56.68
CA HIS A 229 -9.49 -27.69 57.78
C HIS A 229 -10.99 -27.83 57.94
N ARG A 230 -11.71 -26.71 57.85
CA ARG A 230 -13.17 -26.72 57.92
C ARG A 230 -13.79 -27.55 56.76
N ALA A 231 -13.17 -27.46 55.58
CA ALA A 231 -13.69 -28.13 54.39
C ALA A 231 -13.51 -29.66 54.39
N THR A 232 -12.79 -30.19 55.39
CA THR A 232 -12.63 -31.63 55.55
C THR A 232 -13.50 -32.26 56.66
N GLN A 233 -14.33 -31.47 57.34
CA GLN A 233 -15.19 -32.00 58.40
C GLN A 233 -16.51 -32.50 57.84
N MET A 234 -16.98 -33.62 58.37
CA MET A 234 -18.26 -34.17 57.95
C MET A 234 -19.39 -33.18 58.22
N ASP A 235 -20.26 -33.01 57.22
CA ASP A 235 -21.38 -32.06 57.25
C ASP A 235 -20.98 -30.59 57.55
N ALA A 236 -19.80 -30.18 57.11
CA ALA A 236 -19.38 -28.78 57.24
C ALA A 236 -20.10 -27.84 56.28
N PHE A 237 -20.57 -28.36 55.15
CA PHE A 237 -21.34 -27.59 54.17
C PHE A 237 -22.67 -28.27 53.88
N GLN A 238 -23.60 -27.51 53.32
CA GLN A 238 -24.91 -28.02 52.93
C GLN A 238 -25.42 -27.31 51.66
N GLU A 239 -26.54 -27.80 51.11
CA GLU A 239 -27.18 -27.14 49.98
C GLU A 239 -28.01 -25.95 50.41
N ARG A 240 -27.79 -24.80 49.77
CA ARG A 240 -28.53 -23.57 50.04
C ARG A 240 -29.00 -22.93 48.72
N VAL A 241 -30.26 -22.52 48.66
CA VAL A 241 -30.80 -21.89 47.44
C VAL A 241 -30.20 -20.49 47.22
N SER A 242 -30.05 -19.73 48.31
CA SER A 242 -29.37 -18.43 48.28
C SER A 242 -28.06 -18.45 49.09
N PRO A 243 -27.00 -18.99 48.51
CA PRO A 243 -25.74 -19.15 49.26
C PRO A 243 -24.89 -17.90 49.29
N GLU A 244 -24.09 -17.79 50.35
CA GLU A 244 -23.07 -16.76 50.45
C GLU A 244 -21.89 -17.17 49.54
N LEU A 245 -21.03 -16.21 49.18
CA LEU A 245 -19.84 -16.50 48.40
C LEU A 245 -19.01 -17.62 49.03
N GLY A 246 -18.95 -17.62 50.36
CA GLY A 246 -18.21 -18.60 51.13
C GLY A 246 -18.76 -20.01 51.08
N ASP A 247 -19.96 -20.19 50.54
CA ASP A 247 -20.56 -21.50 50.36
C ASP A 247 -20.20 -22.12 48.99
N THR A 248 -19.41 -21.41 48.17
CA THR A 248 -19.15 -21.83 46.80
C THR A 248 -17.71 -22.31 46.57
N LEU A 249 -17.43 -22.84 45.39
CA LEU A 249 -16.07 -23.19 44.99
C LEU A 249 -15.16 -21.96 44.79
N PHE A 250 -15.75 -20.77 44.58
CA PHE A 250 -14.96 -19.55 44.35
C PHE A 250 -14.12 -19.14 45.56
N ALA A 251 -14.66 -19.45 46.75
CA ALA A 251 -14.09 -19.01 48.02
C ALA A 251 -12.72 -19.62 48.31
N LEU A 252 -12.48 -20.82 47.79
CA LEU A 252 -11.20 -21.50 48.08
C LEU A 252 -9.99 -20.87 47.37
N PHE A 253 -10.24 -20.02 46.37
CA PHE A 253 -9.17 -19.40 45.60
C PHE A 253 -8.67 -18.08 46.20
N LYS A 254 -9.34 -17.58 47.24
CA LYS A 254 -8.80 -16.42 47.95
C LYS A 254 -7.77 -16.92 48.95
N THR A 255 -6.57 -17.15 48.45
CA THR A 255 -5.47 -17.70 49.24
C THR A 255 -4.25 -16.83 49.01
N GLN A 256 -3.32 -16.80 49.95
CA GLN A 256 -2.16 -15.92 49.82
C GLN A 256 -1.41 -16.24 48.54
N GLU A 257 -1.37 -17.53 48.19
CA GLU A 257 -0.65 -18.00 47.01
C GLU A 257 -1.08 -17.35 45.69
N LEU A 258 -2.26 -16.75 45.65
CA LEU A 258 -2.81 -16.19 44.41
C LEU A 258 -2.91 -14.66 44.41
N LEU A 259 -2.50 -14.03 45.51
CA LEU A 259 -2.58 -12.58 45.63
C LEU A 259 -1.21 -11.93 45.49
N ASP A 260 -1.19 -10.63 45.23
CA ASP A 260 0.06 -9.87 45.22
C ASP A 260 0.33 -9.31 46.62
N ASP A 261 1.34 -8.46 46.74
CA ASP A 261 1.71 -7.86 48.03
C ASP A 261 0.50 -7.20 48.72
N ARG A 262 -0.18 -6.29 47.99
CA ARG A 262 -1.30 -5.53 48.55
C ARG A 262 -2.62 -6.33 48.71
N GLY A 263 -2.53 -7.66 48.58
CA GLY A 263 -3.66 -8.55 48.81
C GLY A 263 -4.73 -8.68 47.74
N VAL A 264 -4.50 -8.08 46.57
CA VAL A 264 -5.43 -8.19 45.44
C VAL A 264 -5.04 -9.39 44.57
N ILE A 265 -6.03 -10.14 44.10
CA ILE A 265 -5.77 -11.29 43.25
C ILE A 265 -5.17 -10.80 41.92
N LEU A 266 -4.10 -11.48 41.48
CA LEU A 266 -3.50 -11.22 40.18
C LEU A 266 -4.57 -11.38 39.11
N GLU A 267 -4.49 -10.59 38.05
CA GLU A 267 -5.48 -10.66 36.96
C GLU A 267 -5.52 -12.03 36.25
N VAL A 268 -4.36 -12.67 36.08
CA VAL A 268 -4.33 -13.94 35.39
C VAL A 268 -5.11 -15.00 36.16
N HIS A 269 -5.14 -14.87 37.49
CA HIS A 269 -5.87 -15.81 38.36
C HIS A 269 -7.34 -15.49 38.35
N ALA A 270 -7.65 -14.20 38.30
CA ALA A 270 -9.01 -13.73 38.07
C ALA A 270 -9.61 -14.32 36.79
N TRP A 271 -8.83 -14.30 35.70
CA TRP A 271 -9.25 -14.89 34.43
C TRP A 271 -9.64 -16.35 34.59
N ALA A 272 -8.92 -17.07 35.46
CA ALA A 272 -9.20 -18.48 35.72
C ALA A 272 -10.55 -18.66 36.39
N LEU A 273 -10.87 -17.77 37.32
CA LEU A 273 -12.19 -17.72 37.90
C LEU A 273 -13.30 -17.36 36.89
N ASP A 274 -13.03 -16.43 35.99
CA ASP A 274 -14.03 -16.17 34.93
C ASP A 274 -14.29 -17.41 34.09
N ALA A 275 -13.23 -18.11 33.67
CA ALA A 275 -13.37 -19.32 32.86
C ALA A 275 -14.25 -20.31 33.59
N LEU A 276 -13.87 -20.63 34.83
CA LEU A 276 -14.63 -21.57 35.65
C LEU A 276 -16.10 -21.16 35.72
N MET A 277 -16.32 -19.88 35.98
CA MET A 277 -17.64 -19.25 36.00
C MET A 277 -18.39 -19.49 34.70
N LEU A 278 -17.81 -19.05 33.59
CA LEU A 278 -18.42 -19.20 32.29
C LEU A 278 -18.70 -20.67 31.92
N LYS A 279 -17.81 -21.57 32.32
CA LYS A 279 -17.92 -22.96 31.90
C LYS A 279 -19.02 -23.71 32.63
N LEU A 280 -19.48 -23.12 33.72
CA LEU A 280 -20.51 -23.73 34.55
C LEU A 280 -21.89 -23.15 34.26
N ARG A 281 -21.94 -22.00 33.58
CA ARG A 281 -23.18 -21.29 33.23
C ARG A 281 -24.35 -22.15 32.79
N ASN A 282 -24.15 -22.97 31.76
CA ASN A 282 -25.22 -23.78 31.16
C ASN A 282 -25.50 -25.10 31.88
N LEU A 283 -25.05 -25.21 33.13
CA LEU A 283 -25.32 -26.39 33.93
C LEU A 283 -26.47 -26.10 34.87
N ASN A 284 -27.60 -26.67 34.52
CA ASN A 284 -28.80 -26.64 35.34
C ASN A 284 -28.66 -27.70 36.41
N VAL A 285 -28.58 -27.26 37.68
CA VAL A 285 -28.29 -28.16 38.81
C VAL A 285 -29.50 -28.63 39.58
N PHE A 286 -29.47 -29.91 39.96
CA PHE A 286 -30.53 -30.53 40.74
C PHE A 286 -29.93 -31.44 41.79
N SER A 287 -30.72 -31.76 42.79
CA SER A 287 -30.31 -32.70 43.82
C SER A 287 -31.28 -33.87 43.91
N ALA A 288 -30.81 -34.97 44.47
CA ALA A 288 -31.61 -36.17 44.54
C ALA A 288 -31.11 -37.02 45.68
N ASP A 289 -32.06 -37.46 46.50
CA ASP A 289 -31.75 -38.24 47.68
C ASP A 289 -31.83 -39.70 47.26
N LEU A 290 -30.76 -40.44 47.52
CA LEU A 290 -30.66 -41.83 47.10
C LEU A 290 -30.83 -42.84 48.23
N SER A 291 -31.72 -42.53 49.19
CA SER A 291 -31.98 -43.37 50.35
C SER A 291 -32.65 -44.69 49.98
N GLY A 292 -33.52 -44.65 48.98
CA GLY A 292 -34.36 -45.78 48.64
C GLY A 292 -33.68 -46.93 47.91
N THR A 293 -34.52 -47.82 47.39
CA THR A 293 -34.05 -48.96 46.62
C THR A 293 -33.50 -48.42 45.31
N PRO A 294 -32.73 -49.22 44.58
CA PRO A 294 -32.32 -48.81 43.23
C PRO A 294 -33.50 -48.33 42.40
N ARG A 295 -34.61 -49.05 42.36
CA ARG A 295 -35.76 -48.63 41.55
C ARG A 295 -36.42 -47.33 42.02
N GLN A 296 -36.41 -47.08 43.33
CA GLN A 296 -36.92 -45.82 43.87
C GLN A 296 -36.01 -44.63 43.53
N CYS A 297 -34.71 -44.85 43.59
CA CYS A 297 -33.74 -43.79 43.29
C CYS A 297 -33.91 -43.32 41.86
N ALA A 298 -34.06 -44.29 40.96
CA ALA A 298 -34.28 -44.00 39.55
C ALA A 298 -35.57 -43.21 39.40
N ALA A 299 -36.61 -43.62 40.13
CA ALA A 299 -37.89 -42.90 40.11
C ALA A 299 -37.74 -41.45 40.59
N VAL A 300 -36.96 -41.23 41.64
CA VAL A 300 -36.66 -39.89 42.12
C VAL A 300 -36.04 -39.05 40.99
N VAL A 301 -35.00 -39.58 40.35
CA VAL A 301 -34.33 -38.88 39.25
C VAL A 301 -35.26 -38.69 38.05
N GLU A 302 -36.03 -39.71 37.71
CA GLU A 302 -36.99 -39.62 36.61
C GLU A 302 -38.01 -38.50 36.86
N SER A 303 -38.35 -38.30 38.13
CA SER A 303 -39.32 -37.29 38.52
C SER A 303 -38.89 -35.83 38.21
N LEU A 304 -37.59 -35.57 38.10
CA LEU A 304 -37.07 -34.25 37.78
C LEU A 304 -37.08 -33.94 36.29
N LEU A 305 -37.28 -34.96 35.46
CA LEU A 305 -37.30 -34.81 34.00
C LEU A 305 -38.05 -33.56 33.48
N PRO A 306 -39.31 -33.35 33.87
CA PRO A 306 -40.09 -32.23 33.32
C PRO A 306 -39.64 -30.86 33.81
N LEU A 307 -38.68 -30.80 34.73
CA LEU A 307 -38.07 -29.54 35.15
C LEU A 307 -36.76 -29.21 34.38
N MET A 308 -36.28 -30.15 33.57
CA MET A 308 -34.95 -30.06 32.97
C MET A 308 -34.92 -29.37 31.60
N SER A 309 -33.75 -28.90 31.20
CA SER A 309 -33.58 -28.39 29.87
C SER A 309 -33.63 -29.49 28.82
N SER A 310 -34.18 -29.15 27.67
CA SER A 310 -34.17 -30.01 26.50
C SER A 310 -33.66 -29.23 25.29
N THR A 311 -32.88 -29.91 24.46
CA THR A 311 -32.40 -29.34 23.21
C THR A 311 -33.11 -29.99 22.03
N LEU A 312 -33.03 -29.30 20.88
CA LEU A 312 -33.57 -29.83 19.64
C LEU A 312 -32.44 -30.31 18.72
N SER A 313 -32.44 -31.62 18.46
CA SER A 313 -31.45 -32.25 17.61
C SER A 313 -32.10 -32.80 16.34
N ASP A 314 -31.30 -33.17 15.34
CA ASP A 314 -31.86 -33.84 14.17
C ASP A 314 -31.84 -35.37 14.31
N PHE A 315 -32.56 -36.06 13.42
CA PHE A 315 -32.62 -37.51 13.43
C PHE A 315 -31.24 -38.17 13.34
N ASP A 316 -30.38 -37.59 12.51
CA ASP A 316 -29.04 -38.14 12.27
C ASP A 316 -28.14 -38.05 13.50
N SER A 317 -28.25 -36.95 14.24
CA SER A 317 -27.47 -36.74 15.46
C SER A 317 -27.95 -37.64 16.62
N ALA A 318 -29.26 -37.80 16.78
CA ALA A 318 -29.79 -38.70 17.82
C ALA A 318 -29.46 -40.17 17.52
N SER A 319 -29.35 -40.52 16.25
CA SER A 319 -28.89 -41.86 15.91
C SER A 319 -27.41 -42.00 16.27
N ALA A 320 -26.63 -40.95 16.01
CA ALA A 320 -25.21 -40.93 16.34
C ALA A 320 -24.99 -41.09 17.86
N LEU A 321 -25.83 -40.45 18.66
CA LEU A 321 -25.82 -40.59 20.12
C LEU A 321 -26.18 -41.99 20.58
N GLU A 322 -27.15 -42.61 19.90
CA GLU A 322 -27.52 -44.02 20.16
C GLU A 322 -26.39 -44.98 19.83
N ARG A 323 -25.67 -44.69 18.73
CA ARG A 323 -24.46 -45.42 18.37
C ARG A 323 -23.41 -45.22 19.43
N ALA A 324 -23.30 -43.97 19.92
CA ALA A 324 -22.30 -43.55 20.91
C ALA A 324 -22.37 -44.38 22.19
N ALA A 325 -23.59 -44.53 22.72
CA ALA A 325 -23.83 -45.34 23.93
C ALA A 325 -23.56 -46.83 23.76
N ARG A 326 -23.92 -47.40 22.62
CA ARG A 326 -23.66 -48.82 22.37
C ARG A 326 -22.15 -49.09 22.39
N THR A 327 -21.40 -48.31 21.60
CA THR A 327 -19.94 -48.31 21.56
C THR A 327 -19.32 -48.12 22.95
N PHE A 328 -19.79 -47.09 23.64
CA PHE A 328 -19.20 -46.76 24.92
C PHE A 328 -19.42 -47.86 25.97
N ASN A 329 -20.61 -48.45 25.97
CA ASN A 329 -20.89 -49.55 26.88
C ASN A 329 -20.04 -50.75 26.46
N ALA A 330 -19.80 -50.87 25.15
CA ALA A 330 -19.02 -51.99 24.61
C ALA A 330 -17.56 -51.89 24.95
N GLU A 331 -16.99 -50.69 24.85
CA GLU A 331 -15.55 -50.51 25.03
C GLU A 331 -15.11 -50.24 26.48
N MET A 332 -16.02 -49.75 27.32
CA MET A 332 -15.63 -49.26 28.65
C MET A 332 -15.89 -50.21 29.82
N GLY A 333 -16.51 -51.36 29.55
CA GLY A 333 -16.80 -52.38 30.55
C GLY A 333 -15.58 -53.07 31.13
N VAL A 334 -15.56 -53.13 32.46
CA VAL A 334 -14.55 -53.88 33.22
C VAL A 334 -13.13 -53.33 33.06
N MET B 4 -17.37 -0.77 15.25
CA MET B 4 -16.77 -2.12 14.98
C MET B 4 -15.28 -2.05 14.62
N VAL B 5 -14.56 -3.10 14.98
CA VAL B 5 -13.11 -3.14 14.92
C VAL B 5 -12.69 -4.47 14.31
N THR B 6 -11.91 -4.37 13.24
CA THR B 6 -11.38 -5.54 12.55
C THR B 6 -10.05 -5.98 13.19
N ILE B 7 -9.94 -7.28 13.45
CA ILE B 7 -8.83 -7.84 14.23
C ILE B 7 -8.21 -9.04 13.50
N VAL B 8 -6.89 -9.06 13.41
CA VAL B 8 -6.18 -10.22 12.90
C VAL B 8 -5.35 -10.73 14.05
N ARG B 9 -5.57 -11.99 14.42
CA ARG B 9 -4.78 -12.62 15.47
C ARG B 9 -3.87 -13.70 14.92
N ILE B 10 -2.63 -13.68 15.40
CA ILE B 10 -1.51 -14.53 14.95
C ILE B 10 -0.85 -15.25 16.12
N TYR B 11 -0.87 -16.58 16.11
CA TYR B 11 -0.01 -17.33 17.02
C TYR B 11 1.31 -17.67 16.32
N LEU B 12 2.42 -17.18 16.87
CA LEU B 12 3.74 -17.52 16.37
C LEU B 12 4.22 -18.75 17.11
N ASP B 13 4.60 -19.80 16.39
CA ASP B 13 5.02 -21.03 17.03
C ASP B 13 6.22 -21.65 16.31
N GLY B 14 6.77 -22.71 16.92
CA GLY B 14 7.93 -23.41 16.37
C GLY B 14 8.85 -24.00 17.42
N VAL B 15 10.00 -24.50 16.98
CA VAL B 15 11.03 -24.98 17.89
C VAL B 15 11.72 -23.79 18.57
N TYR B 16 12.07 -23.95 19.83
CA TYR B 16 12.78 -22.90 20.55
C TYR B 16 14.16 -22.60 19.96
N GLY B 17 14.60 -21.36 20.16
CA GLY B 17 15.89 -20.89 19.68
C GLY B 17 15.95 -20.51 18.20
N ILE B 18 14.79 -20.33 17.57
CA ILE B 18 14.76 -19.96 16.16
C ILE B 18 14.73 -18.43 15.98
N GLY B 19 14.08 -17.73 16.91
CA GLY B 19 13.93 -16.29 16.84
C GLY B 19 12.47 -15.83 16.91
N LYS B 20 11.68 -16.57 17.66
CA LYS B 20 10.25 -16.30 17.80
C LYS B 20 10.00 -15.00 18.52
N SER B 21 10.40 -14.95 19.78
CA SER B 21 10.12 -13.81 20.65
C SER B 21 10.65 -12.49 20.11
N THR B 22 11.88 -12.50 19.63
CA THR B 22 12.48 -11.32 19.04
C THR B 22 11.63 -10.77 17.88
N THR B 23 11.18 -11.65 17.00
CA THR B 23 10.31 -11.28 15.87
C THR B 23 8.98 -10.73 16.37
N GLY B 24 8.38 -11.38 17.36
CA GLY B 24 7.15 -10.89 17.96
C GLY B 24 7.29 -9.52 18.58
N ARG B 25 8.39 -9.28 19.31
CA ARG B 25 8.62 -8.00 19.96
C ARG B 25 8.81 -6.87 18.95
N VAL B 26 9.60 -7.14 17.90
CA VAL B 26 9.75 -6.20 16.81
C VAL B 26 8.39 -5.91 16.15
N MET B 27 7.60 -6.95 15.91
CA MET B 27 6.26 -6.80 15.32
C MET B 27 5.37 -5.90 16.18
N ALA B 28 5.54 -6.00 17.50
CA ALA B 28 4.79 -5.17 18.42
C ALA B 28 5.34 -3.74 18.48
N SER B 29 6.63 -3.59 18.20
CA SER B 29 7.34 -2.33 18.37
C SER B 29 6.58 -1.07 17.94
N ALA B 30 6.41 -0.78 16.66
CA ALA B 30 5.84 0.53 16.27
C ALA B 30 6.81 1.24 15.36
N ALA B 31 8.09 1.13 15.68
CA ALA B 31 9.13 1.34 14.68
C ALA B 31 8.93 0.42 13.46
N SER B 32 8.15 -0.66 13.65
CA SER B 32 7.93 -1.68 12.63
C SER B 32 6.74 -1.36 11.74
N GLY B 33 6.04 -0.28 12.02
CA GLY B 33 4.92 0.15 11.22
C GLY B 33 3.80 -0.87 11.12
N GLY B 34 3.04 -0.83 10.04
CA GLY B 34 1.91 -1.72 9.86
C GLY B 34 0.69 -1.32 10.68
N SER B 35 0.04 -2.32 11.25
CA SER B 35 -1.15 -2.13 12.08
C SER B 35 -0.73 -2.00 13.54
N PRO B 36 -1.48 -1.27 14.35
CA PRO B 36 -1.31 -1.30 15.81
C PRO B 36 -1.39 -2.73 16.32
N THR B 37 -0.33 -3.16 16.99
CA THR B 37 -0.12 -4.56 17.36
C THR B 37 0.04 -4.78 18.88
N LEU B 38 -0.46 -5.90 19.37
CA LEU B 38 -0.31 -6.24 20.77
C LEU B 38 0.40 -7.58 20.92
N TYR B 39 1.43 -7.60 21.75
CA TYR B 39 2.22 -8.80 21.96
C TYR B 39 1.94 -9.49 23.28
N PHE B 40 1.70 -10.79 23.21
CA PHE B 40 1.52 -11.58 24.42
C PHE B 40 2.72 -12.53 24.51
N PRO B 41 3.63 -12.27 25.44
CA PRO B 41 4.83 -13.08 25.57
C PRO B 41 4.59 -14.44 26.21
N GLU B 42 5.64 -15.25 26.23
CA GLU B 42 5.62 -16.53 26.94
C GLU B 42 5.38 -16.32 28.43
N PRO B 43 4.48 -17.13 29.00
CA PRO B 43 4.07 -16.98 30.40
C PRO B 43 5.16 -17.44 31.37
N MET B 44 6.29 -16.72 31.37
CA MET B 44 7.50 -17.15 32.06
C MET B 44 7.40 -17.07 33.60
N ALA B 45 6.87 -15.97 34.14
CA ALA B 45 6.63 -15.87 35.58
C ALA B 45 5.77 -17.02 36.08
N TYR B 46 4.69 -17.31 35.37
CA TYR B 46 3.81 -18.41 35.72
C TYR B 46 4.58 -19.72 35.94
N TRP B 47 5.60 -19.95 35.12
CA TRP B 47 6.39 -21.19 35.17
C TRP B 47 7.45 -21.20 36.28
N ARG B 48 7.98 -20.03 36.63
CA ARG B 48 9.14 -19.94 37.53
C ARG B 48 8.86 -19.20 38.84
N THR B 49 8.03 -18.17 38.77
CA THR B 49 8.00 -17.12 39.78
C THR B 49 6.68 -17.00 40.58
N LEU B 50 5.56 -17.47 40.03
CA LEU B 50 4.27 -17.32 40.72
C LEU B 50 3.91 -18.41 41.74
N PHE B 51 4.62 -19.55 41.69
CA PHE B 51 4.33 -20.67 42.58
C PHE B 51 5.62 -21.19 43.21
N GLU B 52 5.50 -22.14 44.14
CA GLU B 52 6.67 -22.63 44.88
C GLU B 52 7.62 -23.48 44.03
N THR B 53 7.32 -23.63 42.73
CA THR B 53 8.17 -24.45 41.85
C THR B 53 8.47 -23.81 40.49
N ASP B 54 9.67 -24.14 39.99
CA ASP B 54 10.12 -23.78 38.65
C ASP B 54 9.91 -24.99 37.75
N VAL B 55 8.91 -24.93 36.88
CA VAL B 55 8.63 -26.06 35.99
C VAL B 55 9.72 -26.27 34.93
N ILE B 56 10.49 -25.21 34.65
CA ILE B 56 11.57 -25.28 33.68
C ILE B 56 12.70 -26.13 34.26
N SER B 57 13.00 -25.91 35.55
CA SER B 57 13.93 -26.73 36.32
C SER B 57 13.53 -28.19 36.14
N GLY B 58 12.37 -28.57 36.68
CA GLY B 58 11.89 -29.94 36.72
C GLY B 58 12.02 -30.73 35.44
N ILE B 59 11.42 -30.21 34.37
CA ILE B 59 11.41 -30.83 33.04
C ILE B 59 12.73 -31.48 32.58
N TYR B 60 13.79 -30.69 32.35
CA TYR B 60 15.11 -31.21 31.92
C TYR B 60 15.81 -31.95 33.04
N ASP B 61 15.59 -31.49 34.27
CA ASP B 61 16.15 -32.06 35.51
C ASP B 61 15.71 -33.53 35.75
N THR B 62 14.42 -33.81 35.52
CA THR B 62 13.90 -35.18 35.60
C THR B 62 14.62 -36.11 34.61
N GLN B 63 15.00 -35.57 33.45
CA GLN B 63 15.75 -36.29 32.43
C GLN B 63 17.20 -36.57 32.87
N ASN B 64 17.65 -35.83 33.89
CA ASN B 64 18.95 -36.07 34.52
C ASN B 64 18.85 -37.12 35.62
N ARG B 65 17.88 -36.93 36.53
CA ARG B 65 17.62 -37.87 37.63
C ARG B 65 17.35 -39.31 37.17
N LYS B 66 16.67 -39.44 36.02
CA LYS B 66 16.40 -40.72 35.37
C LYS B 66 17.68 -41.35 34.77
N GLN B 67 18.49 -40.52 34.08
CA GLN B 67 19.81 -40.92 33.58
C GLN B 67 20.74 -41.35 34.71
N GLN B 68 20.82 -40.51 35.75
CA GLN B 68 21.67 -40.76 36.93
C GLN B 68 21.29 -42.04 37.67
N GLY B 69 20.00 -42.30 37.79
CA GLY B 69 19.50 -43.40 38.59
C GLY B 69 19.08 -42.86 39.95
N ASN B 70 18.37 -41.74 39.92
CA ASN B 70 17.96 -41.03 41.13
C ASN B 70 16.47 -41.24 41.45
N LEU B 71 15.72 -41.71 40.45
CA LEU B 71 14.28 -41.95 40.56
C LEU B 71 13.90 -43.03 39.54
N ALA B 72 13.03 -43.96 39.93
CA ALA B 72 12.63 -45.06 39.05
C ALA B 72 12.10 -44.56 37.69
N VAL B 73 12.40 -45.30 36.63
CA VAL B 73 11.99 -44.90 35.27
C VAL B 73 10.46 -44.89 35.11
N ASP B 74 9.77 -45.64 35.97
CA ASP B 74 8.31 -45.64 36.03
C ASP B 74 7.79 -44.37 36.70
N ASP B 75 8.53 -43.89 37.70
CA ASP B 75 8.24 -42.62 38.36
C ASP B 75 8.67 -41.44 37.50
N ALA B 76 9.79 -41.59 36.78
CA ALA B 76 10.36 -40.53 35.94
C ALA B 76 9.52 -40.17 34.73
N ALA B 77 8.70 -41.11 34.27
CA ALA B 77 7.75 -40.82 33.21
C ALA B 77 6.50 -40.12 33.78
N LEU B 78 6.33 -40.17 35.10
CA LEU B 78 5.12 -39.68 35.76
C LEU B 78 5.23 -38.24 36.25
N ILE B 79 6.38 -37.88 36.83
CA ILE B 79 6.63 -36.51 37.28
C ILE B 79 7.00 -35.59 36.11
N THR B 80 7.65 -36.15 35.09
CA THR B 80 7.89 -35.42 33.84
C THR B 80 6.57 -34.96 33.28
N ALA B 81 5.64 -35.91 33.18
CA ALA B 81 4.32 -35.69 32.60
C ALA B 81 3.57 -34.58 33.32
N HIS B 82 3.66 -34.57 34.64
CA HIS B 82 3.00 -33.54 35.44
C HIS B 82 3.52 -32.12 35.14
N TYR B 83 4.83 -31.99 34.99
CA TYR B 83 5.45 -30.72 34.54
C TYR B 83 5.07 -30.37 33.11
N GLN B 84 5.16 -31.33 32.21
CA GLN B 84 4.65 -31.10 30.86
C GLN B 84 3.25 -30.46 30.96
N SER B 85 2.41 -31.03 31.82
CA SER B 85 1.06 -30.49 32.10
C SER B 85 1.00 -29.04 32.60
N ARG B 86 2.02 -28.63 33.35
CA ARG B 86 2.05 -27.33 33.98
C ARG B 86 2.46 -26.25 32.99
N PHE B 87 3.22 -26.64 31.97
CA PHE B 87 3.53 -25.72 30.89
C PHE B 87 2.26 -25.20 30.24
N THR B 88 1.29 -26.09 30.12
CA THR B 88 0.03 -25.82 29.46
C THR B 88 -0.85 -24.79 30.17
N THR B 89 -0.92 -24.86 31.50
CA THR B 89 -1.92 -24.08 32.24
C THR B 89 -2.07 -22.60 31.83
N PRO B 90 -1.00 -21.80 31.84
CA PRO B 90 -1.13 -20.37 31.50
C PRO B 90 -1.68 -20.11 30.08
N TYR B 91 -1.38 -21.01 29.11
CA TYR B 91 -1.86 -20.86 27.74
C TYR B 91 -3.35 -21.07 27.70
N LEU B 92 -3.82 -22.09 28.39
CA LEU B 92 -5.24 -22.41 28.48
C LEU B 92 -6.04 -21.25 29.08
N ILE B 93 -5.47 -20.65 30.11
CA ILE B 93 -6.06 -19.49 30.75
C ILE B 93 -6.10 -18.26 29.83
N LEU B 94 -5.01 -17.98 29.14
CA LEU B 94 -4.97 -16.87 28.18
C LEU B 94 -6.01 -17.06 27.06
N HIS B 95 -6.11 -18.30 26.56
CA HIS B 95 -7.06 -18.71 25.53
C HIS B 95 -8.52 -18.58 25.97
N ASP B 96 -8.84 -19.03 27.18
CA ASP B 96 -10.20 -18.93 27.70
C ASP B 96 -10.58 -17.46 27.78
N HIS B 97 -9.62 -16.64 28.22
CA HIS B 97 -9.90 -15.23 28.40
C HIS B 97 -10.09 -14.49 27.07
N THR B 98 -9.20 -14.68 26.11
CA THR B 98 -9.21 -13.80 24.93
C THR B 98 -10.24 -14.21 23.89
N CYS B 99 -10.63 -15.49 23.89
CA CYS B 99 -11.60 -15.98 22.92
C CYS B 99 -12.95 -15.29 23.14
N THR B 100 -13.17 -14.79 24.34
CA THR B 100 -14.42 -14.09 24.64
C THR B 100 -14.42 -12.69 24.01
N LEU B 101 -13.31 -12.31 23.38
CA LEU B 101 -13.10 -10.94 22.91
C LEU B 101 -12.77 -10.74 21.42
N PHE B 102 -12.37 -11.80 20.72
CA PHE B 102 -12.01 -11.70 19.28
C PHE B 102 -13.20 -11.34 18.41
N GLY B 103 -14.39 -11.77 18.83
CA GLY B 103 -15.58 -11.70 18.02
C GLY B 103 -15.60 -12.80 16.97
N GLY B 104 -16.72 -12.90 16.25
CA GLY B 104 -16.86 -13.84 15.15
C GLY B 104 -16.70 -13.14 13.81
N ASN B 105 -17.45 -13.61 12.81
CA ASN B 105 -17.36 -13.12 11.44
C ASN B 105 -15.97 -13.30 10.83
N SER B 106 -15.42 -14.51 10.96
CA SER B 106 -14.16 -14.84 10.32
C SER B 106 -14.25 -14.65 8.81
N LEU B 107 -13.27 -13.94 8.27
CA LEU B 107 -13.14 -13.79 6.84
C LEU B 107 -11.70 -13.44 6.48
N GLN B 108 -11.32 -13.69 5.24
CA GLN B 108 -10.10 -13.17 4.70
C GLN B 108 -10.46 -11.87 3.95
N ARG B 109 -10.18 -10.73 4.56
CA ARG B 109 -10.63 -9.44 4.03
C ARG B 109 -9.57 -8.70 3.21
N GLY B 110 -8.33 -9.21 3.22
CA GLY B 110 -7.26 -8.67 2.39
C GLY B 110 -6.66 -7.37 2.90
N THR B 111 -7.50 -6.41 3.26
CA THR B 111 -7.04 -5.12 3.79
C THR B 111 -6.31 -5.25 5.13
N GLN B 112 -5.63 -4.18 5.54
CA GLN B 112 -4.96 -4.09 6.86
C GLN B 112 -6.03 -3.92 7.93
N PRO B 113 -5.97 -4.73 8.99
CA PRO B 113 -6.96 -4.66 10.08
C PRO B 113 -6.80 -3.39 10.90
N ASP B 114 -7.80 -3.05 11.71
CA ASP B 114 -7.66 -1.99 12.69
C ASP B 114 -6.55 -2.34 13.67
N LEU B 115 -6.35 -3.64 13.91
CA LEU B 115 -5.57 -4.10 15.07
C LEU B 115 -5.06 -5.54 14.90
N THR B 116 -3.79 -5.77 15.23
CA THR B 116 -3.20 -7.09 15.19
C THR B 116 -2.80 -7.55 16.58
N LEU B 117 -3.11 -8.81 16.90
CA LEU B 117 -2.64 -9.45 18.10
C LEU B 117 -1.59 -10.50 17.70
N VAL B 118 -0.50 -10.58 18.47
CA VAL B 118 0.54 -11.55 18.21
C VAL B 118 0.78 -12.32 19.49
N PHE B 119 0.60 -13.63 19.44
CA PHE B 119 0.77 -14.45 20.64
C PHE B 119 2.02 -15.30 20.46
N ASP B 120 2.88 -15.29 21.46
CA ASP B 120 3.99 -16.22 21.48
C ASP B 120 3.49 -17.60 21.89
N ARG B 121 3.30 -18.46 20.88
CA ARG B 121 2.84 -19.83 21.04
C ARG B 121 1.35 -19.95 21.17
N HIS B 122 0.80 -20.93 20.45
CA HIS B 122 -0.58 -21.40 20.55
C HIS B 122 -0.60 -22.59 21.53
N PRO B 123 -1.70 -22.80 22.26
CA PRO B 123 -1.86 -23.99 23.11
C PRO B 123 -1.50 -25.34 22.45
N VAL B 124 -1.43 -25.39 21.12
CA VAL B 124 -0.98 -26.60 20.44
C VAL B 124 0.46 -26.99 20.87
N ALA B 125 1.30 -25.98 21.13
CA ALA B 125 2.69 -26.23 21.46
C ALA B 125 2.86 -27.10 22.70
N SER B 126 2.09 -26.82 23.74
CA SER B 126 2.31 -27.54 25.01
C SER B 126 1.35 -28.72 25.21
N THR B 127 0.27 -28.78 24.44
CA THR B 127 -0.64 -29.91 24.55
C THR B 127 -0.39 -30.97 23.49
N VAL B 128 0.16 -30.58 22.35
CA VAL B 128 0.39 -31.56 21.27
C VAL B 128 1.87 -31.77 20.92
N CYS B 129 2.50 -30.71 20.40
CA CYS B 129 3.82 -30.82 19.78
C CYS B 129 4.93 -31.28 20.70
N PHE B 130 5.12 -30.57 21.80
CA PHE B 130 6.16 -30.91 22.77
C PHE B 130 5.95 -32.31 23.38
N PRO B 131 4.73 -32.65 23.82
CA PRO B 131 4.47 -34.02 24.26
C PRO B 131 4.71 -35.05 23.14
N ALA B 132 4.31 -34.76 21.89
CA ALA B 132 4.53 -35.67 20.78
C ALA B 132 6.01 -36.01 20.63
N ALA B 133 6.85 -34.97 20.60
CA ALA B 133 8.30 -35.13 20.64
C ALA B 133 8.79 -36.11 21.74
N ARG B 134 8.33 -35.87 22.97
CA ARG B 134 8.75 -36.66 24.12
C ARG B 134 8.30 -38.13 24.02
N TYR B 135 7.14 -38.34 23.42
CA TYR B 135 6.64 -39.68 23.21
C TYR B 135 7.49 -40.44 22.20
N LEU B 136 7.90 -39.73 21.15
CA LEU B 136 8.69 -40.34 20.08
C LEU B 136 10.09 -40.68 20.57
N LEU B 137 10.64 -39.83 21.43
CA LEU B 137 11.95 -40.10 22.04
C LEU B 137 11.87 -41.19 23.11
N GLY B 138 10.65 -41.53 23.55
CA GLY B 138 10.46 -42.52 24.60
C GLY B 138 10.45 -41.99 26.03
N ASP B 139 10.30 -40.68 26.21
CA ASP B 139 10.30 -40.07 27.55
C ASP B 139 8.91 -40.14 28.21
N MET B 140 7.91 -40.47 27.40
CA MET B 140 6.50 -40.33 27.77
C MET B 140 5.71 -41.45 27.08
N SER B 141 4.64 -41.90 27.71
CA SER B 141 3.83 -42.95 27.11
C SER B 141 2.69 -42.43 26.21
N MET B 142 2.07 -43.33 25.45
CA MET B 142 0.89 -43.01 24.66
C MET B 142 -0.24 -42.48 25.56
N CYS B 143 -0.39 -43.09 26.73
CA CYS B 143 -1.46 -42.76 27.65
C CYS B 143 -1.26 -41.36 28.19
N ALA B 144 0.01 -40.99 28.42
CA ALA B 144 0.33 -39.64 28.88
C ALA B 144 0.10 -38.62 27.74
N LEU B 145 0.51 -38.99 26.53
CA LEU B 145 0.32 -38.13 25.38
C LEU B 145 -1.16 -37.84 25.16
N MET B 146 -1.97 -38.88 25.26
CA MET B 146 -3.40 -38.73 25.11
C MET B 146 -3.95 -37.84 26.21
N ALA B 147 -3.40 -37.94 27.42
CA ALA B 147 -3.81 -37.05 28.51
C ALA B 147 -3.57 -35.60 28.15
N MET B 148 -2.39 -35.29 27.61
CA MET B 148 -2.04 -33.96 27.11
C MET B 148 -2.91 -33.54 25.92
N VAL B 149 -2.93 -34.36 24.87
CA VAL B 149 -3.63 -34.03 23.63
C VAL B 149 -5.13 -33.74 23.84
N ALA B 150 -5.77 -34.44 24.78
CA ALA B 150 -7.20 -34.24 25.03
C ALA B 150 -7.51 -32.85 25.58
N THR B 151 -6.50 -32.19 26.16
CA THR B 151 -6.69 -30.89 26.78
C THR B 151 -6.47 -29.72 25.81
N LEU B 152 -6.23 -30.02 24.54
CA LEU B 152 -6.12 -28.95 23.56
C LEU B 152 -7.52 -28.33 23.40
N PRO B 153 -7.64 -27.01 23.46
CA PRO B 153 -8.96 -26.37 23.31
C PRO B 153 -9.30 -26.15 21.83
N ARG B 154 -10.58 -26.05 21.51
CA ARG B 154 -10.99 -25.67 20.16
C ARG B 154 -10.67 -24.19 19.88
N GLU B 155 -10.00 -23.98 18.75
CA GLU B 155 -9.77 -22.65 18.21
C GLU B 155 -11.07 -22.15 17.56
N PRO B 156 -11.67 -21.08 18.09
CA PRO B 156 -12.82 -20.48 17.40
C PRO B 156 -12.42 -19.88 16.04
N GLN B 157 -13.41 -19.57 15.21
CA GLN B 157 -13.17 -19.00 13.88
C GLN B 157 -12.17 -17.83 13.89
N GLY B 158 -11.30 -17.79 12.89
CA GLY B 158 -10.47 -16.62 12.64
C GLY B 158 -8.98 -16.73 12.95
N GLY B 159 -8.58 -17.83 13.58
CA GLY B 159 -7.21 -18.01 14.02
C GLY B 159 -6.22 -18.13 12.90
N ASN B 160 -5.00 -17.64 13.13
CA ASN B 160 -3.90 -17.80 12.17
C ASN B 160 -2.69 -18.25 12.94
N ILE B 161 -2.06 -19.33 12.47
CA ILE B 161 -0.83 -19.80 13.11
C ILE B 161 0.30 -19.69 12.10
N VAL B 162 1.40 -19.07 12.53
CA VAL B 162 2.59 -18.94 11.70
C VAL B 162 3.70 -19.79 12.32
N VAL B 163 4.05 -20.89 11.67
CA VAL B 163 5.12 -21.74 12.17
C VAL B 163 6.43 -21.19 11.66
N THR B 164 7.38 -21.00 12.56
CA THR B 164 8.65 -20.42 12.16
C THR B 164 9.59 -21.53 11.68
N THR B 165 10.28 -21.27 10.57
CA THR B 165 11.23 -22.21 10.01
C THR B 165 12.61 -21.56 9.92
N LEU B 166 13.62 -22.41 9.82
CA LEU B 166 15.01 -21.98 9.78
C LEU B 166 15.82 -23.23 9.48
N ASN B 167 16.88 -23.06 8.69
CA ASN B 167 17.77 -24.17 8.39
C ASN B 167 18.51 -24.57 9.67
N VAL B 168 18.75 -25.86 9.86
CA VAL B 168 19.35 -26.43 11.08
C VAL B 168 20.66 -25.79 11.52
N GLU B 169 21.54 -25.56 10.54
CA GLU B 169 22.83 -24.93 10.74
C GLU B 169 22.71 -23.69 11.61
N GLU B 170 21.89 -22.75 11.15
CA GLU B 170 21.72 -21.45 11.78
C GLU B 170 20.96 -21.56 13.08
N HIS B 171 20.03 -22.49 13.15
CA HIS B 171 19.27 -22.74 14.35
C HIS B 171 20.16 -23.18 15.51
N ILE B 172 21.05 -24.16 15.26
CA ILE B 172 22.01 -24.62 16.27
C ILE B 172 22.97 -23.49 16.63
N ARG B 173 23.45 -22.80 15.61
CA ARG B 173 24.28 -21.60 15.74
C ARG B 173 23.63 -20.55 16.64
N ARG B 174 22.31 -20.43 16.54
CA ARG B 174 21.55 -19.45 17.32
C ARG B 174 21.46 -19.89 18.77
N LEU B 175 21.28 -21.18 19.00
CA LEU B 175 21.26 -21.72 20.36
C LEU B 175 22.65 -21.61 20.98
N ARG B 176 23.66 -22.01 20.21
CA ARG B 176 25.07 -21.93 20.58
C ARG B 176 25.49 -20.57 21.17
N THR B 177 25.17 -19.49 20.46
CA THR B 177 25.48 -18.14 20.91
C THR B 177 24.80 -17.81 22.25
N ARG B 178 23.64 -18.41 22.49
CA ARG B 178 22.87 -18.18 23.70
C ARG B 178 23.16 -19.18 24.82
N ALA B 179 24.08 -20.11 24.60
CA ALA B 179 24.32 -21.20 25.56
C ALA B 179 25.45 -20.88 26.54
N ARG B 180 25.51 -21.62 27.65
CA ARG B 180 26.57 -21.46 28.64
C ARG B 180 27.93 -21.92 28.10
N ILE B 181 29.00 -21.61 28.84
CA ILE B 181 30.39 -21.85 28.39
C ILE B 181 30.51 -22.84 27.21
N GLY B 182 30.84 -24.09 27.50
CA GLY B 182 30.83 -25.16 26.51
C GLY B 182 29.67 -26.11 26.79
N GLU B 183 28.48 -25.54 26.90
CA GLU B 183 27.26 -26.27 27.26
C GLU B 183 26.74 -27.06 26.08
N GLN B 184 26.27 -28.28 26.36
CA GLN B 184 25.77 -29.16 25.32
C GLN B 184 24.37 -28.77 24.86
N ILE B 185 24.14 -28.96 23.57
CA ILE B 185 22.83 -28.74 22.97
C ILE B 185 22.22 -30.09 22.60
N ASP B 186 20.93 -30.27 22.91
CA ASP B 186 20.24 -31.53 22.69
C ASP B 186 19.76 -31.67 21.25
N ILE B 187 20.68 -32.07 20.38
CA ILE B 187 20.44 -32.17 18.94
C ILE B 187 19.30 -33.13 18.60
N THR B 188 19.23 -34.23 19.32
CA THR B 188 18.15 -35.20 19.16
C THR B 188 16.77 -34.61 19.43
N LEU B 189 16.64 -33.82 20.49
CA LEU B 189 15.34 -33.21 20.78
C LEU B 189 14.98 -32.18 19.71
N ILE B 190 15.93 -31.33 19.32
CA ILE B 190 15.63 -30.31 18.32
C ILE B 190 15.24 -30.95 16.99
N ALA B 191 15.99 -31.97 16.57
CA ALA B 191 15.68 -32.71 15.35
C ALA B 191 14.26 -33.29 15.39
N THR B 192 13.88 -33.89 16.53
CA THR B 192 12.52 -34.42 16.73
C THR B 192 11.45 -33.32 16.78
N LEU B 193 11.74 -32.26 17.51
CA LEU B 193 10.87 -31.09 17.57
C LEU B 193 10.71 -30.39 16.21
N ARG B 194 11.76 -30.39 15.40
CA ARG B 194 11.68 -29.82 14.05
C ARG B 194 10.74 -30.63 13.16
N ASN B 195 10.77 -31.95 13.26
CA ASN B 195 9.88 -32.79 12.46
C ASN B 195 8.43 -32.69 12.90
N VAL B 196 8.23 -32.68 14.22
CA VAL B 196 6.89 -32.58 14.80
C VAL B 196 6.18 -31.32 14.28
N TYR B 197 6.91 -30.21 14.19
CA TYR B 197 6.32 -28.96 13.69
C TYR B 197 6.03 -29.00 12.19
N PHE B 198 6.81 -29.79 11.45
CA PHE B 198 6.48 -30.02 10.05
C PHE B 198 5.23 -30.90 9.96
N MET B 199 5.15 -31.91 10.83
CA MET B 199 3.93 -32.73 10.92
C MET B 199 2.70 -31.87 11.23
N LEU B 200 2.86 -30.82 12.05
CA LEU B 200 1.76 -29.91 12.36
C LEU B 200 1.35 -29.09 11.14
N VAL B 201 2.33 -28.49 10.48
CA VAL B 201 2.06 -27.71 9.27
C VAL B 201 1.38 -28.60 8.24
N ASN B 202 1.93 -29.79 8.02
CA ASN B 202 1.33 -30.76 7.12
C ASN B 202 -0.10 -31.11 7.49
N THR B 203 -0.35 -31.37 8.76
CA THR B 203 -1.67 -31.71 9.26
C THR B 203 -2.72 -30.68 8.88
N CYS B 204 -2.44 -29.39 9.11
CA CYS B 204 -3.39 -28.32 8.84
C CYS B 204 -3.69 -28.19 7.35
N HIS B 205 -2.66 -28.33 6.52
CA HIS B 205 -2.81 -28.36 5.08
C HIS B 205 -3.78 -29.49 4.66
N PHE B 206 -3.53 -30.69 5.19
CA PHE B 206 -4.34 -31.88 5.01
C PHE B 206 -5.80 -31.55 5.28
N LEU B 207 -6.06 -31.00 6.46
CA LEU B 207 -7.42 -30.69 6.90
C LEU B 207 -8.09 -29.55 6.11
N ARG B 208 -7.30 -28.56 5.70
CA ARG B 208 -7.80 -27.48 4.86
C ARG B 208 -8.20 -27.95 3.44
N SER B 209 -7.56 -29.02 2.96
CA SER B 209 -7.93 -29.60 1.66
C SER B 209 -9.08 -30.61 1.81
N GLY B 210 -9.85 -30.47 2.89
CA GLY B 210 -11.07 -31.23 3.09
C GLY B 210 -10.92 -32.69 3.48
N ARG B 211 -9.67 -33.14 3.63
CA ARG B 211 -9.39 -34.53 4.00
C ARG B 211 -9.53 -34.78 5.52
N VAL B 212 -9.65 -36.07 5.88
CA VAL B 212 -9.84 -36.53 7.26
C VAL B 212 -8.86 -37.65 7.63
N TRP B 213 -8.62 -37.85 8.92
CA TRP B 213 -7.58 -38.79 9.38
C TRP B 213 -7.79 -40.25 8.91
N ARG B 214 -9.01 -40.58 8.52
CA ARG B 214 -9.34 -41.90 7.99
C ARG B 214 -8.89 -42.05 6.54
N ASP B 215 -8.94 -40.95 5.77
CA ASP B 215 -8.45 -40.95 4.36
C ASP B 215 -7.02 -41.45 4.27
N GLY B 216 -6.86 -42.76 4.09
CA GLY B 216 -5.56 -43.39 3.96
C GLY B 216 -5.12 -44.22 5.15
N TRP B 217 -6.01 -44.35 6.14
CA TRP B 217 -5.71 -45.01 7.41
C TRP B 217 -5.48 -46.52 7.28
N GLY B 218 -6.38 -47.18 6.54
CA GLY B 218 -6.27 -48.60 6.26
C GLY B 218 -4.96 -48.99 5.58
N GLU B 219 -4.56 -48.19 4.59
CA GLU B 219 -3.32 -48.44 3.86
C GLU B 219 -2.06 -48.19 4.68
N LEU B 220 -2.10 -47.19 5.56
CA LEU B 220 -0.94 -46.74 6.33
C LEU B 220 -0.36 -47.81 7.25
N PRO B 221 0.96 -47.98 7.23
CA PRO B 221 1.64 -48.96 8.10
C PRO B 221 1.53 -48.59 9.56
N THR B 222 1.68 -49.58 10.42
CA THR B 222 1.68 -49.40 11.87
C THR B 222 2.89 -48.57 12.27
N SER B 223 2.73 -47.78 13.33
CA SER B 223 3.78 -46.89 13.80
C SER B 223 4.35 -47.38 15.11
N ALA B 226 10.61 -47.94 14.25
CA ALA B 226 10.72 -47.66 12.81
C ALA B 226 10.20 -46.27 12.47
N TYR B 227 8.94 -46.03 12.80
CA TYR B 227 8.33 -44.72 12.67
C TYR B 227 9.03 -43.77 13.63
N LYS B 228 9.32 -44.26 14.83
CA LYS B 228 9.92 -43.42 15.86
C LYS B 228 11.37 -43.10 15.51
N HIS B 229 12.02 -44.00 14.77
CA HIS B 229 13.37 -43.76 14.29
C HIS B 229 13.39 -42.56 13.36
N ARG B 230 12.45 -42.55 12.42
CA ARG B 230 12.35 -41.54 11.38
C ARG B 230 11.94 -40.20 11.95
N ALA B 231 11.19 -40.23 13.05
CA ALA B 231 10.70 -39.02 13.70
C ALA B 231 11.84 -38.22 14.35
N THR B 232 12.90 -38.92 14.74
CA THR B 232 14.10 -38.31 15.31
C THR B 232 15.19 -37.98 14.27
N GLN B 233 14.98 -38.41 13.03
CA GLN B 233 15.93 -38.20 11.93
C GLN B 233 15.89 -36.76 11.39
N MET B 234 17.04 -36.08 11.49
CA MET B 234 17.19 -34.69 11.02
C MET B 234 16.72 -34.49 9.57
N ASP B 235 15.72 -33.63 9.41
CA ASP B 235 15.16 -33.30 8.09
C ASP B 235 14.43 -34.45 7.39
N ALA B 236 13.85 -35.37 8.16
CA ALA B 236 13.04 -36.45 7.57
C ALA B 236 11.68 -35.93 7.15
N PHE B 237 11.30 -34.77 7.68
CA PHE B 237 9.98 -34.21 7.41
C PHE B 237 10.10 -32.80 6.89
N GLN B 238 9.15 -32.39 6.07
CA GLN B 238 9.15 -31.02 5.53
C GLN B 238 7.73 -30.47 5.36
N GLU B 239 7.63 -29.22 4.98
CA GLU B 239 6.36 -28.69 4.49
C GLU B 239 6.09 -29.30 3.11
N ARG B 240 4.97 -29.98 2.95
CA ARG B 240 4.69 -30.65 1.69
C ARG B 240 3.57 -29.92 0.97
N VAL B 241 3.70 -29.83 -0.36
CA VAL B 241 2.70 -29.19 -1.21
C VAL B 241 1.32 -29.80 -0.94
N SER B 242 1.17 -31.07 -1.30
CA SER B 242 -0.06 -31.81 -1.02
C SER B 242 0.28 -32.96 -0.05
N PRO B 243 -0.11 -32.79 1.22
CA PRO B 243 0.28 -33.75 2.26
C PRO B 243 -0.49 -35.06 2.17
N GLU B 244 0.19 -36.16 2.42
CA GLU B 244 -0.48 -37.44 2.58
C GLU B 244 -0.45 -37.83 4.06
N LEU B 245 -1.42 -38.64 4.49
CA LEU B 245 -1.58 -39.01 5.89
C LEU B 245 -0.28 -39.26 6.64
N GLY B 246 0.70 -39.90 6.00
CA GLY B 246 1.97 -40.21 6.63
C GLY B 246 2.88 -39.03 6.96
N ASP B 247 2.56 -37.85 6.42
CA ASP B 247 3.32 -36.63 6.70
C ASP B 247 2.75 -35.80 7.86
N THR B 248 1.64 -36.27 8.45
CA THR B 248 0.88 -35.52 9.46
C THR B 248 0.98 -36.18 10.83
N LEU B 249 0.52 -35.46 11.85
CA LEU B 249 0.49 -35.96 13.23
C LEU B 249 -0.36 -37.23 13.43
N PHE B 250 -1.36 -37.43 12.59
CA PHE B 250 -2.31 -38.53 12.75
C PHE B 250 -1.64 -39.90 12.66
N ALA B 251 -0.55 -39.98 11.92
CA ALA B 251 0.20 -41.21 11.67
C ALA B 251 0.79 -41.85 12.93
N LEU B 252 1.19 -41.02 13.90
CA LEU B 252 1.76 -41.57 15.14
C LEU B 252 0.73 -42.32 16.01
N PHE B 253 -0.55 -42.16 15.69
CA PHE B 253 -1.59 -42.76 16.49
C PHE B 253 -2.02 -44.16 16.02
N LYS B 254 -1.51 -44.59 14.87
CA LYS B 254 -1.77 -45.96 14.42
C LYS B 254 -0.69 -46.90 14.97
N THR B 255 -0.76 -47.13 16.28
CA THR B 255 0.15 -48.04 16.98
C THR B 255 -0.66 -49.09 17.70
N GLN B 256 0.02 -50.16 18.12
CA GLN B 256 -0.59 -51.30 18.81
C GLN B 256 -1.34 -50.95 20.10
N GLU B 257 -0.84 -49.96 20.84
CA GLU B 257 -1.45 -49.61 22.13
C GLU B 257 -2.88 -49.07 21.97
N LEU B 258 -3.23 -48.60 20.78
CA LEU B 258 -4.55 -48.05 20.50
C LEU B 258 -5.45 -48.96 19.65
N LEU B 259 -4.92 -50.11 19.23
CA LEU B 259 -5.65 -51.01 18.31
C LEU B 259 -6.32 -52.24 18.97
N ASP B 260 -7.24 -52.85 18.21
CA ASP B 260 -7.88 -54.15 18.50
C ASP B 260 -6.88 -55.29 18.64
N ASP B 261 -7.41 -56.46 18.96
CA ASP B 261 -6.70 -57.72 18.72
C ASP B 261 -6.64 -57.95 17.18
N ARG B 262 -7.72 -57.55 16.49
CA ARG B 262 -7.82 -57.57 15.03
C ARG B 262 -6.90 -56.56 14.32
N GLY B 263 -6.43 -55.55 15.05
CA GLY B 263 -5.60 -54.51 14.44
C GLY B 263 -6.37 -53.26 14.03
N VAL B 264 -7.60 -53.10 14.52
CA VAL B 264 -8.45 -51.92 14.25
C VAL B 264 -8.50 -50.99 15.46
N ILE B 265 -8.28 -49.69 15.23
CA ILE B 265 -8.30 -48.69 16.30
C ILE B 265 -9.64 -48.70 17.04
N LEU B 266 -9.59 -48.65 18.37
CA LEU B 266 -10.81 -48.59 19.18
C LEU B 266 -11.59 -47.33 18.83
N GLU B 267 -12.92 -47.41 18.91
CA GLU B 267 -13.75 -46.25 18.53
C GLU B 267 -13.46 -45.05 19.43
N VAL B 268 -13.03 -45.31 20.65
CA VAL B 268 -12.78 -44.25 21.63
C VAL B 268 -11.53 -43.40 21.33
N HIS B 269 -10.49 -44.03 20.80
CA HIS B 269 -9.30 -43.33 20.29
C HIS B 269 -9.59 -42.68 18.94
N ALA B 270 -10.60 -43.20 18.25
CA ALA B 270 -11.00 -42.61 17.00
C ALA B 270 -11.67 -41.30 17.37
N TRP B 271 -12.47 -41.33 18.44
CA TRP B 271 -13.13 -40.12 18.92
C TRP B 271 -12.09 -39.08 19.24
N ALA B 272 -10.96 -39.52 19.78
CA ALA B 272 -9.85 -38.64 20.10
C ALA B 272 -9.25 -37.99 18.84
N LEU B 273 -9.15 -38.75 17.76
CA LEU B 273 -8.63 -38.18 16.53
C LEU B 273 -9.65 -37.27 15.87
N ASP B 274 -10.94 -37.55 16.10
CA ASP B 274 -12.01 -36.68 15.64
C ASP B 274 -11.86 -35.31 16.32
N ALA B 275 -11.61 -35.32 17.63
CA ALA B 275 -11.50 -34.09 18.42
C ALA B 275 -10.29 -33.23 18.03
N LEU B 276 -9.17 -33.90 17.73
CA LEU B 276 -7.96 -33.21 17.30
C LEU B 276 -8.19 -32.50 15.95
N MET B 277 -8.95 -33.15 15.08
CA MET B 277 -9.32 -32.60 13.79
C MET B 277 -10.19 -31.37 13.94
N LEU B 278 -11.32 -31.52 14.63
CA LEU B 278 -12.24 -30.40 14.84
C LEU B 278 -11.50 -29.20 15.43
N LYS B 279 -10.53 -29.47 16.30
CA LYS B 279 -9.83 -28.43 17.05
C LYS B 279 -8.80 -27.65 16.24
N LEU B 280 -8.25 -28.26 15.20
CA LEU B 280 -7.27 -27.59 14.34
C LEU B 280 -7.88 -26.99 13.06
N ARG B 281 -9.09 -27.44 12.70
CA ARG B 281 -9.86 -26.91 11.57
C ARG B 281 -9.73 -25.41 11.43
N ASN B 282 -9.93 -24.69 12.53
CA ASN B 282 -10.06 -23.24 12.51
C ASN B 282 -8.73 -22.47 12.56
N LEU B 283 -7.63 -23.17 12.36
CA LEU B 283 -6.32 -22.53 12.35
C LEU B 283 -5.82 -22.37 10.94
N ASN B 284 -5.86 -21.14 10.42
CA ASN B 284 -5.31 -20.80 9.10
C ASN B 284 -3.76 -20.79 9.19
N VAL B 285 -3.10 -21.71 8.47
CA VAL B 285 -1.66 -22.01 8.68
C VAL B 285 -0.70 -21.38 7.65
N PHE B 286 0.46 -20.94 8.13
CA PHE B 286 1.47 -20.29 7.31
C PHE B 286 2.89 -20.64 7.75
N SER B 287 3.86 -20.41 6.87
CA SER B 287 5.28 -20.60 7.14
C SER B 287 6.02 -19.27 7.10
N ALA B 288 6.99 -19.10 7.99
CA ALA B 288 7.86 -17.94 7.96
C ALA B 288 9.30 -18.32 8.26
N ASP B 289 10.16 -18.10 7.27
CA ASP B 289 11.59 -18.30 7.41
C ASP B 289 12.21 -17.13 8.16
N LEU B 290 12.94 -17.44 9.25
CA LEU B 290 13.54 -16.43 10.12
C LEU B 290 15.06 -16.23 9.95
N SER B 291 15.52 -16.46 8.72
CA SER B 291 16.92 -16.24 8.30
C SER B 291 17.45 -14.84 8.52
N GLY B 292 16.59 -13.83 8.43
CA GLY B 292 17.04 -12.45 8.41
C GLY B 292 17.56 -11.91 9.72
N THR B 293 17.49 -10.59 9.86
CA THR B 293 17.69 -9.92 11.12
C THR B 293 16.31 -9.85 11.76
N PRO B 294 16.21 -9.43 13.01
CA PRO B 294 14.90 -9.33 13.67
C PRO B 294 13.89 -8.48 12.87
N ARG B 295 14.35 -7.32 12.36
CA ARG B 295 13.55 -6.41 11.53
C ARG B 295 12.99 -7.13 10.29
N GLN B 296 13.84 -7.92 9.64
CA GLN B 296 13.48 -8.59 8.38
C GLN B 296 12.52 -9.75 8.63
N CYS B 297 12.71 -10.40 9.76
CA CYS B 297 11.83 -11.48 10.20
C CYS B 297 10.44 -10.92 10.37
N ALA B 298 10.34 -9.80 11.10
CA ALA B 298 9.08 -9.13 11.35
C ALA B 298 8.37 -8.82 10.05
N ALA B 299 9.13 -8.43 9.03
CA ALA B 299 8.58 -8.16 7.71
C ALA B 299 8.09 -9.41 6.94
N VAL B 300 8.81 -10.54 7.04
CA VAL B 300 8.39 -11.81 6.45
C VAL B 300 7.01 -12.25 6.97
N VAL B 301 6.81 -12.15 8.29
CA VAL B 301 5.53 -12.47 8.90
C VAL B 301 4.49 -11.43 8.47
N GLU B 302 4.89 -10.16 8.48
CA GLU B 302 4.00 -9.01 8.21
C GLU B 302 3.33 -9.10 6.84
N SER B 303 4.10 -9.51 5.85
CA SER B 303 3.62 -9.68 4.49
C SER B 303 2.68 -10.88 4.28
N LEU B 304 2.48 -11.70 5.31
CA LEU B 304 1.48 -12.77 5.25
C LEU B 304 0.06 -12.26 5.56
N LEU B 305 -0.06 -11.04 6.09
CA LEU B 305 -1.37 -10.45 6.48
C LEU B 305 -2.53 -10.50 5.45
N PRO B 306 -2.29 -10.19 4.18
CA PRO B 306 -3.34 -10.23 3.15
C PRO B 306 -4.10 -11.55 2.99
N LEU B 307 -3.46 -12.69 3.30
CA LEU B 307 -4.13 -13.99 3.26
C LEU B 307 -4.69 -14.41 4.62
N MET B 308 -4.46 -13.59 5.64
CA MET B 308 -4.86 -13.96 6.99
C MET B 308 -6.34 -13.66 7.32
N SER B 309 -6.85 -14.44 8.26
CA SER B 309 -8.23 -14.32 8.69
C SER B 309 -8.38 -13.22 9.73
N SER B 310 -9.47 -12.48 9.64
CA SER B 310 -9.77 -11.44 10.61
C SER B 310 -11.15 -11.63 11.22
N THR B 311 -11.33 -11.21 12.47
CA THR B 311 -12.68 -11.19 13.05
C THR B 311 -13.18 -9.75 13.24
N LEU B 312 -14.50 -9.56 13.35
CA LEU B 312 -15.00 -8.25 13.76
C LEU B 312 -15.35 -8.28 15.23
N SER B 313 -14.82 -7.31 15.96
CA SER B 313 -15.02 -7.18 17.40
C SER B 313 -15.47 -5.75 17.62
N ASP B 314 -15.90 -5.43 18.83
CA ASP B 314 -16.27 -4.05 19.11
C ASP B 314 -15.13 -3.27 19.80
N PHE B 315 -15.31 -1.95 19.91
CA PHE B 315 -14.36 -1.08 20.60
C PHE B 315 -14.10 -1.51 22.06
N ASP B 316 -15.16 -1.85 22.79
CA ASP B 316 -15.00 -2.29 24.18
C ASP B 316 -14.19 -3.59 24.36
N SER B 317 -14.32 -4.54 23.44
CA SER B 317 -13.53 -5.76 23.53
C SER B 317 -12.09 -5.51 23.12
N ALA B 318 -11.90 -4.70 22.08
CA ALA B 318 -10.57 -4.34 21.61
C ALA B 318 -9.78 -3.67 22.74
N SER B 319 -10.43 -2.78 23.49
CA SER B 319 -9.84 -2.19 24.68
C SER B 319 -9.53 -3.24 25.73
N ALA B 320 -10.44 -4.19 25.90
CA ALA B 320 -10.27 -5.26 26.87
C ALA B 320 -9.09 -6.17 26.50
N LEU B 321 -8.81 -6.28 25.20
CA LEU B 321 -7.64 -7.01 24.71
C LEU B 321 -6.35 -6.25 24.98
N GLU B 322 -6.41 -4.92 24.88
CA GLU B 322 -5.26 -4.10 25.20
C GLU B 322 -4.92 -4.13 26.69
N ARG B 323 -5.92 -4.00 27.57
CA ARG B 323 -5.62 -4.13 29.00
C ARG B 323 -5.09 -5.53 29.31
N ALA B 324 -5.63 -6.54 28.62
CA ALA B 324 -5.15 -7.91 28.78
C ALA B 324 -3.66 -7.99 28.55
N ALA B 325 -3.22 -7.41 27.43
CA ALA B 325 -1.83 -7.48 27.04
C ALA B 325 -0.94 -6.76 28.06
N ARG B 326 -1.38 -5.59 28.52
CA ARG B 326 -0.64 -4.84 29.54
C ARG B 326 -0.55 -5.67 30.81
N THR B 327 -1.70 -6.18 31.27
CA THR B 327 -1.76 -7.06 32.42
C THR B 327 -0.82 -8.25 32.23
N PHE B 328 -0.86 -8.90 31.06
CA PHE B 328 -0.08 -10.11 30.84
C PHE B 328 1.43 -9.83 30.87
N ASN B 329 1.85 -8.82 30.11
CA ASN B 329 3.27 -8.43 30.05
C ASN B 329 3.87 -8.13 31.44
N ALA B 330 3.13 -7.38 32.26
CA ALA B 330 3.58 -7.03 33.61
C ALA B 330 3.58 -8.20 34.59
N GLU B 331 2.64 -9.12 34.43
CA GLU B 331 2.50 -10.24 35.35
C GLU B 331 3.34 -11.46 34.97
N MET B 332 3.96 -11.43 33.80
CA MET B 332 4.67 -12.61 33.28
C MET B 332 6.17 -12.41 33.08
N GLY B 333 6.67 -11.23 33.41
CA GLY B 333 8.06 -10.86 33.13
C GLY B 333 9.06 -11.47 34.09
N VAL B 334 10.09 -12.12 33.52
CA VAL B 334 11.16 -12.76 34.29
C VAL B 334 10.61 -13.65 35.42
N MET C 4 -22.68 28.29 -42.38
CA MET C 4 -21.76 28.38 -41.22
C MET C 4 -21.91 27.18 -40.27
N VAL C 5 -20.80 26.82 -39.61
CA VAL C 5 -20.80 25.79 -38.59
C VAL C 5 -20.47 26.46 -37.26
N THR C 6 -21.25 26.12 -36.24
CA THR C 6 -21.03 26.65 -34.91
C THR C 6 -20.11 25.72 -34.09
N ILE C 7 -18.98 26.26 -33.64
CA ILE C 7 -17.97 25.46 -32.97
C ILE C 7 -17.70 25.89 -31.54
N VAL C 8 -17.54 24.90 -30.67
CA VAL C 8 -17.10 25.15 -29.32
C VAL C 8 -15.92 24.24 -29.07
N ARG C 9 -14.77 24.84 -28.77
CA ARG C 9 -13.61 24.04 -28.37
C ARG C 9 -13.31 24.18 -26.88
N ILE C 10 -12.99 23.05 -26.26
CA ILE C 10 -12.72 22.98 -24.83
C ILE C 10 -11.34 22.38 -24.62
N TYR C 11 -10.53 23.04 -23.82
CA TYR C 11 -9.26 22.50 -23.42
C TYR C 11 -9.40 21.99 -21.99
N LEU C 12 -9.27 20.68 -21.82
CA LEU C 12 -9.32 20.11 -20.49
C LEU C 12 -7.94 20.17 -19.88
N ASP C 13 -7.78 20.91 -18.79
CA ASP C 13 -6.47 21.04 -18.16
C ASP C 13 -6.50 20.70 -16.67
N GLY C 14 -5.33 20.65 -16.05
CA GLY C 14 -5.22 20.47 -14.61
C GLY C 14 -4.08 19.57 -14.21
N VAL C 15 -3.97 19.29 -12.91
CA VAL C 15 -2.96 18.38 -12.41
C VAL C 15 -3.16 16.99 -13.00
N TYR C 16 -2.07 16.27 -13.22
CA TYR C 16 -2.15 14.92 -13.76
C TYR C 16 -2.68 13.92 -12.73
N GLY C 17 -3.32 12.86 -13.22
CA GLY C 17 -3.77 11.78 -12.37
C GLY C 17 -5.14 11.97 -11.73
N ILE C 18 -5.86 13.01 -12.15
CA ILE C 18 -7.25 13.27 -11.75
C ILE C 18 -8.26 12.46 -12.58
N GLY C 19 -7.96 12.27 -13.87
CA GLY C 19 -8.86 11.58 -14.79
C GLY C 19 -9.28 12.42 -15.99
N LYS C 20 -8.48 13.42 -16.32
CA LYS C 20 -8.79 14.34 -17.42
C LYS C 20 -8.93 13.65 -18.78
N SER C 21 -7.95 12.82 -19.14
CA SER C 21 -7.99 12.04 -20.40
C SER C 21 -9.26 11.20 -20.53
N THR C 22 -9.46 10.34 -19.54
CA THR C 22 -10.63 9.48 -19.48
C THR C 22 -11.92 10.27 -19.70
N THR C 23 -12.09 11.40 -19.01
CA THR C 23 -13.27 12.26 -19.18
C THR C 23 -13.51 12.69 -20.63
N GLY C 24 -12.43 13.13 -21.30
CA GLY C 24 -12.49 13.51 -22.69
C GLY C 24 -12.84 12.41 -23.67
N ARG C 25 -12.26 11.22 -23.49
CA ARG C 25 -12.63 10.05 -24.29
C ARG C 25 -14.13 9.77 -24.15
C ARG C 25 -14.12 9.76 -24.15
N VAL C 26 -14.61 9.81 -22.90
CA VAL C 26 -16.03 9.62 -22.63
C VAL C 26 -16.90 10.71 -23.25
N MET C 27 -16.43 11.95 -23.29
CA MET C 27 -17.19 13.03 -23.96
C MET C 27 -17.36 12.76 -25.44
N ALA C 28 -16.39 12.08 -26.04
CA ALA C 28 -16.51 11.69 -27.45
C ALA C 28 -17.34 10.40 -27.62
N SER C 29 -17.57 9.69 -26.51
CA SER C 29 -18.43 8.50 -26.45
C SER C 29 -17.73 7.30 -27.05
N SER C 35 -25.12 15.54 -30.72
CA SER C 35 -24.23 16.37 -31.56
C SER C 35 -22.76 15.90 -31.53
N PRO C 36 -22.11 15.88 -32.69
CA PRO C 36 -20.73 15.40 -32.84
C PRO C 36 -19.68 16.06 -31.92
N THR C 37 -18.78 15.20 -31.41
CA THR C 37 -17.75 15.60 -30.47
C THR C 37 -16.45 14.90 -30.82
N LEU C 38 -15.42 15.68 -31.11
CA LEU C 38 -14.11 15.13 -31.44
C LEU C 38 -13.15 15.33 -30.31
N TYR C 39 -12.23 14.39 -30.17
CA TYR C 39 -11.30 14.38 -29.07
C TYR C 39 -9.89 14.29 -29.60
N PHE C 40 -9.12 15.36 -29.39
CA PHE C 40 -7.70 15.36 -29.68
C PHE C 40 -7.02 14.90 -28.42
N PRO C 41 -6.48 13.69 -28.44
CA PRO C 41 -5.79 13.14 -27.27
C PRO C 41 -4.47 13.83 -27.01
N GLU C 42 -3.89 13.54 -25.86
CA GLU C 42 -2.54 13.96 -25.56
C GLU C 42 -1.55 13.30 -26.51
N PRO C 43 -0.46 14.01 -26.81
CA PRO C 43 0.46 13.55 -27.86
C PRO C 43 1.47 12.53 -27.29
N MET C 44 0.95 11.38 -26.87
CA MET C 44 1.72 10.39 -26.12
C MET C 44 2.84 9.75 -26.94
N ALA C 45 2.53 9.39 -28.19
CA ALA C 45 3.50 8.77 -29.10
C ALA C 45 4.70 9.68 -29.31
N TYR C 46 4.42 10.96 -29.49
CA TYR C 46 5.43 11.99 -29.69
C TYR C 46 6.36 12.07 -28.48
N TRP C 47 5.75 12.12 -27.31
CA TRP C 47 6.48 12.18 -26.06
C TRP C 47 7.29 10.90 -25.81
N ARG C 48 6.67 9.74 -26.06
CA ARG C 48 7.22 8.46 -25.61
C ARG C 48 7.94 7.61 -26.68
N THR C 49 7.52 7.71 -27.94
CA THR C 49 7.76 6.63 -28.88
C THR C 49 8.32 7.01 -30.26
N LEU C 50 8.09 8.24 -30.73
CA LEU C 50 8.49 8.62 -32.08
C LEU C 50 9.95 9.07 -32.14
N PHE C 51 10.58 9.16 -30.98
CA PHE C 51 11.97 9.57 -30.91
C PHE C 51 12.75 8.64 -29.98
N GLU C 52 14.07 8.71 -30.06
CA GLU C 52 14.92 7.84 -29.27
C GLU C 52 14.63 7.99 -27.77
N THR C 53 14.41 9.22 -27.32
CA THR C 53 14.22 9.51 -25.90
C THR C 53 12.77 9.68 -25.47
N ASP C 54 12.45 9.12 -24.31
CA ASP C 54 11.13 9.16 -23.68
C ASP C 54 11.12 10.35 -22.74
N VAL C 55 10.42 11.43 -23.11
CA VAL C 55 10.47 12.67 -22.32
C VAL C 55 9.87 12.50 -20.93
N ILE C 56 8.92 11.59 -20.80
CA ILE C 56 8.34 11.31 -19.49
C ILE C 56 9.36 10.61 -18.62
N SER C 57 9.95 9.53 -19.14
CA SER C 57 11.06 8.88 -18.44
C SER C 57 12.12 9.91 -18.07
N GLY C 58 12.68 10.57 -19.09
CA GLY C 58 13.78 11.51 -18.94
C GLY C 58 13.61 12.51 -17.80
N ILE C 59 12.47 13.19 -17.76
CA ILE C 59 12.25 14.25 -16.77
C ILE C 59 12.18 13.72 -15.32
N TYR C 60 11.65 12.51 -15.15
CA TYR C 60 11.71 11.86 -13.84
C TYR C 60 13.11 11.31 -13.57
N ASP C 61 13.69 10.61 -14.56
CA ASP C 61 15.03 10.02 -14.42
C ASP C 61 16.12 11.04 -14.10
N THR C 62 15.88 12.30 -14.46
CA THR C 62 16.84 13.38 -14.26
C THR C 62 17.00 13.76 -12.79
N GLN C 63 15.86 13.93 -12.10
CA GLN C 63 15.83 14.23 -10.66
C GLN C 63 16.46 13.11 -9.82
N ASN C 64 17.25 12.25 -10.46
CA ASN C 64 18.10 11.27 -9.79
C ASN C 64 19.19 11.92 -8.92
N ARG C 65 19.47 13.19 -9.18
CA ARG C 65 20.48 13.98 -8.48
C ARG C 65 20.17 14.15 -6.99
N VAL C 73 25.03 18.27 -11.09
CA VAL C 73 23.84 18.48 -10.27
C VAL C 73 23.23 19.89 -10.31
N ASP C 74 23.69 20.69 -11.28
CA ASP C 74 23.03 21.93 -11.70
C ASP C 74 23.05 21.95 -13.24
N ASP C 75 23.57 20.86 -13.82
CA ASP C 75 23.32 20.51 -15.21
C ASP C 75 21.94 19.84 -15.33
N ALA C 76 21.46 19.29 -14.22
CA ALA C 76 20.13 18.71 -14.14
C ALA C 76 19.04 19.75 -14.37
N ALA C 77 19.24 20.94 -13.81
CA ALA C 77 18.33 22.06 -14.03
C ALA C 77 18.24 22.44 -15.51
N LEU C 78 19.38 22.41 -16.20
CA LEU C 78 19.43 22.66 -17.63
C LEU C 78 18.74 21.53 -18.41
N ILE C 79 18.97 20.28 -17.99
CA ILE C 79 18.35 19.13 -18.64
C ILE C 79 16.83 19.04 -18.47
N THR C 80 16.31 19.27 -17.26
CA THR C 80 14.86 19.18 -17.04
C THR C 80 14.10 20.26 -17.79
N ALA C 81 14.74 21.41 -17.96
CA ALA C 81 14.12 22.50 -18.70
C ALA C 81 14.02 22.13 -20.17
N HIS C 82 15.03 21.41 -20.65
CA HIS C 82 15.03 20.95 -22.04
C HIS C 82 13.94 19.92 -22.25
N TYR C 83 13.81 18.99 -21.30
CA TYR C 83 12.69 18.04 -21.30
C TYR C 83 11.37 18.78 -21.31
N GLN C 84 11.22 19.76 -20.43
CA GLN C 84 10.00 20.56 -20.41
C GLN C 84 9.72 21.28 -21.75
N SER C 85 10.77 21.58 -22.51
CA SER C 85 10.62 22.09 -23.87
C SER C 85 10.10 21.02 -24.82
N ARG C 86 10.48 19.77 -24.59
CA ARG C 86 10.04 18.67 -25.44
C ARG C 86 8.58 18.26 -25.22
N PHE C 87 8.02 18.63 -24.08
CA PHE C 87 6.59 18.40 -23.82
C PHE C 87 5.75 19.34 -24.66
N THR C 88 6.29 20.53 -24.89
CA THR C 88 5.65 21.62 -25.62
C THR C 88 5.48 21.33 -27.11
N THR C 89 6.54 20.88 -27.77
CA THR C 89 6.55 20.75 -29.24
C THR C 89 5.25 20.28 -29.88
N PRO C 90 4.72 19.10 -29.53
CA PRO C 90 3.52 18.62 -30.22
C PRO C 90 2.28 19.50 -29.96
N TYR C 91 2.25 20.24 -28.86
CA TYR C 91 1.18 21.23 -28.67
C TYR C 91 1.31 22.38 -29.63
N LEU C 92 2.53 22.89 -29.81
CA LEU C 92 2.75 23.96 -30.77
C LEU C 92 2.37 23.54 -32.20
N ILE C 93 2.60 22.27 -32.51
CA ILE C 93 2.33 21.77 -33.86
C ILE C 93 0.84 21.64 -34.06
N LEU C 94 0.15 21.17 -33.02
CA LEU C 94 -1.30 21.06 -33.08
C LEU C 94 -1.86 22.46 -33.19
N HIS C 95 -1.47 23.32 -32.26
CA HIS C 95 -1.92 24.70 -32.27
C HIS C 95 -1.72 25.39 -33.64
N ASP C 96 -0.52 25.26 -34.22
CA ASP C 96 -0.27 25.81 -35.55
C ASP C 96 -1.18 25.20 -36.63
N HIS C 97 -1.46 23.91 -36.52
CA HIS C 97 -2.30 23.26 -37.50
C HIS C 97 -3.77 23.74 -37.42
N THR C 98 -4.31 23.88 -36.21
CA THR C 98 -5.76 24.12 -36.02
C THR C 98 -6.22 25.56 -35.83
N CYS C 99 -5.32 26.45 -35.45
CA CYS C 99 -5.74 27.79 -34.98
C CYS C 99 -6.44 28.66 -36.03
N THR C 100 -6.30 28.35 -37.31
CA THR C 100 -7.04 29.12 -38.32
C THR C 100 -8.44 28.57 -38.61
N LEU C 101 -8.70 27.36 -38.13
CA LEU C 101 -9.90 26.61 -38.53
C LEU C 101 -11.15 26.89 -37.71
N PHE C 102 -10.97 27.33 -36.47
CA PHE C 102 -12.08 27.50 -35.52
C PHE C 102 -13.08 28.60 -35.91
N GLY C 103 -12.60 29.62 -36.64
CA GLY C 103 -13.43 30.69 -37.14
C GLY C 103 -13.45 31.87 -36.20
N GLY C 104 -14.26 32.87 -36.52
CA GLY C 104 -14.36 34.10 -35.74
C GLY C 104 -15.72 34.31 -35.10
N ASN C 105 -16.06 35.57 -34.86
CA ASN C 105 -17.34 35.97 -34.24
C ASN C 105 -17.60 35.26 -32.90
N SER C 106 -16.57 35.21 -32.06
CA SER C 106 -16.64 34.57 -30.76
C SER C 106 -17.68 35.27 -29.89
N LEU C 107 -18.60 34.49 -29.34
CA LEU C 107 -19.66 35.02 -28.51
C LEU C 107 -20.19 33.92 -27.58
N GLN C 108 -20.77 34.30 -26.45
CA GLN C 108 -21.43 33.32 -25.59
C GLN C 108 -22.91 33.22 -26.01
N ARG C 109 -23.28 32.09 -26.61
CA ARG C 109 -24.55 31.96 -27.33
C ARG C 109 -25.65 31.17 -26.60
N GLY C 110 -25.25 30.37 -25.61
CA GLY C 110 -26.20 29.61 -24.81
C GLY C 110 -26.80 28.41 -25.49
N THR C 111 -26.36 28.17 -26.72
CA THR C 111 -26.91 27.10 -27.55
C THR C 111 -25.96 25.92 -27.67
N GLN C 112 -26.51 24.76 -28.02
CA GLN C 112 -25.71 23.61 -28.40
C GLN C 112 -25.11 23.88 -29.79
N PRO C 113 -23.79 23.74 -29.89
CA PRO C 113 -23.09 24.06 -31.13
C PRO C 113 -23.32 22.99 -32.21
N ASP C 114 -22.90 23.28 -33.43
CA ASP C 114 -22.92 22.28 -34.48
C ASP C 114 -21.84 21.22 -34.21
N LEU C 115 -20.72 21.66 -33.63
CA LEU C 115 -19.54 20.81 -33.42
C LEU C 115 -18.76 21.17 -32.14
N THR C 116 -18.35 20.13 -31.39
CA THR C 116 -17.61 20.31 -30.13
C THR C 116 -16.22 19.65 -30.17
N LEU C 117 -15.22 20.44 -29.84
CA LEU C 117 -13.85 19.97 -29.82
C LEU C 117 -13.31 19.90 -28.42
N VAL C 118 -12.82 18.72 -28.03
CA VAL C 118 -12.22 18.55 -26.72
C VAL C 118 -10.75 18.25 -26.91
N PHE C 119 -9.92 19.16 -26.42
CA PHE C 119 -8.46 19.03 -26.46
C PHE C 119 -7.99 18.63 -25.07
N ASP C 120 -7.21 17.57 -25.03
CA ASP C 120 -6.52 17.17 -23.82
C ASP C 120 -5.35 18.11 -23.54
N ARG C 121 -5.60 19.10 -22.69
CA ARG C 121 -4.64 20.15 -22.33
C ARG C 121 -4.52 21.28 -23.36
N HIS C 122 -4.13 22.45 -22.86
CA HIS C 122 -3.84 23.66 -23.64
C HIS C 122 -2.32 23.87 -23.59
N PRO C 123 -1.71 24.45 -24.64
CA PRO C 123 -0.27 24.76 -24.60
C PRO C 123 0.19 25.41 -23.29
N VAL C 124 -0.74 26.05 -22.57
CA VAL C 124 -0.44 26.73 -21.30
C VAL C 124 0.13 25.78 -20.22
N ALA C 125 -0.19 24.49 -20.34
CA ALA C 125 0.23 23.46 -19.41
C ALA C 125 1.73 23.23 -19.44
N SER C 126 2.23 22.98 -20.65
CA SER C 126 3.65 22.70 -20.85
C SER C 126 4.48 23.96 -21.05
N THR C 127 3.84 25.12 -21.24
CA THR C 127 4.59 26.38 -21.38
C THR C 127 4.59 27.27 -20.14
N VAL C 128 3.56 27.18 -19.31
CA VAL C 128 3.49 28.04 -18.13
C VAL C 128 3.37 27.23 -16.83
N CYS C 129 2.36 26.37 -16.75
CA CYS C 129 2.06 25.67 -15.48
C CYS C 129 3.15 24.68 -14.97
N PHE C 130 3.54 23.72 -15.79
CA PHE C 130 4.58 22.77 -15.41
C PHE C 130 5.92 23.45 -15.14
N PRO C 131 6.41 24.32 -16.04
CA PRO C 131 7.63 25.06 -15.74
C PRO C 131 7.49 25.86 -14.43
N ALA C 132 6.39 26.59 -14.27
CA ALA C 132 6.10 27.29 -13.00
C ALA C 132 6.13 26.36 -11.77
N ALA C 133 5.54 25.17 -11.89
CA ALA C 133 5.62 24.22 -10.80
C ALA C 133 7.07 23.88 -10.52
N ARG C 134 7.82 23.55 -11.57
CA ARG C 134 9.20 23.10 -11.43
C ARG C 134 10.13 24.19 -10.88
N TYR C 135 9.97 25.43 -11.35
CA TYR C 135 10.74 26.56 -10.82
C TYR C 135 10.43 26.78 -9.35
N LEU C 136 9.18 26.64 -8.97
CA LEU C 136 8.81 26.84 -7.58
C LEU C 136 9.54 25.84 -6.66
N LEU C 137 9.66 24.59 -7.10
CA LEU C 137 10.37 23.58 -6.33
C LEU C 137 11.90 23.69 -6.40
N GLY C 138 12.42 24.51 -7.32
CA GLY C 138 13.87 24.64 -7.50
C GLY C 138 14.51 23.64 -8.45
N ASP C 139 13.70 23.01 -9.30
CA ASP C 139 14.20 22.10 -10.32
C ASP C 139 14.47 22.83 -11.65
N MET C 140 14.28 24.14 -11.65
CA MET C 140 14.42 25.00 -12.82
C MET C 140 14.66 26.41 -12.36
N SER C 141 15.30 27.21 -13.20
CA SER C 141 15.55 28.61 -12.87
C SER C 141 14.52 29.57 -13.48
N MET C 142 14.59 30.85 -13.07
CA MET C 142 13.79 31.92 -13.65
C MET C 142 14.08 32.08 -15.15
N CYS C 143 15.36 32.12 -15.50
CA CYS C 143 15.79 32.18 -16.88
C CYS C 143 15.20 31.06 -17.73
N ALA C 144 15.12 29.86 -17.16
CA ALA C 144 14.48 28.73 -17.83
C ALA C 144 12.96 28.93 -17.96
N LEU C 145 12.34 29.44 -16.89
CA LEU C 145 10.91 29.66 -16.87
C LEU C 145 10.49 30.64 -17.95
N MET C 146 11.24 31.75 -18.07
CA MET C 146 11.03 32.79 -19.09
C MET C 146 11.16 32.28 -20.51
N ALA C 147 12.10 31.35 -20.75
CA ALA C 147 12.23 30.70 -22.04
C ALA C 147 10.94 29.97 -22.39
N MET C 148 10.42 29.18 -21.45
CA MET C 148 9.16 28.48 -21.64
C MET C 148 8.02 29.44 -21.90
N VAL C 149 7.84 30.40 -21.00
CA VAL C 149 6.69 31.30 -21.02
C VAL C 149 6.60 32.10 -22.31
N ALA C 150 7.75 32.45 -22.88
CA ALA C 150 7.77 33.24 -24.11
C ALA C 150 7.24 32.43 -25.28
N THR C 151 7.33 31.11 -25.19
CA THR C 151 6.86 30.26 -26.28
C THR C 151 5.39 29.92 -26.18
N LEU C 152 4.68 30.48 -25.21
CA LEU C 152 3.23 30.39 -25.23
C LEU C 152 2.73 31.09 -26.50
N PRO C 153 1.89 30.42 -27.28
CA PRO C 153 1.27 31.07 -28.45
C PRO C 153 -0.01 31.84 -28.09
N ARG C 154 -0.41 32.73 -29.00
CA ARG C 154 -1.61 33.53 -28.78
C ARG C 154 -2.85 32.74 -29.13
N GLU C 155 -3.75 32.60 -28.16
CA GLU C 155 -5.00 31.89 -28.40
C GLU C 155 -5.91 32.82 -29.17
N PRO C 156 -6.33 32.39 -30.36
CA PRO C 156 -7.25 33.20 -31.15
C PRO C 156 -8.61 33.25 -30.43
N GLN C 157 -9.51 34.15 -30.83
CA GLN C 157 -10.78 34.26 -30.13
C GLN C 157 -11.50 32.91 -30.07
N GLY C 158 -12.17 32.65 -28.95
CA GLY C 158 -13.01 31.48 -28.85
C GLY C 158 -12.63 30.41 -27.83
N GLY C 159 -11.43 30.43 -27.30
CA GLY C 159 -10.97 29.36 -26.43
C GLY C 159 -11.71 29.25 -25.10
N ASN C 160 -11.92 28.02 -24.65
CA ASN C 160 -12.48 27.75 -23.32
C ASN C 160 -11.60 26.72 -22.63
N ILE C 161 -11.01 27.09 -21.49
CA ILE C 161 -10.26 26.13 -20.72
C ILE C 161 -11.10 25.68 -19.53
N VAL C 162 -11.22 24.37 -19.35
CA VAL C 162 -11.81 23.81 -18.15
C VAL C 162 -10.71 23.19 -17.29
N VAL C 163 -10.46 23.78 -16.13
CA VAL C 163 -9.48 23.27 -15.19
C VAL C 163 -10.16 22.24 -14.29
N THR C 164 -9.68 21.01 -14.35
CA THR C 164 -10.25 19.92 -13.57
C THR C 164 -9.69 19.91 -12.15
N THR C 165 -10.54 19.48 -11.22
CA THR C 165 -10.23 19.47 -9.80
C THR C 165 -10.72 18.17 -9.16
N LEU C 166 -10.20 17.89 -7.97
CA LEU C 166 -10.48 16.69 -7.24
C LEU C 166 -10.00 16.87 -5.80
N ASN C 167 -10.82 16.46 -4.83
CA ASN C 167 -10.39 16.39 -3.44
C ASN C 167 -9.09 15.60 -3.36
N VAL C 168 -8.21 16.00 -2.45
CA VAL C 168 -6.89 15.39 -2.34
C VAL C 168 -6.97 13.87 -2.12
N GLU C 169 -7.94 13.44 -1.33
CA GLU C 169 -8.09 12.03 -0.95
C GLU C 169 -8.34 11.10 -2.14
N GLU C 170 -9.16 11.55 -3.09
CA GLU C 170 -9.44 10.77 -4.31
C GLU C 170 -8.30 10.87 -5.32
N HIS C 171 -7.62 12.02 -5.33
CA HIS C 171 -6.46 12.23 -6.18
C HIS C 171 -5.34 11.23 -5.87
N ILE C 172 -4.98 11.12 -4.59
CA ILE C 172 -3.95 10.19 -4.17
C ILE C 172 -4.38 8.77 -4.51
N ARG C 173 -5.68 8.51 -4.37
CA ARG C 173 -6.22 7.18 -4.63
C ARG C 173 -6.04 6.81 -6.10
N ARG C 174 -6.53 7.67 -6.99
CA ARG C 174 -6.36 7.49 -8.43
C ARG C 174 -4.89 7.41 -8.89
N LEU C 175 -3.99 8.07 -8.17
CA LEU C 175 -2.55 8.06 -8.49
C LEU C 175 -1.86 6.74 -8.15
N ARG C 176 -2.21 6.17 -7.00
CA ARG C 176 -1.68 4.88 -6.55
C ARG C 176 -2.27 3.73 -7.37
N THR C 177 -3.59 3.81 -7.65
CA THR C 177 -4.32 2.75 -8.35
C THR C 177 -4.09 2.79 -9.84
N ARG C 178 -2.81 2.77 -10.24
CA ARG C 178 -2.39 2.99 -11.62
C ARG C 178 -1.00 2.38 -11.87
N ALA C 179 -0.04 2.76 -11.02
CA ALA C 179 1.37 2.36 -11.14
C ALA C 179 1.73 1.15 -10.26
N ARG C 180 3.04 0.97 -9.99
CA ARG C 180 3.52 -0.11 -9.13
C ARG C 180 4.21 0.40 -7.86
N GLU C 183 8.42 2.23 -7.59
CA GLU C 183 7.88 3.52 -7.96
C GLU C 183 7.25 4.27 -6.78
N GLN C 184 7.49 5.57 -6.74
CA GLN C 184 6.91 6.47 -5.73
C GLN C 184 6.24 7.66 -6.42
N ILE C 185 5.09 8.07 -5.90
CA ILE C 185 4.44 9.29 -6.37
C ILE C 185 5.29 10.49 -5.95
N ASP C 186 5.40 11.47 -6.85
CA ASP C 186 6.09 12.72 -6.56
C ASP C 186 5.14 13.70 -5.85
N ILE C 187 4.85 13.43 -4.59
CA ILE C 187 3.82 14.14 -3.81
C ILE C 187 3.92 15.66 -3.83
N THR C 188 5.15 16.18 -3.83
CA THR C 188 5.33 17.62 -3.75
C THR C 188 5.17 18.34 -5.09
N LEU C 189 5.49 17.65 -6.18
CA LEU C 189 5.25 18.19 -7.51
C LEU C 189 3.75 18.35 -7.70
N ILE C 190 2.99 17.36 -7.26
CA ILE C 190 1.53 17.34 -7.38
C ILE C 190 0.87 18.43 -6.54
N ALA C 191 1.48 18.74 -5.40
CA ALA C 191 0.99 19.80 -4.54
C ALA C 191 1.21 21.18 -5.17
N THR C 192 2.43 21.45 -5.63
CA THR C 192 2.75 22.69 -6.34
C THR C 192 1.89 22.87 -7.59
N LEU C 193 1.76 21.82 -8.38
CA LEU C 193 0.90 21.86 -9.56
C LEU C 193 -0.55 22.18 -9.24
N ARG C 194 -1.02 21.76 -8.06
CA ARG C 194 -2.40 22.05 -7.66
C ARG C 194 -2.61 23.55 -7.48
N ASN C 195 -1.66 24.20 -6.80
CA ASN C 195 -1.67 25.65 -6.57
C ASN C 195 -1.50 26.44 -7.88
N VAL C 196 -0.55 26.02 -8.71
CA VAL C 196 -0.24 26.71 -9.95
C VAL C 196 -1.50 26.83 -10.79
N TYR C 197 -2.26 25.74 -10.88
CA TYR C 197 -3.51 25.76 -11.63
C TYR C 197 -4.61 26.64 -11.01
N PHE C 198 -4.66 26.73 -9.69
CA PHE C 198 -5.54 27.70 -9.06
C PHE C 198 -5.10 29.10 -9.47
N MET C 199 -3.80 29.39 -9.31
CA MET C 199 -3.17 30.62 -9.81
C MET C 199 -3.59 30.97 -11.25
N LEU C 200 -3.54 29.97 -12.15
CA LEU C 200 -3.97 30.15 -13.53
C LEU C 200 -5.45 30.50 -13.62
N VAL C 201 -6.29 29.76 -12.91
CA VAL C 201 -7.70 30.11 -12.85
C VAL C 201 -7.87 31.53 -12.31
N ASN C 202 -7.17 31.88 -11.24
CA ASN C 202 -7.33 33.23 -10.68
C ASN C 202 -6.82 34.32 -11.61
N THR C 203 -5.79 34.00 -12.39
CA THR C 203 -5.21 34.90 -13.35
C THR C 203 -6.26 35.35 -14.34
N CYS C 204 -7.07 34.40 -14.78
CA CYS C 204 -8.14 34.66 -15.74
C CYS C 204 -9.29 35.45 -15.14
N HIS C 205 -9.62 35.19 -13.88
CA HIS C 205 -10.64 35.97 -13.21
C HIS C 205 -10.13 37.41 -13.04
N PHE C 206 -8.85 37.54 -12.71
CA PHE C 206 -8.14 38.81 -12.59
C PHE C 206 -8.19 39.64 -13.88
N LEU C 207 -7.90 39.02 -15.02
CA LEU C 207 -7.94 39.74 -16.29
C LEU C 207 -9.40 40.04 -16.72
N ARG C 208 -10.29 39.09 -16.48
CA ARG C 208 -11.73 39.25 -16.72
C ARG C 208 -12.35 40.40 -15.92
N SER C 209 -11.87 40.64 -14.70
CA SER C 209 -12.39 41.71 -13.87
C SER C 209 -11.85 43.07 -14.26
N GLY C 210 -11.20 43.15 -15.42
CA GLY C 210 -10.64 44.40 -15.91
C GLY C 210 -9.29 44.85 -15.38
N ARG C 211 -8.72 44.13 -14.41
CA ARG C 211 -7.41 44.48 -13.87
C ARG C 211 -6.23 43.99 -14.74
N VAL C 212 -5.09 44.68 -14.68
CA VAL C 212 -3.89 44.28 -15.40
C VAL C 212 -2.76 43.98 -14.41
N TRP C 213 -1.72 43.28 -14.85
CA TRP C 213 -0.66 42.81 -13.94
C TRP C 213 -0.03 43.90 -13.04
N ARG C 214 -0.07 45.16 -13.46
CA ARG C 214 0.52 46.26 -12.69
C ARG C 214 -0.36 46.71 -11.50
N ASP C 215 -1.65 46.35 -11.49
CA ASP C 215 -2.55 46.71 -10.39
C ASP C 215 -2.23 45.88 -9.15
N GLY C 216 -1.60 46.51 -8.16
CA GLY C 216 -1.20 45.85 -6.94
C GLY C 216 0.28 45.50 -6.89
N TRP C 217 1.01 45.77 -7.97
CA TRP C 217 2.40 45.35 -8.11
C TRP C 217 3.31 46.01 -7.08
N GLY C 218 3.13 47.32 -6.92
CA GLY C 218 3.96 48.10 -6.02
C GLY C 218 3.80 47.63 -4.58
N GLU C 219 2.56 47.35 -4.19
CA GLU C 219 2.27 46.87 -2.83
C GLU C 219 2.59 45.39 -2.62
N LEU C 220 2.65 44.62 -3.72
CA LEU C 220 2.95 43.19 -3.67
C LEU C 220 4.33 42.95 -3.10
N PRO C 221 4.42 42.14 -2.05
CA PRO C 221 5.70 41.74 -1.46
C PRO C 221 6.53 40.96 -2.47
N THR C 222 7.82 41.26 -2.60
CA THR C 222 8.67 40.54 -3.55
C THR C 222 8.73 39.06 -3.18
N SER C 223 8.80 38.19 -4.19
CA SER C 223 8.58 36.76 -3.99
C SER C 223 9.89 36.01 -3.78
N CYS C 224 10.04 35.40 -2.61
CA CYS C 224 11.29 34.75 -2.23
C CYS C 224 11.08 33.33 -1.73
N GLY C 225 12.04 32.83 -0.96
CA GLY C 225 11.98 31.49 -0.39
C GLY C 225 10.73 31.17 0.40
N ALA C 226 10.22 32.16 1.14
CA ALA C 226 8.99 31.96 1.93
C ALA C 226 7.76 31.79 1.03
N TYR C 227 7.65 32.66 0.02
CA TYR C 227 6.56 32.60 -0.96
C TYR C 227 6.65 31.30 -1.75
N LYS C 228 7.84 30.98 -2.24
CA LYS C 228 8.07 29.80 -3.05
C LYS C 228 7.77 28.52 -2.27
N HIS C 229 8.09 28.50 -0.97
CA HIS C 229 7.83 27.33 -0.16
C HIS C 229 6.34 27.17 0.12
N ARG C 230 5.63 28.28 0.28
CA ARG C 230 4.20 28.24 0.52
C ARG C 230 3.46 27.65 -0.69
N ALA C 231 4.04 27.87 -1.87
CA ALA C 231 3.45 27.48 -3.15
C ALA C 231 3.46 25.97 -3.36
N THR C 232 4.22 25.28 -2.52
CA THR C 232 4.36 23.83 -2.59
C THR C 232 3.47 23.13 -1.55
N GLN C 233 2.88 23.92 -0.66
CA GLN C 233 2.10 23.39 0.46
C GLN C 233 0.65 23.13 0.06
N MET C 234 0.14 21.99 0.48
CA MET C 234 -1.23 21.56 0.19
C MET C 234 -2.26 22.66 0.46
N ASP C 235 -3.10 22.90 -0.56
CA ASP C 235 -4.21 23.88 -0.55
C ASP C 235 -3.87 25.31 -0.06
N ALA C 236 -2.66 25.75 -0.36
CA ALA C 236 -2.24 27.14 -0.05
C ALA C 236 -2.98 28.17 -0.94
N PHE C 237 -3.47 27.69 -2.08
CA PHE C 237 -4.19 28.52 -3.03
C PHE C 237 -5.57 27.92 -3.31
N GLN C 238 -6.54 28.78 -3.57
CA GLN C 238 -7.88 28.35 -3.95
C GLN C 238 -8.41 29.28 -5.03
N GLU C 239 -9.47 28.85 -5.69
CA GLU C 239 -10.12 29.68 -6.70
C GLU C 239 -10.88 30.83 -6.05
N ARG C 240 -10.49 32.04 -6.41
CA ARG C 240 -11.20 33.25 -6.01
C ARG C 240 -11.70 33.91 -7.28
N VAL C 241 -12.95 34.35 -7.27
CA VAL C 241 -13.51 35.06 -8.43
C VAL C 241 -13.11 36.54 -8.40
N SER C 242 -12.85 37.07 -7.20
CA SER C 242 -12.27 38.40 -7.04
C SER C 242 -10.86 38.32 -6.46
N PRO C 243 -9.89 37.87 -7.26
CA PRO C 243 -8.56 37.54 -6.77
C PRO C 243 -7.67 38.76 -6.60
N GLU C 244 -6.68 38.62 -5.73
CA GLU C 244 -5.65 39.64 -5.59
C GLU C 244 -4.40 39.21 -6.36
N LEU C 245 -3.59 40.18 -6.79
CA LEU C 245 -2.39 39.90 -7.57
C LEU C 245 -1.59 38.74 -7.01
N GLY C 246 -1.51 38.63 -5.68
CA GLY C 246 -0.84 37.52 -5.01
C GLY C 246 -1.43 36.15 -5.29
N ASP C 247 -2.70 36.11 -5.66
CA ASP C 247 -3.40 34.88 -6.04
C ASP C 247 -3.19 34.50 -7.51
N THR C 248 -2.39 35.28 -8.24
CA THR C 248 -2.25 35.08 -9.69
C THR C 248 -0.84 34.64 -10.11
N LEU C 249 -0.67 34.30 -11.38
CA LEU C 249 0.62 33.86 -11.90
C LEU C 249 1.65 34.99 -12.01
N PHE C 250 1.16 36.22 -12.15
CA PHE C 250 2.03 37.41 -12.26
C PHE C 250 2.88 37.62 -11.03
N ALA C 251 2.38 37.18 -9.89
CA ALA C 251 3.00 37.41 -8.59
C ALA C 251 4.35 36.72 -8.45
N LEU C 252 4.56 35.61 -9.13
CA LEU C 252 5.82 34.90 -8.96
C LEU C 252 6.98 35.56 -9.73
N PHE C 253 6.64 36.50 -10.61
CA PHE C 253 7.63 37.22 -11.42
C PHE C 253 8.30 38.39 -10.72
N LYS C 254 7.81 38.76 -9.54
CA LYS C 254 8.41 39.83 -8.75
C LYS C 254 9.56 39.24 -7.93
N THR C 255 10.70 39.09 -8.59
CA THR C 255 11.89 38.55 -7.96
C THR C 255 13.07 39.46 -8.21
N GLN C 256 14.00 39.52 -7.27
CA GLN C 256 15.24 40.26 -7.46
C GLN C 256 15.90 39.94 -8.82
N GLU C 257 15.92 38.66 -9.21
CA GLU C 257 16.46 38.23 -10.50
C GLU C 257 15.97 39.01 -11.75
N LEU C 258 14.73 39.53 -11.68
CA LEU C 258 14.12 40.27 -12.79
C LEU C 258 14.09 41.79 -12.55
N LEU C 259 14.35 42.18 -11.30
CA LEU C 259 14.30 43.59 -10.91
C LEU C 259 15.66 44.24 -11.12
N ASP C 260 15.73 45.55 -10.87
CA ASP C 260 16.99 46.29 -11.02
C ASP C 260 17.53 46.78 -9.67
N ASP C 261 18.67 47.48 -9.71
CA ASP C 261 19.32 48.03 -8.51
C ASP C 261 18.34 48.64 -7.51
N ARG C 262 17.28 49.27 -8.01
CA ARG C 262 16.31 49.97 -7.15
C ARG C 262 14.93 49.29 -6.98
N GLY C 263 14.88 47.96 -7.18
CA GLY C 263 13.64 47.20 -7.04
C GLY C 263 12.57 47.35 -8.12
N VAL C 264 12.94 47.96 -9.26
CA VAL C 264 12.04 48.13 -10.40
C VAL C 264 12.28 47.08 -11.50
N ILE C 265 11.18 46.57 -12.05
CA ILE C 265 11.23 45.58 -13.12
C ILE C 265 11.80 46.17 -14.42
N LEU C 266 12.82 45.52 -14.97
CA LEU C 266 13.38 45.89 -16.26
C LEU C 266 12.28 45.89 -17.31
N GLU C 267 12.27 46.90 -18.18
CA GLU C 267 11.23 47.01 -19.22
C GLU C 267 11.08 45.77 -20.12
N VAL C 268 12.20 45.10 -20.43
CA VAL C 268 12.13 43.93 -21.29
C VAL C 268 11.34 42.79 -20.62
N HIS C 269 11.45 42.68 -19.30
CA HIS C 269 10.72 41.66 -18.53
C HIS C 269 9.25 42.04 -18.42
N ALA C 270 9.00 43.33 -18.23
CA ALA C 270 7.66 43.88 -18.23
C ALA C 270 6.95 43.53 -19.53
N TRP C 271 7.67 43.64 -20.65
CA TRP C 271 7.15 43.24 -21.98
C TRP C 271 6.73 41.78 -21.97
N ALA C 272 7.54 40.93 -21.36
CA ALA C 272 7.23 39.51 -21.27
C ALA C 272 5.93 39.26 -20.50
N LEU C 273 5.68 40.11 -19.48
CA LEU C 273 4.44 40.03 -18.71
C LEU C 273 3.24 40.53 -19.49
N ASP C 274 3.41 41.61 -20.26
CA ASP C 274 2.36 42.11 -21.14
C ASP C 274 1.93 41.02 -22.12
N ALA C 275 2.92 40.35 -22.72
CA ALA C 275 2.67 39.30 -23.71
C ALA C 275 1.88 38.17 -23.08
N LEU C 276 2.38 37.66 -21.96
CA LEU C 276 1.69 36.61 -21.20
C LEU C 276 0.25 37.03 -20.93
N MET C 277 0.08 38.26 -20.44
CA MET C 277 -1.24 38.82 -20.21
C MET C 277 -2.11 38.83 -21.48
N LEU C 278 -1.56 39.32 -22.58
CA LEU C 278 -2.25 39.33 -23.87
C LEU C 278 -2.77 37.96 -24.29
N LYS C 279 -1.90 36.94 -24.16
CA LYS C 279 -2.15 35.61 -24.71
C LYS C 279 -3.21 34.85 -23.94
N LEU C 280 -3.32 35.15 -22.65
CA LEU C 280 -4.22 34.44 -21.76
C LEU C 280 -5.62 35.00 -21.85
N ARG C 281 -5.72 36.27 -22.27
CA ARG C 281 -6.95 37.08 -22.16
C ARG C 281 -8.13 36.52 -22.95
N ASN C 282 -7.81 35.73 -23.97
CA ASN C 282 -8.80 35.14 -24.85
C ASN C 282 -9.28 33.75 -24.43
N LEU C 283 -9.05 33.40 -23.18
CA LEU C 283 -9.47 32.11 -22.65
C LEU C 283 -10.60 32.30 -21.63
N ASN C 284 -11.76 31.74 -21.96
CA ASN C 284 -12.91 31.67 -21.07
C ASN C 284 -12.67 30.54 -20.08
N VAL C 285 -12.59 30.89 -18.80
CA VAL C 285 -12.13 29.94 -17.80
C VAL C 285 -13.27 29.35 -16.95
N PHE C 286 -13.10 28.10 -16.54
CA PHE C 286 -14.11 27.35 -15.81
C PHE C 286 -13.42 26.33 -14.94
N SER C 287 -14.13 25.84 -13.93
CA SER C 287 -13.68 24.69 -13.16
C SER C 287 -14.68 23.54 -13.27
N ALA C 288 -14.21 22.32 -13.01
CA ALA C 288 -15.09 21.16 -12.92
C ALA C 288 -14.45 20.18 -11.96
N ASP C 289 -15.25 19.67 -11.03
CA ASP C 289 -14.79 18.63 -10.11
C ASP C 289 -14.97 17.28 -10.79
N LEU C 290 -13.99 16.40 -10.63
CA LEU C 290 -14.07 15.08 -11.27
C LEU C 290 -14.29 13.93 -10.27
N SER C 291 -15.05 14.22 -9.19
CA SER C 291 -15.43 13.23 -8.17
C SER C 291 -16.14 11.97 -8.69
N GLY C 292 -17.06 12.15 -9.62
CA GLY C 292 -17.89 11.05 -10.07
C GLY C 292 -17.20 10.06 -11.00
N THR C 293 -18.01 9.21 -11.61
CA THR C 293 -17.54 8.26 -12.61
C THR C 293 -17.31 9.00 -13.95
N PRO C 294 -16.53 8.43 -14.88
CA PRO C 294 -16.30 9.04 -16.20
C PRO C 294 -17.52 9.72 -16.85
N ARG C 295 -18.64 9.01 -16.98
CA ARG C 295 -19.87 9.61 -17.55
C ARG C 295 -20.40 10.81 -16.76
N GLN C 296 -20.34 10.76 -15.44
CA GLN C 296 -20.76 11.89 -14.60
C GLN C 296 -19.80 13.08 -14.74
N CYS C 297 -18.51 12.76 -14.85
CA CYS C 297 -17.46 13.74 -15.08
C CYS C 297 -17.71 14.43 -16.40
N ALA C 298 -18.06 13.64 -17.41
CA ALA C 298 -18.40 14.17 -18.73
C ALA C 298 -19.63 15.06 -18.61
N ALA C 299 -20.55 14.69 -17.72
CA ALA C 299 -21.83 15.38 -17.60
C ALA C 299 -21.64 16.77 -17.03
N VAL C 300 -20.68 16.89 -16.12
CA VAL C 300 -20.33 18.14 -15.45
C VAL C 300 -19.73 19.10 -16.48
N VAL C 301 -18.74 18.61 -17.23
CA VAL C 301 -18.08 19.40 -18.25
C VAL C 301 -19.08 19.82 -19.33
N GLU C 302 -19.98 18.91 -19.69
CA GLU C 302 -21.02 19.22 -20.68
C GLU C 302 -22.07 20.22 -20.19
N SER C 303 -22.31 20.28 -18.88
CA SER C 303 -23.27 21.24 -18.34
C SER C 303 -22.73 22.68 -18.39
N LEU C 304 -21.46 22.82 -18.75
CA LEU C 304 -20.80 24.12 -18.92
C LEU C 304 -20.98 24.71 -20.32
N LEU C 305 -21.20 23.86 -21.31
CA LEU C 305 -21.40 24.28 -22.71
C LEU C 305 -22.23 25.56 -22.89
N PRO C 306 -23.37 25.68 -22.20
CA PRO C 306 -24.22 26.88 -22.31
C PRO C 306 -23.55 28.21 -21.92
N LEU C 307 -22.52 28.16 -21.06
CA LEU C 307 -21.77 29.36 -20.67
C LEU C 307 -20.52 29.61 -21.52
N MET C 308 -20.23 28.70 -22.44
CA MET C 308 -18.94 28.73 -23.14
C MET C 308 -18.98 29.56 -24.41
N SER C 309 -17.81 30.03 -24.85
CA SER C 309 -17.72 30.76 -26.11
C SER C 309 -17.86 29.84 -27.29
N SER C 310 -18.50 30.33 -28.33
CA SER C 310 -18.58 29.59 -29.57
C SER C 310 -18.05 30.51 -30.66
N THR C 311 -17.70 29.90 -31.80
CA THR C 311 -17.22 30.62 -32.97
C THR C 311 -17.91 30.10 -34.21
N LEU C 312 -17.93 30.92 -35.25
CA LEU C 312 -18.51 30.56 -36.53
C LEU C 312 -17.42 30.16 -37.52
N SER C 313 -17.50 28.93 -38.02
CA SER C 313 -16.52 28.46 -38.99
C SER C 313 -17.25 27.83 -40.17
N ASP C 314 -16.68 27.87 -41.37
CA ASP C 314 -17.37 27.28 -42.51
C ASP C 314 -17.21 25.75 -42.57
N PHE C 315 -17.96 25.12 -43.47
CA PHE C 315 -18.02 23.65 -43.56
C PHE C 315 -16.67 23.03 -43.88
N ASP C 316 -15.92 23.69 -44.77
CA ASP C 316 -14.58 23.25 -45.15
C ASP C 316 -13.65 23.12 -43.93
N SER C 317 -13.65 24.12 -43.07
CA SER C 317 -12.82 24.11 -41.86
C SER C 317 -13.25 23.07 -40.81
N ALA C 318 -14.56 22.89 -40.64
CA ALA C 318 -15.09 21.84 -39.79
C ALA C 318 -14.61 20.47 -40.29
N SER C 319 -14.55 20.32 -41.61
CA SER C 319 -14.06 19.09 -42.22
C SER C 319 -12.58 18.86 -41.94
N ALA C 320 -11.80 19.93 -42.02
CA ALA C 320 -10.36 19.87 -41.76
C ALA C 320 -10.06 19.48 -40.31
N LEU C 321 -10.91 19.93 -39.39
CA LEU C 321 -10.78 19.59 -37.97
C LEU C 321 -11.07 18.10 -37.71
N GLU C 322 -12.09 17.57 -38.38
CA GLU C 322 -12.44 16.16 -38.27
C GLU C 322 -11.27 15.27 -38.71
N ARG C 323 -10.66 15.60 -39.85
CA ARG C 323 -9.48 14.87 -40.34
C ARG C 323 -8.32 14.98 -39.37
N ALA C 324 -8.01 16.22 -38.97
CA ALA C 324 -7.00 16.52 -37.96
C ALA C 324 -7.15 15.62 -36.74
N ALA C 325 -8.37 15.54 -36.22
CA ALA C 325 -8.68 14.72 -35.06
C ALA C 325 -8.43 13.23 -35.31
N ARG C 326 -8.89 12.74 -36.46
CA ARG C 326 -8.68 11.33 -36.81
C ARG C 326 -7.18 11.01 -36.90
N THR C 327 -6.45 11.86 -37.63
CA THR C 327 -5.00 11.77 -37.73
C THR C 327 -4.35 11.75 -36.35
N PHE C 328 -4.63 12.78 -35.55
CA PHE C 328 -4.02 12.89 -34.24
C PHE C 328 -4.28 11.65 -33.40
N ASN C 329 -5.52 11.16 -33.40
CA ASN C 329 -5.85 9.96 -32.64
C ASN C 329 -5.04 8.74 -33.12
N ALA C 330 -4.91 8.59 -34.43
CA ALA C 330 -4.16 7.49 -35.01
C ALA C 330 -2.67 7.58 -34.69
N GLU C 331 -2.09 8.75 -34.89
CA GLU C 331 -0.63 8.90 -34.85
C GLU C 331 -0.06 8.96 -33.43
N MET C 332 -0.85 9.48 -32.49
CA MET C 332 -0.39 9.73 -31.13
C MET C 332 -0.67 8.59 -30.14
N GLY C 333 -1.48 7.63 -30.55
CA GLY C 333 -1.85 6.54 -29.67
C GLY C 333 -0.67 5.73 -29.14
N VAL C 334 -0.86 5.15 -27.94
CA VAL C 334 0.11 4.23 -27.30
C VAL C 334 1.54 4.77 -27.27
N HIS D 3 -1.84 61.20 -38.07
CA HIS D 3 -1.93 59.72 -38.07
C HIS D 3 -1.44 59.21 -39.43
N MET D 4 -1.20 57.90 -39.52
CA MET D 4 -0.69 57.26 -40.74
C MET D 4 0.77 57.58 -41.13
N VAL D 5 1.59 56.55 -40.95
CA VAL D 5 3.02 56.58 -41.14
C VAL D 5 3.44 55.29 -41.88
N THR D 6 4.28 55.45 -42.89
CA THR D 6 4.81 54.33 -43.68
C THR D 6 6.14 53.78 -43.16
N ILE D 7 6.19 52.46 -42.95
CA ILE D 7 7.33 51.80 -42.32
C ILE D 7 7.91 50.69 -43.18
N VAL D 8 9.22 50.70 -43.39
CA VAL D 8 9.91 49.53 -43.90
C VAL D 8 10.65 48.89 -42.72
N ARG D 9 10.50 47.57 -42.56
CA ARG D 9 11.27 46.84 -41.55
C ARG D 9 12.19 45.81 -42.20
N ILE D 10 13.44 45.84 -41.76
CA ILE D 10 14.50 45.02 -42.34
C ILE D 10 15.09 44.20 -41.20
N TYR D 11 15.21 42.89 -41.39
CA TYR D 11 15.97 42.04 -40.49
C TYR D 11 17.28 41.68 -41.17
N LEU D 12 18.39 42.00 -40.52
CA LEU D 12 19.71 41.61 -41.03
C LEU D 12 20.13 40.33 -40.37
N ASP D 13 20.30 39.28 -41.18
CA ASP D 13 20.73 37.99 -40.66
C ASP D 13 21.96 37.45 -41.41
N GLY D 14 22.39 36.24 -41.04
CA GLY D 14 23.56 35.63 -41.63
C GLY D 14 24.46 35.08 -40.57
N VAL D 15 25.62 34.59 -41.00
CA VAL D 15 26.61 34.03 -40.07
C VAL D 15 27.21 35.16 -39.24
N TYR D 16 27.57 34.85 -38.00
CA TYR D 16 28.25 35.82 -37.18
C TYR D 16 29.62 36.15 -37.75
N GLY D 17 30.07 37.38 -37.50
CA GLY D 17 31.39 37.80 -37.90
C GLY D 17 31.47 38.43 -39.27
N ILE D 18 30.36 38.50 -40.01
CA ILE D 18 30.36 39.12 -41.33
C ILE D 18 30.39 40.65 -41.26
N GLY D 19 29.80 41.21 -40.22
CA GLY D 19 29.69 42.66 -40.08
C GLY D 19 28.27 43.21 -40.10
N LYS D 20 27.28 42.35 -39.93
CA LYS D 20 25.88 42.83 -39.91
C LYS D 20 25.62 43.95 -38.88
N SER D 21 26.11 43.81 -37.64
CA SER D 21 25.92 44.82 -36.58
C SER D 21 26.46 46.19 -36.96
N THR D 22 27.71 46.22 -37.41
CA THR D 22 28.33 47.43 -37.89
C THR D 22 27.49 48.11 -39.00
N THR D 23 26.97 47.33 -39.95
CA THR D 23 26.11 47.86 -41.00
C THR D 23 24.83 48.50 -40.43
N GLY D 24 24.12 47.74 -39.58
CA GLY D 24 22.91 48.24 -38.97
C GLY D 24 23.09 49.58 -38.29
N ARG D 25 24.17 49.71 -37.51
CA ARG D 25 24.49 50.93 -36.78
C ARG D 25 24.72 52.10 -37.72
N VAL D 26 25.33 51.81 -38.87
CA VAL D 26 25.60 52.83 -39.85
C VAL D 26 24.29 53.28 -40.47
N MET D 27 23.43 52.31 -40.78
CA MET D 27 22.12 52.60 -41.38
C MET D 27 21.26 53.51 -40.49
N ALA D 28 21.51 53.48 -39.19
CA ALA D 28 20.71 54.21 -38.23
C ALA D 28 21.33 55.56 -37.86
N SER D 29 22.51 55.84 -38.40
CA SER D 29 23.28 56.99 -37.93
C SER D 29 22.57 58.32 -38.22
N ALA D 30 22.37 58.64 -39.48
CA ALA D 30 21.89 59.95 -39.91
C ALA D 30 22.90 60.47 -40.92
N ALA D 31 24.18 60.32 -40.59
CA ALA D 31 25.23 60.51 -41.56
C ALA D 31 24.99 59.66 -42.81
N SER D 32 24.24 58.57 -42.65
CA SER D 32 23.91 57.67 -43.76
C SER D 32 22.82 58.24 -44.65
N GLY D 33 22.10 59.25 -44.16
CA GLY D 33 20.99 59.84 -44.89
C GLY D 33 19.84 58.87 -45.02
N GLY D 34 18.98 59.05 -46.03
CA GLY D 34 17.87 58.14 -46.26
C GLY D 34 16.67 58.51 -45.41
N SER D 35 15.99 57.51 -44.86
CA SER D 35 14.84 57.72 -43.98
C SER D 35 15.27 57.73 -42.48
N PRO D 36 14.52 58.41 -41.61
CA PRO D 36 14.74 58.27 -40.17
C PRO D 36 14.74 56.76 -39.86
N THR D 37 15.75 56.31 -39.13
CA THR D 37 15.95 54.87 -38.96
C THR D 37 16.11 54.43 -37.50
N LEU D 38 15.50 53.31 -37.15
CA LEU D 38 15.61 52.81 -35.79
C LEU D 38 16.34 51.47 -35.81
N TYR D 39 17.29 51.31 -34.90
CA TYR D 39 18.11 50.10 -34.83
C TYR D 39 17.79 49.33 -33.55
N PHE D 40 17.53 48.04 -33.68
CA PHE D 40 17.35 47.17 -32.53
C PHE D 40 18.53 46.23 -32.52
N PRO D 41 19.45 46.39 -31.58
CA PRO D 41 20.65 45.55 -31.53
C PRO D 41 20.31 44.17 -31.02
N GLU D 42 21.23 43.23 -31.20
CA GLU D 42 21.14 41.92 -30.57
C GLU D 42 21.00 42.04 -29.05
N PRO D 43 20.16 41.16 -28.47
CA PRO D 43 19.88 41.13 -27.02
C PRO D 43 21.04 40.66 -26.13
N MET D 44 22.19 41.32 -26.28
CA MET D 44 23.47 40.98 -25.65
C MET D 44 23.39 40.81 -24.13
N ALA D 45 22.83 41.81 -23.45
CA ALA D 45 22.71 41.76 -21.98
C ALA D 45 21.80 40.63 -21.50
N TYR D 46 20.79 40.31 -22.29
CA TYR D 46 19.91 39.21 -21.99
C TYR D 46 20.69 37.90 -21.99
N TRP D 47 21.55 37.72 -23.00
CA TRP D 47 22.36 36.52 -23.12
C TRP D 47 23.47 36.45 -22.09
N ARG D 48 24.13 37.57 -21.83
CA ARG D 48 25.40 37.54 -21.13
C ARG D 48 25.37 37.97 -19.65
N THR D 49 24.38 38.78 -19.28
CA THR D 49 24.53 39.67 -18.14
C THR D 49 23.32 39.78 -17.20
N LEU D 50 22.12 39.55 -17.70
CA LEU D 50 20.91 39.74 -16.89
C LEU D 50 20.69 38.61 -15.89
N PHE D 51 21.11 37.40 -16.24
CA PHE D 51 20.92 36.22 -15.38
C PHE D 51 22.27 35.63 -14.97
N GLU D 52 22.25 34.64 -14.08
CA GLU D 52 23.46 33.97 -13.57
C GLU D 52 24.37 33.34 -14.63
N THR D 53 23.80 32.78 -15.69
CA THR D 53 24.63 32.15 -16.74
C THR D 53 24.83 33.01 -17.99
N ASP D 54 26.01 32.84 -18.60
CA ASP D 54 26.33 33.46 -19.88
C ASP D 54 26.08 32.38 -20.93
N VAL D 55 25.05 32.56 -21.75
CA VAL D 55 24.66 31.54 -22.74
C VAL D 55 25.70 31.34 -23.84
N ILE D 56 26.42 32.40 -24.23
CA ILE D 56 27.48 32.26 -25.24
C ILE D 56 28.65 31.46 -24.65
N SER D 57 28.99 31.75 -23.41
CA SER D 57 30.01 30.98 -22.69
C SER D 57 29.53 29.55 -22.43
N GLY D 58 28.25 29.39 -22.09
CA GLY D 58 27.69 28.09 -21.78
C GLY D 58 27.64 27.11 -22.94
N ILE D 59 27.32 27.62 -24.12
CA ILE D 59 27.27 26.80 -25.33
C ILE D 59 28.66 26.22 -25.66
N TYR D 60 29.67 27.09 -25.69
CA TYR D 60 31.05 26.68 -25.98
C TYR D 60 31.73 26.01 -24.76
N ASP D 61 31.79 26.73 -23.64
CA ASP D 61 32.51 26.24 -22.45
C ASP D 61 31.72 25.16 -21.72
N THR D 62 31.36 24.12 -22.47
CA THR D 62 30.58 22.96 -22.02
C THR D 62 30.48 21.94 -23.18
N GLN D 63 30.70 22.41 -24.40
CA GLN D 63 31.06 21.51 -25.51
C GLN D 63 32.47 20.95 -25.32
N ASN D 64 33.02 21.15 -24.11
CA ASN D 64 34.30 20.58 -23.66
C ASN D 64 34.40 19.05 -23.79
N ARG D 65 33.30 18.36 -23.48
CA ARG D 65 33.27 16.90 -23.44
C ARG D 65 33.28 16.30 -24.85
N ALA D 72 30.18 13.88 -21.65
CA ALA D 72 29.00 13.04 -21.37
C ALA D 72 28.20 12.68 -22.63
N VAL D 73 28.43 13.41 -23.73
CA VAL D 73 27.81 13.17 -25.05
C VAL D 73 26.27 13.24 -25.12
N ASP D 74 25.58 12.28 -24.52
CA ASP D 74 24.10 12.28 -24.46
C ASP D 74 23.58 13.42 -23.59
N ASP D 75 24.27 13.71 -22.48
CA ASP D 75 23.89 14.81 -21.58
C ASP D 75 24.34 16.16 -22.11
N ALA D 76 25.24 16.14 -23.10
CA ALA D 76 25.72 17.36 -23.74
C ALA D 76 24.72 17.79 -24.80
N ALA D 77 24.19 16.82 -25.54
CA ALA D 77 23.20 17.06 -26.59
C ALA D 77 22.01 17.86 -26.02
N LEU D 78 21.69 17.56 -24.76
CA LEU D 78 20.56 18.16 -24.08
C LEU D 78 20.88 19.54 -23.53
N ILE D 79 22.10 19.75 -23.05
CA ILE D 79 22.53 21.04 -22.53
C ILE D 79 22.74 22.05 -23.67
N THR D 80 23.36 21.60 -24.76
CA THR D 80 23.51 22.47 -25.94
C THR D 80 22.18 22.95 -26.50
N ALA D 81 21.22 22.03 -26.63
CA ALA D 81 19.88 22.36 -27.10
C ALA D 81 19.21 23.36 -26.18
N HIS D 82 19.32 23.14 -24.88
CA HIS D 82 18.81 24.12 -23.95
C HIS D 82 19.41 25.48 -24.19
N TYR D 83 20.74 25.54 -24.24
CA TYR D 83 21.42 26.83 -24.40
C TYR D 83 20.97 27.51 -25.68
N GLN D 84 20.81 26.71 -26.74
CA GLN D 84 20.33 27.24 -28.01
C GLN D 84 18.94 27.87 -27.89
N SER D 85 18.05 27.28 -27.10
CA SER D 85 16.74 27.88 -26.73
C SER D 85 16.83 29.23 -26.01
N ARG D 86 17.81 29.36 -25.11
CA ARG D 86 18.04 30.62 -24.38
C ARG D 86 18.39 31.81 -25.29
N PHE D 87 18.98 31.54 -26.45
CA PHE D 87 19.20 32.58 -27.47
C PHE D 87 17.90 33.14 -28.01
N THR D 88 16.88 32.30 -28.04
CA THR D 88 15.59 32.60 -28.62
C THR D 88 14.74 33.55 -27.78
N THR D 89 14.75 33.37 -26.46
CA THR D 89 13.83 34.09 -25.57
C THR D 89 13.63 35.59 -25.84
N PRO D 90 14.72 36.38 -25.84
CA PRO D 90 14.57 37.82 -26.00
C PRO D 90 14.06 38.20 -27.40
N TYR D 91 14.38 37.40 -28.41
CA TYR D 91 13.83 37.58 -29.73
C TYR D 91 12.31 37.40 -29.78
N LEU D 92 11.79 36.43 -29.01
CA LEU D 92 10.36 36.19 -28.93
C LEU D 92 9.67 37.31 -28.20
N ILE D 93 10.33 37.81 -27.17
CA ILE D 93 9.82 38.91 -26.38
C ILE D 93 9.75 40.19 -27.21
N LEU D 94 10.84 40.51 -27.90
CA LEU D 94 10.87 41.69 -28.74
C LEU D 94 9.83 41.57 -29.85
N HIS D 95 9.69 40.36 -30.38
CA HIS D 95 8.73 40.05 -31.43
C HIS D 95 7.31 40.24 -30.95
N ASP D 96 6.98 39.66 -29.80
CA ASP D 96 5.66 39.81 -29.19
C ASP D 96 5.34 41.30 -28.94
N HIS D 97 6.35 42.08 -28.56
CA HIS D 97 6.16 43.51 -28.24
C HIS D 97 5.94 44.40 -29.48
N THR D 98 6.60 44.08 -30.59
CA THR D 98 6.59 44.97 -31.75
C THR D 98 5.55 44.64 -32.86
N CYS D 99 5.09 43.40 -32.95
CA CYS D 99 4.30 42.97 -34.11
C CYS D 99 2.94 43.66 -34.32
N THR D 100 2.28 44.05 -33.25
CA THR D 100 1.04 44.82 -33.38
C THR D 100 1.33 46.20 -34.00
N LEU D 101 2.51 46.73 -33.69
CA LEU D 101 2.86 48.12 -34.00
C LEU D 101 3.09 48.47 -35.48
N PHE D 102 3.40 47.47 -36.32
CA PHE D 102 3.78 47.70 -37.71
C PHE D 102 2.62 48.12 -38.61
N GLY D 103 1.41 47.69 -38.27
CA GLY D 103 0.27 47.96 -39.12
C GLY D 103 0.16 47.01 -40.31
N GLY D 104 -1.01 47.04 -40.98
CA GLY D 104 -1.26 46.19 -42.12
C GLY D 104 -0.99 46.92 -43.42
N ASN D 105 -1.57 46.40 -44.51
CA ASN D 105 -1.41 46.98 -45.83
C ASN D 105 0.02 46.88 -46.36
N SER D 106 0.56 45.67 -46.32
CA SER D 106 1.85 45.38 -46.91
C SER D 106 1.76 45.57 -48.42
N LEU D 107 2.81 46.12 -49.01
CA LEU D 107 2.80 46.51 -50.40
C LEU D 107 4.22 46.84 -50.83
N GLN D 108 4.48 46.76 -52.14
CA GLN D 108 5.81 47.10 -52.64
C GLN D 108 5.79 48.47 -53.31
N ARG D 109 5.60 49.49 -52.47
CA ARG D 109 5.34 50.86 -52.89
C ARG D 109 6.49 51.53 -53.65
N GLY D 110 7.67 50.91 -53.66
CA GLY D 110 8.81 51.40 -54.44
C GLY D 110 9.44 52.69 -53.97
N THR D 111 8.81 53.38 -53.02
CA THR D 111 9.24 54.70 -52.55
C THR D 111 10.02 54.64 -51.24
N GLN D 112 10.57 55.78 -50.81
CA GLN D 112 11.19 55.91 -49.49
C GLN D 112 10.14 56.11 -48.37
N PRO D 113 10.11 55.21 -47.39
CA PRO D 113 9.16 55.29 -46.27
C PRO D 113 9.37 56.50 -45.37
N ASP D 114 8.36 56.81 -44.57
CA ASP D 114 8.50 57.76 -43.46
C ASP D 114 9.57 57.29 -42.46
N LEU D 115 9.72 55.97 -42.34
CA LEU D 115 10.42 55.35 -41.23
C LEU D 115 10.97 53.97 -41.63
N THR D 116 12.24 53.71 -41.30
CA THR D 116 12.83 52.41 -41.50
C THR D 116 13.12 51.79 -40.14
N LEU D 117 12.82 50.50 -40.00
CA LEU D 117 13.22 49.75 -38.83
C LEU D 117 14.31 48.75 -39.18
N VAL D 118 15.38 48.75 -38.40
CA VAL D 118 16.45 47.79 -38.62
C VAL D 118 16.61 46.90 -37.39
N PHE D 119 16.40 45.61 -37.61
CA PHE D 119 16.52 44.60 -36.56
C PHE D 119 17.79 43.77 -36.72
N ASP D 120 18.52 43.56 -35.63
CA ASP D 120 19.65 42.66 -35.67
C ASP D 120 19.15 41.23 -35.48
N ARG D 121 19.04 40.52 -36.61
CA ARG D 121 18.52 39.16 -36.66
C ARG D 121 17.02 39.08 -36.49
N HIS D 122 16.47 38.01 -37.06
CA HIS D 122 15.08 37.63 -37.01
C HIS D 122 15.02 36.40 -36.10
N PRO D 123 13.90 36.10 -35.46
CA PRO D 123 13.77 34.84 -34.71
C PRO D 123 14.20 33.57 -35.49
N VAL D 124 14.09 33.57 -36.81
CA VAL D 124 14.50 32.42 -37.62
C VAL D 124 15.94 32.00 -37.32
N ALA D 125 16.81 32.99 -37.09
CA ALA D 125 18.22 32.76 -36.80
C ALA D 125 18.39 31.79 -35.64
N SER D 126 17.68 32.03 -34.54
CA SER D 126 17.90 31.17 -33.37
C SER D 126 16.90 30.02 -33.21
N THR D 127 15.80 30.06 -33.94
CA THR D 127 14.87 28.94 -33.89
C THR D 127 15.07 27.94 -35.02
N VAL D 128 15.65 28.38 -36.13
CA VAL D 128 15.86 27.52 -37.30
C VAL D 128 17.35 27.35 -37.69
N CYS D 129 18.00 28.46 -38.07
CA CYS D 129 19.33 28.44 -38.69
C CYS D 129 20.45 27.85 -37.83
N PHE D 130 20.67 28.44 -36.66
CA PHE D 130 21.69 27.94 -35.75
C PHE D 130 21.42 26.51 -35.26
N PRO D 131 20.19 26.20 -34.83
CA PRO D 131 19.80 24.81 -34.59
C PRO D 131 20.07 23.85 -35.77
N ALA D 132 19.75 24.26 -36.99
CA ALA D 132 20.08 23.45 -38.16
C ALA D 132 21.58 23.15 -38.17
N ALA D 133 22.41 24.18 -38.04
CA ALA D 133 23.87 24.02 -37.91
C ALA D 133 24.27 22.99 -36.83
N ARG D 134 23.80 23.20 -35.60
CA ARG D 134 24.10 22.30 -34.49
C ARG D 134 23.64 20.85 -34.73
N TYR D 135 22.46 20.69 -35.32
CA TYR D 135 21.98 19.35 -35.67
C TYR D 135 22.87 18.70 -36.73
N LEU D 136 23.24 19.49 -37.74
CA LEU D 136 24.04 19.03 -38.87
C LEU D 136 25.45 18.60 -38.43
N LEU D 137 25.94 19.23 -37.36
CA LEU D 137 27.27 18.95 -36.82
C LEU D 137 27.28 17.79 -35.82
N GLY D 138 26.11 17.21 -35.56
CA GLY D 138 25.98 16.14 -34.57
C GLY D 138 25.96 16.57 -33.11
N ASP D 139 25.92 17.87 -32.86
CA ASP D 139 25.93 18.42 -31.51
C ASP D 139 24.55 18.32 -30.83
N MET D 140 23.51 18.15 -31.65
CA MET D 140 22.11 18.25 -31.24
C MET D 140 21.25 17.24 -32.03
N SER D 141 20.15 16.76 -31.44
CA SER D 141 19.32 15.76 -32.11
C SER D 141 18.19 16.35 -32.97
N MET D 142 17.58 15.52 -33.81
CA MET D 142 16.50 15.95 -34.67
C MET D 142 15.28 16.39 -33.85
N CYS D 143 15.06 15.71 -32.72
CA CYS D 143 13.94 16.00 -31.82
C CYS D 143 14.11 17.37 -31.20
N ALA D 144 15.32 17.65 -30.73
CA ALA D 144 15.64 18.97 -30.21
C ALA D 144 15.40 20.05 -31.25
N LEU D 145 15.75 19.75 -32.50
CA LEU D 145 15.65 20.73 -33.58
C LEU D 145 14.20 21.10 -33.79
N MET D 146 13.38 20.07 -33.98
CA MET D 146 11.92 20.20 -34.01
C MET D 146 11.42 21.05 -32.84
N ALA D 147 11.88 20.76 -31.63
CA ALA D 147 11.58 21.59 -30.47
C ALA D 147 11.82 23.07 -30.75
N MET D 148 12.99 23.38 -31.29
CA MET D 148 13.35 24.76 -31.60
C MET D 148 12.52 25.31 -32.77
N VAL D 149 12.44 24.55 -33.85
CA VAL D 149 11.74 25.00 -35.06
C VAL D 149 10.27 25.35 -34.82
N ALA D 150 9.59 24.61 -33.97
CA ALA D 150 8.19 24.86 -33.66
C ALA D 150 7.95 26.18 -32.94
N THR D 151 8.97 26.71 -32.27
CA THR D 151 8.85 27.99 -31.56
C THR D 151 9.02 29.24 -32.44
N LEU D 152 9.23 29.04 -33.74
CA LEU D 152 9.29 30.14 -34.68
C LEU D 152 7.91 30.82 -34.76
N PRO D 153 7.84 32.11 -34.43
CA PRO D 153 6.55 32.81 -34.47
C PRO D 153 6.09 33.10 -35.91
N ARG D 154 4.79 33.30 -36.08
CA ARG D 154 4.27 33.75 -37.36
C ARG D 154 4.72 35.20 -37.60
N GLU D 155 5.49 35.40 -38.68
CA GLU D 155 5.80 36.75 -39.15
C GLU D 155 4.56 37.36 -39.81
N PRO D 156 4.07 38.50 -39.31
CA PRO D 156 2.94 39.18 -39.92
C PRO D 156 3.39 39.84 -41.23
N GLN D 157 2.45 40.34 -42.04
CA GLN D 157 2.79 40.87 -43.37
C GLN D 157 3.83 41.99 -43.34
N GLY D 158 4.65 42.07 -44.37
CA GLY D 158 5.57 43.19 -44.53
C GLY D 158 7.03 42.98 -44.17
N GLY D 159 7.38 41.86 -43.55
CA GLY D 159 8.75 41.60 -43.14
C GLY D 159 9.71 41.50 -44.32
N ASN D 160 10.79 42.26 -44.28
CA ASN D 160 11.91 42.08 -45.21
C ASN D 160 13.11 41.54 -44.44
N ILE D 161 13.76 40.53 -45.01
CA ILE D 161 14.93 39.97 -44.37
C ILE D 161 16.10 39.96 -45.35
N VAL D 162 17.23 40.53 -44.92
CA VAL D 162 18.44 40.63 -45.75
C VAL D 162 19.59 39.79 -45.17
N VAL D 163 19.94 38.73 -45.88
CA VAL D 163 21.03 37.83 -45.48
C VAL D 163 22.36 38.44 -45.94
N THR D 164 23.32 38.55 -45.01
CA THR D 164 24.60 39.16 -45.35
C THR D 164 25.58 38.12 -45.92
N THR D 165 26.21 38.42 -47.05
CA THR D 165 27.23 37.53 -47.62
C THR D 165 28.61 38.14 -47.54
N LEU D 166 29.61 37.28 -47.70
CA LEU D 166 31.01 37.68 -47.63
C LEU D 166 31.85 36.49 -48.04
N ASN D 167 32.93 36.75 -48.78
CA ASN D 167 33.88 35.71 -49.15
C ASN D 167 34.60 35.23 -47.90
N VAL D 168 35.02 33.97 -47.92
CA VAL D 168 35.56 33.29 -46.74
C VAL D 168 36.84 33.97 -46.18
N GLU D 169 37.60 34.61 -47.07
CA GLU D 169 38.84 35.31 -46.75
C GLU D 169 38.63 36.47 -45.73
N GLU D 170 37.82 37.46 -46.13
CA GLU D 170 37.52 38.63 -45.28
C GLU D 170 36.65 38.23 -44.11
N HIS D 171 35.79 37.22 -44.31
CA HIS D 171 35.04 36.63 -43.21
C HIS D 171 35.97 36.16 -42.09
N ILE D 172 37.03 35.43 -42.44
CA ILE D 172 38.00 34.99 -41.43
C ILE D 172 38.84 36.16 -40.91
N ARG D 173 39.20 37.09 -41.80
CA ARG D 173 39.90 38.31 -41.39
C ARG D 173 39.10 39.05 -40.30
N ARG D 174 37.81 39.26 -40.55
CA ARG D 174 36.91 39.92 -39.61
C ARG D 174 36.73 39.16 -38.30
N LEU D 175 36.60 37.85 -38.40
CA LEU D 175 36.56 36.99 -37.21
C LEU D 175 37.86 37.02 -36.40
N ARG D 176 39.01 36.99 -37.08
CA ARG D 176 40.32 36.84 -36.41
C ARG D 176 40.78 38.13 -35.71
N THR D 177 41.09 39.17 -36.49
CA THR D 177 41.57 40.43 -35.93
C THR D 177 40.44 41.27 -35.32
N ARG D 178 39.54 40.59 -34.62
CA ARG D 178 38.49 41.21 -33.81
C ARG D 178 37.98 40.19 -32.78
N ALA D 179 38.93 39.51 -32.14
CA ALA D 179 38.66 38.53 -31.08
C ALA D 179 39.94 38.29 -30.27
N ARG D 180 39.78 37.88 -29.01
CA ARG D 180 40.90 37.67 -28.09
C ARG D 180 42.21 37.26 -28.79
N ILE D 181 43.28 37.97 -28.43
CA ILE D 181 44.63 37.80 -28.99
C ILE D 181 44.93 36.47 -29.69
N GLY D 182 44.67 35.35 -29.03
CA GLY D 182 44.92 34.03 -29.61
C GLY D 182 43.79 33.03 -29.42
N GLU D 183 42.56 33.51 -29.55
CA GLU D 183 41.39 32.66 -29.40
C GLU D 183 41.08 31.90 -30.68
N GLN D 184 40.48 30.72 -30.53
CA GLN D 184 40.13 29.87 -31.65
C GLN D 184 38.84 30.35 -32.30
N ILE D 185 38.73 30.10 -33.61
CA ILE D 185 37.46 30.25 -34.33
C ILE D 185 36.93 28.85 -34.65
N ASP D 186 35.62 28.64 -34.51
CA ASP D 186 35.06 27.35 -34.84
C ASP D 186 34.75 27.29 -36.33
N ILE D 187 35.79 26.95 -37.09
CA ILE D 187 35.72 26.87 -38.56
C ILE D 187 34.60 25.96 -39.04
N THR D 188 34.37 24.84 -38.37
CA THR D 188 33.32 23.93 -38.82
C THR D 188 31.91 24.48 -38.58
N LEU D 189 31.75 25.23 -37.49
CA LEU D 189 30.50 25.91 -37.21
C LEU D 189 30.20 26.94 -38.27
N ILE D 190 31.21 27.71 -38.67
CA ILE D 190 31.04 28.78 -39.65
C ILE D 190 30.79 28.22 -41.04
N ALA D 191 31.49 27.14 -41.36
CA ALA D 191 31.28 26.41 -42.62
C ALA D 191 29.81 26.00 -42.79
N THR D 192 29.28 25.32 -41.77
CA THR D 192 27.90 24.85 -41.77
C THR D 192 26.88 25.99 -41.84
N LEU D 193 27.12 27.03 -41.03
CA LEU D 193 26.21 28.18 -40.97
C LEU D 193 26.07 28.88 -42.32
N ARG D 194 27.19 29.02 -43.03
CA ARG D 194 27.17 29.65 -44.33
C ARG D 194 26.30 28.82 -45.25
N ASN D 195 26.43 27.49 -45.15
CA ASN D 195 25.58 26.62 -45.96
C ASN D 195 24.11 26.78 -45.52
N VAL D 196 23.87 26.71 -44.22
CA VAL D 196 22.51 26.85 -43.71
C VAL D 196 21.88 28.17 -44.17
N TYR D 197 22.64 29.26 -44.10
CA TYR D 197 22.09 30.54 -44.52
C TYR D 197 21.83 30.63 -46.01
N PHE D 198 22.61 29.90 -46.79
CA PHE D 198 22.34 29.77 -48.21
C PHE D 198 21.07 28.94 -48.45
N MET D 199 20.85 27.94 -47.59
CA MET D 199 19.62 27.13 -47.65
C MET D 199 18.38 28.00 -47.39
N LEU D 200 18.45 28.81 -46.33
CA LEU D 200 17.38 29.73 -45.98
C LEU D 200 17.01 30.61 -47.17
N VAL D 201 18.00 31.25 -47.77
CA VAL D 201 17.74 32.11 -48.93
C VAL D 201 17.10 31.31 -50.06
N ASN D 202 17.61 30.11 -50.33
CA ASN D 202 17.04 29.29 -51.40
C ASN D 202 15.60 28.89 -51.12
N THR D 203 15.30 28.65 -49.85
CA THR D 203 13.97 28.29 -49.39
C THR D 203 12.96 29.40 -49.72
N CYS D 204 13.19 30.60 -49.19
CA CYS D 204 12.31 31.73 -49.42
C CYS D 204 12.16 32.12 -50.90
N HIS D 205 13.22 31.95 -51.69
CA HIS D 205 13.11 32.05 -53.14
C HIS D 205 12.11 31.01 -53.66
N PHE D 206 12.29 29.77 -53.20
CA PHE D 206 11.49 28.60 -53.55
C PHE D 206 10.02 28.78 -53.15
N LEU D 207 9.79 29.34 -51.96
CA LEU D 207 8.45 29.45 -51.41
C LEU D 207 7.67 30.65 -51.96
N ARG D 208 8.35 31.79 -52.07
CA ARG D 208 7.72 32.98 -52.64
C ARG D 208 7.50 32.83 -54.16
N SER D 209 8.19 31.89 -54.78
CA SER D 209 7.88 31.48 -56.16
C SER D 209 6.71 30.47 -56.21
N GLY D 210 6.01 30.33 -55.08
CA GLY D 210 4.76 29.57 -55.02
C GLY D 210 4.80 28.05 -55.01
N ARG D 211 6.00 27.47 -55.06
CA ARG D 211 6.19 26.02 -54.89
C ARG D 211 6.14 25.66 -53.39
N VAL D 212 5.78 24.40 -53.10
CA VAL D 212 5.62 23.92 -51.72
C VAL D 212 6.63 22.82 -51.42
N TRP D 213 6.76 22.44 -50.15
CA TRP D 213 7.80 21.48 -49.76
C TRP D 213 7.54 20.05 -50.27
N ARG D 214 6.30 19.77 -50.62
CA ARG D 214 5.97 18.49 -51.20
C ARG D 214 6.51 18.37 -52.63
N ASP D 215 6.49 19.50 -53.36
CA ASP D 215 7.03 19.58 -54.73
C ASP D 215 8.45 19.00 -54.85
N GLY D 216 8.55 17.73 -55.26
CA GLY D 216 9.84 17.08 -55.44
C GLY D 216 10.28 16.22 -54.27
N TRP D 217 9.47 16.18 -53.23
CA TRP D 217 9.77 15.44 -52.01
C TRP D 217 9.93 13.95 -52.25
N GLY D 218 8.93 13.36 -52.91
CA GLY D 218 8.93 11.97 -53.32
C GLY D 218 10.16 11.53 -54.09
N GLU D 219 10.66 12.39 -54.97
CA GLU D 219 11.84 12.07 -55.76
C GLU D 219 13.18 12.22 -55.01
N LEU D 220 13.18 13.02 -53.93
CA LEU D 220 14.41 13.38 -53.22
C LEU D 220 14.97 12.21 -52.41
N PRO D 221 16.27 11.94 -52.55
CA PRO D 221 16.92 10.89 -51.76
C PRO D 221 16.84 11.22 -50.27
N THR D 222 16.61 10.20 -49.44
CA THR D 222 16.64 10.35 -48.00
C THR D 222 17.96 11.00 -47.62
N SER D 223 17.94 11.80 -46.56
CA SER D 223 19.14 12.46 -46.07
C SER D 223 19.75 11.60 -44.97
N CYS D 224 20.99 11.16 -45.18
CA CYS D 224 21.69 10.34 -44.21
C CYS D 224 23.01 11.01 -43.81
N GLY D 225 23.96 10.19 -43.34
CA GLY D 225 25.32 10.63 -43.02
C GLY D 225 25.94 11.47 -44.12
N ALA D 226 25.92 10.98 -45.36
CA ALA D 226 26.42 11.72 -46.51
C ALA D 226 25.93 13.18 -46.49
N TYR D 227 24.61 13.36 -46.43
CA TYR D 227 24.00 14.69 -46.41
C TYR D 227 24.55 15.57 -45.30
N LYS D 228 24.66 15.04 -44.08
CA LYS D 228 25.17 15.81 -42.96
C LYS D 228 26.61 16.31 -43.24
N HIS D 229 27.51 15.38 -43.56
CA HIS D 229 28.86 15.70 -44.03
C HIS D 229 28.90 16.78 -45.13
N ARG D 230 28.00 16.69 -46.11
CA ARG D 230 27.93 17.68 -47.18
C ARG D 230 27.59 19.08 -46.67
N ALA D 231 26.60 19.16 -45.78
CA ALA D 231 26.11 20.42 -45.24
C ALA D 231 27.15 21.12 -44.37
N THR D 232 28.17 20.38 -43.94
CA THR D 232 29.24 20.94 -43.13
C THR D 232 30.48 21.29 -43.97
N GLN D 233 30.43 20.98 -45.26
CA GLN D 233 31.55 21.22 -46.17
C GLN D 233 31.56 22.66 -46.69
N MET D 234 32.70 23.33 -46.55
CA MET D 234 32.86 24.70 -47.04
C MET D 234 32.43 24.85 -48.49
N ASP D 235 31.54 25.79 -48.72
CA ASP D 235 31.03 26.18 -50.04
C ASP D 235 30.20 25.11 -50.75
N ALA D 236 29.64 24.16 -50.01
CA ALA D 236 28.85 23.10 -50.62
C ALA D 236 27.47 23.56 -51.09
N PHE D 237 26.99 24.64 -50.49
CA PHE D 237 25.72 25.22 -50.91
C PHE D 237 25.96 26.67 -51.38
N GLN D 238 25.08 27.16 -52.23
CA GLN D 238 25.17 28.53 -52.74
C GLN D 238 23.78 29.08 -53.05
N GLU D 239 23.68 30.39 -53.27
CA GLU D 239 22.43 30.99 -53.70
C GLU D 239 22.10 30.50 -55.10
N ARG D 240 21.02 29.76 -55.25
CA ARG D 240 20.62 29.27 -56.57
C ARG D 240 19.68 30.26 -57.25
N VAL D 241 19.76 30.34 -58.58
CA VAL D 241 18.85 31.21 -59.34
C VAL D 241 17.46 30.59 -59.37
N SER D 242 17.40 29.30 -59.69
CA SER D 242 16.16 28.51 -59.67
C SER D 242 16.36 27.33 -58.70
N PRO D 243 15.98 27.53 -57.43
CA PRO D 243 16.31 26.57 -56.37
C PRO D 243 15.35 25.39 -56.32
N GLU D 244 15.89 24.18 -56.47
CA GLU D 244 15.11 22.96 -56.35
C GLU D 244 15.05 22.51 -54.88
N LEU D 245 14.14 21.59 -54.58
CA LEU D 245 13.89 21.17 -53.21
C LEU D 245 15.18 20.86 -52.43
N GLY D 246 16.15 20.20 -53.08
CA GLY D 246 17.39 19.82 -52.41
C GLY D 246 18.31 20.95 -51.98
N ASP D 247 17.98 22.16 -52.43
CA ASP D 247 18.74 23.35 -52.08
C ASP D 247 18.17 24.11 -50.89
N THR D 248 16.98 23.71 -50.43
CA THR D 248 16.30 24.39 -49.35
C THR D 248 16.47 23.68 -47.99
N LEU D 249 15.94 24.31 -46.95
CA LEU D 249 15.97 23.77 -45.58
C LEU D 249 15.07 22.55 -45.41
N PHE D 250 14.12 22.35 -46.32
CA PHE D 250 13.21 21.22 -46.22
C PHE D 250 13.92 19.86 -46.40
N ALA D 251 14.98 19.86 -47.20
CA ALA D 251 15.71 18.64 -47.56
C ALA D 251 16.25 17.86 -46.38
N LEU D 252 16.73 18.56 -45.35
CA LEU D 252 17.25 17.83 -44.19
C LEU D 252 16.17 17.10 -43.37
N PHE D 253 14.90 17.46 -43.57
CA PHE D 253 13.81 16.85 -42.82
C PHE D 253 13.39 15.49 -43.35
N LYS D 254 13.81 15.14 -44.57
CA LYS D 254 13.63 13.77 -45.06
C LYS D 254 14.65 12.79 -44.45
N THR D 255 14.56 12.53 -43.15
CA THR D 255 15.40 11.52 -42.49
C THR D 255 14.54 10.36 -42.01
N GLN D 256 15.17 9.19 -41.85
CA GLN D 256 14.56 7.98 -41.32
C GLN D 256 13.82 8.18 -39.98
N GLU D 257 14.37 9.01 -39.09
CA GLU D 257 13.74 9.34 -37.80
C GLU D 257 12.32 9.94 -37.91
N LEU D 258 11.93 10.38 -39.10
CA LEU D 258 10.66 11.08 -39.31
C LEU D 258 9.73 10.32 -40.24
N LEU D 259 10.10 9.10 -40.61
CA LEU D 259 9.38 8.33 -41.62
C LEU D 259 8.68 7.08 -41.10
N ASP D 260 7.69 6.62 -41.86
CA ASP D 260 7.08 5.29 -41.72
C ASP D 260 8.13 4.18 -41.80
N ASP D 261 7.68 2.96 -41.54
CA ASP D 261 8.43 1.77 -41.94
C ASP D 261 8.33 1.63 -43.45
N ARG D 262 7.26 2.15 -44.01
CA ARG D 262 7.10 2.25 -45.46
C ARG D 262 7.88 3.43 -46.07
N GLY D 263 8.41 4.30 -45.21
CA GLY D 263 9.26 5.40 -45.66
C GLY D 263 8.54 6.67 -46.02
N VAL D 264 7.27 6.76 -45.64
CA VAL D 264 6.49 7.99 -45.83
C VAL D 264 6.55 8.82 -44.56
N ILE D 265 6.70 10.14 -44.74
CA ILE D 265 6.70 11.09 -43.61
C ILE D 265 5.40 10.98 -42.80
N LEU D 266 5.56 10.80 -41.49
CA LEU D 266 4.44 10.85 -40.55
C LEU D 266 3.65 12.14 -40.75
N GLU D 267 2.33 12.04 -40.77
CA GLU D 267 1.49 13.20 -41.08
C GLU D 267 1.61 14.35 -40.07
N VAL D 268 2.16 14.05 -38.90
CA VAL D 268 2.33 15.02 -37.84
C VAL D 268 3.62 15.80 -38.01
N HIS D 269 4.60 15.18 -38.65
CA HIS D 269 5.81 15.87 -39.07
C HIS D 269 5.51 16.73 -40.30
N ALA D 270 4.57 16.28 -41.13
CA ALA D 270 4.16 17.06 -42.29
C ALA D 270 3.60 18.37 -41.80
N TRP D 271 2.83 18.31 -40.72
CA TRP D 271 2.28 19.49 -40.08
C TRP D 271 3.39 20.45 -39.66
N ALA D 272 4.41 19.93 -38.98
CA ALA D 272 5.55 20.77 -38.59
C ALA D 272 6.08 21.53 -39.80
N LEU D 273 6.15 20.85 -40.95
CA LEU D 273 6.71 21.45 -42.14
C LEU D 273 5.75 22.40 -42.82
N ASP D 274 4.44 22.15 -42.68
CA ASP D 274 3.44 23.09 -43.15
C ASP D 274 3.55 24.42 -42.38
N ALA D 275 3.63 24.33 -41.05
CA ALA D 275 3.85 25.48 -40.17
C ALA D 275 5.10 26.30 -40.53
N LEU D 276 6.22 25.62 -40.76
CA LEU D 276 7.46 26.27 -41.19
C LEU D 276 7.31 26.99 -42.54
N MET D 277 6.74 26.29 -43.53
CA MET D 277 6.48 26.85 -44.85
C MET D 277 5.60 28.10 -44.79
N LEU D 278 4.60 28.06 -43.93
CA LEU D 278 3.71 29.18 -43.73
C LEU D 278 4.45 30.37 -43.13
N LYS D 279 5.28 30.10 -42.11
CA LYS D 279 5.95 31.14 -41.34
C LYS D 279 7.04 31.89 -42.11
N LEU D 280 7.61 31.23 -43.12
CA LEU D 280 8.65 31.82 -43.97
C LEU D 280 8.12 32.49 -45.23
N ARG D 281 6.85 32.23 -45.55
CA ARG D 281 6.28 32.75 -46.80
C ARG D 281 6.02 34.25 -46.71
N ASN D 282 5.67 34.72 -45.51
CA ASN D 282 5.50 36.16 -45.26
C ASN D 282 6.77 36.99 -45.41
N LEU D 283 7.92 36.33 -45.48
CA LEU D 283 9.21 37.01 -45.49
C LEU D 283 9.73 37.25 -46.89
N ASN D 284 10.24 38.46 -47.12
CA ASN D 284 10.75 38.88 -48.41
C ASN D 284 12.27 38.90 -48.33
N VAL D 285 12.91 37.84 -48.84
CA VAL D 285 14.36 37.66 -48.63
C VAL D 285 15.23 38.30 -49.71
N PHE D 286 16.33 38.87 -49.26
CA PHE D 286 17.32 39.56 -50.11
C PHE D 286 18.72 39.15 -49.67
N SER D 287 19.66 39.11 -50.63
CA SER D 287 21.08 38.93 -50.33
C SER D 287 21.72 40.31 -50.32
N ALA D 288 22.92 40.43 -49.76
CA ALA D 288 23.67 41.68 -49.79
C ALA D 288 25.12 41.40 -49.42
N ASP D 289 26.06 41.68 -50.33
CA ASP D 289 27.49 41.46 -50.07
C ASP D 289 28.10 42.58 -49.24
N LEU D 290 28.93 42.21 -48.27
CA LEU D 290 29.52 43.17 -47.32
C LEU D 290 31.03 43.41 -47.47
N SER D 291 31.51 43.40 -48.71
CA SER D 291 32.94 43.63 -49.03
C SER D 291 33.41 45.02 -48.64
N GLY D 292 32.57 46.01 -48.91
CA GLY D 292 32.94 47.39 -48.70
C GLY D 292 33.10 47.83 -47.27
N THR D 293 33.26 49.13 -47.12
CA THR D 293 33.35 49.79 -45.83
C THR D 293 31.96 49.75 -45.20
N PRO D 294 31.88 49.94 -43.89
CA PRO D 294 30.58 50.05 -43.19
C PRO D 294 29.62 50.99 -43.90
N ARG D 295 30.09 52.16 -44.31
CA ARG D 295 29.31 53.14 -45.06
C ARG D 295 28.89 52.61 -46.46
N GLN D 296 29.77 51.85 -47.10
CA GLN D 296 29.47 51.20 -48.37
C GLN D 296 28.46 50.06 -48.20
N CYS D 297 28.59 49.34 -47.08
CA CYS D 297 27.69 48.25 -46.72
C CYS D 297 26.28 48.78 -46.49
N ALA D 298 26.17 49.83 -45.66
CA ALA D 298 24.90 50.50 -45.42
C ALA D 298 24.28 50.98 -46.73
N ALA D 299 25.13 51.49 -47.63
CA ALA D 299 24.68 51.90 -48.95
C ALA D 299 24.05 50.75 -49.77
N VAL D 300 24.62 49.55 -49.64
CA VAL D 300 24.16 48.38 -50.41
C VAL D 300 22.76 47.90 -50.01
N VAL D 301 22.53 47.79 -48.70
CA VAL D 301 21.23 47.38 -48.18
C VAL D 301 20.20 48.45 -48.57
N GLU D 302 20.50 49.71 -48.27
CA GLU D 302 19.58 50.84 -48.53
C GLU D 302 19.06 50.89 -49.97
N SER D 303 19.89 50.47 -50.93
CA SER D 303 19.48 50.48 -52.32
C SER D 303 18.48 49.39 -52.66
N LEU D 304 18.31 48.41 -51.76
CA LEU D 304 17.28 47.38 -51.93
C LEU D 304 15.86 47.88 -51.61
N LEU D 305 15.76 49.01 -50.92
CA LEU D 305 14.47 49.59 -50.48
C LEU D 305 13.38 49.69 -51.57
N PRO D 306 13.75 50.09 -52.79
CA PRO D 306 12.83 50.03 -53.95
C PRO D 306 12.04 48.72 -54.09
N LEU D 307 12.70 47.60 -53.77
CA LEU D 307 12.12 46.26 -53.92
C LEU D 307 11.42 45.73 -52.67
N MET D 308 11.37 46.54 -51.62
CA MET D 308 10.98 46.06 -50.31
C MET D 308 9.53 46.27 -49.93
N SER D 309 9.06 45.46 -48.99
CA SER D 309 7.72 45.56 -48.46
C SER D 309 7.63 46.60 -47.36
N SER D 310 6.57 47.38 -47.38
CA SER D 310 6.34 48.41 -46.40
C SER D 310 4.90 48.35 -45.96
N THR D 311 4.63 48.76 -44.72
CA THR D 311 3.26 48.78 -44.18
C THR D 311 2.80 50.20 -43.83
N LEU D 312 1.56 50.32 -43.37
CA LEU D 312 1.00 51.59 -42.90
C LEU D 312 0.72 51.49 -41.41
N SER D 313 1.48 52.24 -40.62
CA SER D 313 1.21 52.34 -39.20
C SER D 313 0.54 53.70 -38.92
N ASP D 314 0.44 54.08 -37.66
CA ASP D 314 0.05 55.44 -37.34
C ASP D 314 1.07 56.07 -36.38
N PHE D 315 1.00 57.39 -36.25
CA PHE D 315 1.94 58.15 -35.43
C PHE D 315 2.14 57.59 -34.01
N ASP D 316 1.06 57.17 -33.35
CA ASP D 316 1.18 56.67 -31.97
C ASP D 316 1.92 55.34 -31.91
N SER D 317 1.67 54.48 -32.89
CA SER D 317 2.38 53.21 -33.00
C SER D 317 3.82 53.39 -33.46
N ALA D 318 4.07 54.39 -34.30
CA ALA D 318 5.45 54.67 -34.68
C ALA D 318 6.21 55.30 -33.49
N SER D 319 5.50 55.96 -32.59
CA SER D 319 6.12 56.57 -31.41
C SER D 319 6.48 55.51 -30.36
N ALA D 320 5.65 54.48 -30.24
CA ALA D 320 5.92 53.37 -29.34
C ALA D 320 7.09 52.52 -29.83
N LEU D 321 7.23 52.39 -31.15
CA LEU D 321 8.37 51.71 -31.75
C LEU D 321 9.67 52.48 -31.43
N GLU D 322 9.57 53.80 -31.31
CA GLU D 322 10.77 54.58 -31.03
C GLU D 322 11.17 54.43 -29.56
N ARG D 323 10.18 54.40 -28.68
CA ARG D 323 10.41 54.10 -27.27
C ARG D 323 10.91 52.66 -27.10
N ALA D 324 10.34 51.72 -27.86
CA ALA D 324 10.83 50.35 -27.79
C ALA D 324 12.33 50.30 -28.17
N ALA D 325 12.71 51.03 -29.22
CA ALA D 325 14.09 51.06 -29.67
C ALA D 325 15.04 51.64 -28.60
N ARG D 326 14.66 52.77 -28.01
CA ARG D 326 15.45 53.42 -26.95
C ARG D 326 15.57 52.50 -25.75
N THR D 327 14.46 51.84 -25.42
CA THR D 327 14.43 50.86 -24.33
C THR D 327 15.30 49.65 -24.63
N PHE D 328 15.21 49.11 -25.85
CA PHE D 328 16.03 47.96 -26.21
C PHE D 328 17.53 48.28 -26.23
N ASN D 329 17.91 49.42 -26.79
CA ASN D 329 19.31 49.84 -26.77
C ASN D 329 19.87 49.92 -25.33
N ALA D 330 19.15 50.61 -24.46
CA ALA D 330 19.60 50.85 -23.10
C ALA D 330 19.76 49.56 -22.29
N GLU D 331 18.70 48.74 -22.25
CA GLU D 331 18.72 47.50 -21.47
C GLU D 331 19.61 46.37 -22.04
N MET D 332 19.68 46.24 -23.36
CA MET D 332 20.38 45.12 -23.99
C MET D 332 21.89 45.33 -24.26
N GLY D 333 22.42 46.45 -23.78
CA GLY D 333 23.82 46.81 -24.03
C GLY D 333 24.81 46.27 -23.01
N VAL D 334 25.86 45.61 -23.52
CA VAL D 334 26.97 45.10 -22.72
C VAL D 334 26.54 44.17 -21.57
S SO4 E . 1.07 -46.27 30.85
O1 SO4 E . 1.80 -47.34 31.51
O2 SO4 E . 1.17 -46.49 29.41
O3 SO4 E . -0.34 -46.33 31.21
O4 SO4 E . 1.66 -44.98 31.24
S SO4 F . -23.83 -23.21 22.68
O1 SO4 F . -23.87 -23.24 24.14
O2 SO4 F . -22.48 -23.48 22.20
O3 SO4 F . -24.74 -24.24 22.15
O4 SO4 F . -24.22 -21.87 22.26
S SO4 G . -39.89 -24.63 20.68
O1 SO4 G . -39.93 -25.54 21.81
O2 SO4 G . -38.73 -24.96 19.85
O3 SO4 G . -41.12 -24.77 19.91
O4 SO4 G . -39.80 -23.25 21.14
S SO4 H . -17.85 -6.54 47.95
O1 SO4 H . -16.99 -7.38 48.80
O2 SO4 H . -17.50 -6.77 46.54
O3 SO4 H . -17.64 -5.12 48.26
O4 SO4 H . -19.25 -6.87 48.18
C5M 4TA I . -13.99 -39.66 38.59
C5 4TA I . -12.90 -39.96 39.58
C6 4TA I . -12.93 -41.13 40.31
N1 4TA I . -11.94 -41.38 41.20
C1B 4TA I . -11.95 -42.62 41.97
C2B 4TA I . -12.89 -42.59 43.16
C3B 4TA I . -13.43 -44.02 43.22
O3B 4TA I . -12.75 -44.77 44.20
C4B 4TA I . -13.15 -44.64 41.86
C5B 4TA I . -14.43 -44.99 41.10
O5' 4TA I . -15.57 -44.39 41.75
PD 4TA I . -16.99 -44.30 41.04
O2D 4TA I . -17.33 -42.85 40.83
O1D 4TA I . -17.07 -45.33 39.93
OCD 4TA I . -18.03 -44.79 42.14
PC 4TA I . -18.01 -46.20 42.92
O1C 4TA I . -17.64 -47.37 42.05
O2C 4TA I . -17.29 -45.95 44.23
OBC 4TA I . -19.59 -46.29 43.26
PB 4TA I . -20.77 -45.44 42.56
O2B 4TA I . -20.66 -45.48 41.06
O1B 4TA I . -20.93 -44.13 43.29
OAB 4TA I . -22.09 -46.26 42.96
PA 4TA I . -22.39 -47.80 42.55
O1A 4TA I . -23.56 -47.77 41.59
O2A 4TA I . -21.15 -48.56 42.16
OA 4TA I . -22.93 -48.29 43.98
C5' 4TA I . -22.18 -48.15 45.18
C4' 4TA I . -22.46 -49.32 46.12
O1' 4TA I . -23.72 -49.14 46.79
C1' 4TA I . -24.66 -50.13 46.35
C2' 4TA I . -24.01 -50.89 45.20
O2' 4TA I . -24.25 -52.28 45.21
C3' 4TA I . -22.53 -50.64 45.38
O3' 4TA I . -21.94 -51.67 46.16
N9A 4TA I . -25.91 -49.44 45.91
C8A 4TA I . -26.27 -48.78 44.77
N7A 4TA I . -27.56 -48.29 44.83
C5A 4TA I . -27.98 -48.69 46.10
C4A 4TA I . -26.97 -49.36 46.71
N3A 4TA I . -27.11 -49.87 47.96
C2A 4TA I . -28.26 -49.69 48.62
N1A 4TA I . -29.28 -49.03 48.05
C6A 4TA I . -29.17 -48.52 46.79
N6A 4TA I . -30.19 -47.85 46.21
O4' 4TA I . -12.39 -43.69 41.13
C2 4TA I . -10.88 -40.46 41.38
O2 4TA I . -9.99 -40.72 42.19
N3 4TA I . -10.81 -39.32 40.67
C4 4TA I . -11.77 -39.03 39.77
O4 4TA I . -11.70 -37.98 39.14
S SO4 J . 3.81 -26.06 43.74
O1 SO4 J . 4.57 -26.73 44.79
O2 SO4 J . 4.69 -25.50 42.73
O3 SO4 J . 2.99 -24.98 44.30
O4 SO4 J . 2.95 -27.07 43.10
S SO4 K . -16.69 -23.83 22.53
O1 SO4 K . -16.15 -23.84 23.89
O2 SO4 K . -15.62 -23.99 21.56
O3 SO4 K . -17.40 -22.57 22.30
O4 SO4 K . -17.64 -24.93 22.36
S SO4 L . -16.91 -20.10 16.70
O1 SO4 L . -16.57 -20.11 18.12
O2 SO4 L . -16.24 -21.19 16.00
O3 SO4 L . -16.47 -18.84 16.15
O4 SO4 L . -18.36 -20.24 16.54
S SO4 M . 15.67 -5.52 3.11
O1 SO4 M . 17.02 -5.40 3.63
O2 SO4 M . 15.66 -6.49 2.02
O3 SO4 M . 15.22 -4.21 2.62
O4 SO4 M . 14.76 -5.94 4.18
C5M 4TA N . 5.90 -24.72 25.33
C5 4TA N . 6.91 -25.65 25.95
C6 4TA N . 8.21 -25.23 26.18
N1 4TA N . 9.11 -26.08 26.73
C1B 4TA N . 10.48 -25.64 27.00
C2B 4TA N . 11.40 -25.63 25.79
C3B 4TA N . 12.40 -24.52 26.10
O3B 4TA N . 13.66 -25.03 26.53
C4B 4TA N . 11.78 -23.70 27.21
C5B 4TA N . 11.57 -22.24 26.81
O5' 4TA N . 10.96 -22.15 25.52
PD 4TA N . 11.06 -20.78 24.66
O2D 4TA N . 10.29 -20.93 23.36
O1D 4TA N . 10.74 -19.67 25.64
OCD 4TA N . 12.64 -20.69 24.35
PC 4TA N . 13.34 -19.46 23.54
O1C 4TA N . 12.93 -18.15 24.19
O2C 4TA N . 14.81 -19.80 23.49
OBC 4TA N . 12.73 -19.57 22.04
PB 4TA N . 12.47 -18.34 21.01
O2B 4TA N . 11.56 -17.36 21.68
O1B 4TA N . 12.17 -18.90 19.64
OAB 4TA N . 13.89 -17.68 20.83
PA 4TA N . 14.22 -16.10 20.95
O1A 4TA N . 13.19 -15.22 20.32
O2A 4TA N . 14.67 -15.85 22.38
OA 4TA N . 15.52 -16.12 19.98
C5' 4TA N . 16.45 -17.21 20.08
C4' 4TA N . 17.89 -16.74 20.29
O1' 4TA N . 18.47 -16.32 19.05
C1' 4TA N . 18.60 -14.89 18.99
C2' 4TA N . 18.10 -14.35 20.33
O2' 4TA N . 18.92 -13.31 20.83
C3' 4TA N . 18.02 -15.56 21.24
O3' 4TA N . 19.20 -15.74 22.01
N9A 4TA N . 17.76 -14.38 17.88
C8A 4TA N . 16.43 -14.17 17.73
N7A 4TA N . 16.14 -13.67 16.47
C5A 4TA N . 17.39 -13.60 15.86
C4A 4TA N . 18.33 -14.04 16.73
N3A 4TA N . 19.65 -14.07 16.39
C2A 4TA N . 20.03 -13.67 15.16
N1A 4TA N . 19.11 -13.23 14.27
C6A 4TA N . 17.79 -13.18 14.60
N6A 4TA N . 16.84 -12.75 13.72
O4' 4TA N . 10.52 -24.31 27.55
C2 4TA N . 8.71 -27.41 27.09
O2 4TA N . 9.55 -28.21 27.61
N3 4TA N . 7.45 -27.87 26.87
C4 4TA N . 6.53 -27.05 26.32
O4 4TA N . 5.37 -27.46 26.12
S SO4 O . 16.47 12.05 -29.11
O1 SO4 O . 17.32 11.03 -28.50
O2 SO4 O . 16.46 11.89 -30.57
O3 SO4 O . 16.96 13.37 -28.71
O4 SO4 O . 15.09 11.88 -28.65
S SO4 P . -24.89 35.16 -34.08
O1 SO4 P . -24.39 34.83 -32.75
O2 SO4 P . -23.99 34.65 -35.12
O3 SO4 P . -25.00 36.62 -34.17
O4 SO4 P . -26.19 34.53 -34.27
C5M 4TA Q . 1.83 18.20 -20.19
C5 4TA Q . 2.95 17.75 -19.29
C6 4TA Q . 2.94 16.47 -18.70
N1 4TA Q . 3.96 16.12 -17.90
C1B 4TA Q . 4.00 14.81 -17.27
C2B 4TA Q . 2.95 14.67 -16.16
C3B 4TA Q . 2.65 13.19 -16.21
O3B 4TA Q . 3.59 12.52 -15.38
C4B 4TA Q . 2.91 12.76 -17.64
C5B 4TA Q . 1.66 12.61 -18.49
O5' 4TA Q . 0.73 13.68 -18.34
PD 4TA Q . -0.85 13.32 -18.30
O2D 4TA Q . -1.62 14.53 -17.82
O1D 4TA Q . -1.20 12.66 -19.60
OCD 4TA Q . -0.83 12.08 -17.24
PC 4TA Q . -2.13 11.28 -16.72
O1C 4TA Q . -2.63 10.31 -17.77
O2C 4TA Q . -1.81 10.83 -15.32
OBC 4TA Q . -3.26 12.45 -16.62
PB 4TA Q . -4.86 12.26 -16.66
O2B 4TA Q . -5.32 12.37 -18.09
O1B 4TA Q . -5.38 13.28 -15.67
OAB 4TA Q . -5.10 10.78 -16.08
PA 4TA Q . -6.05 9.66 -16.75
O1A 4TA Q . -7.24 10.27 -17.45
O2A 4TA Q . -5.20 8.71 -17.56
OA 4TA Q . -6.64 8.93 -15.45
C5' 4TA Q . -5.86 8.65 -14.28
C4' 4TA Q . -6.27 7.31 -13.65
O1' 4TA Q . -7.54 7.43 -12.97
C1' 4TA Q . -8.57 6.65 -13.59
C2' 4TA Q . -7.96 6.22 -14.92
O2' 4TA Q . -8.42 4.95 -15.38
C3' 4TA Q . -6.46 6.24 -14.69
O3' 4TA Q . -6.00 5.01 -14.14
N9A 4TA Q . -9.77 7.51 -13.78
C8A 4TA Q . -10.12 8.44 -14.71
N7A 4TA Q . -11.36 8.99 -14.47
C5A 4TA Q . -11.77 8.34 -13.32
C4A 4TA Q . -10.80 7.46 -12.94
N3A 4TA Q . -10.95 6.69 -11.83
C2A 4TA Q . -12.07 6.80 -11.11
N1A 4TA Q . -13.06 7.65 -11.47
C6A 4TA Q . -12.92 8.43 -12.57
N6A 4TA Q . -13.89 9.30 -12.94
O4' 4TA Q . 3.74 13.77 -18.21
C2 4TA Q . 5.06 17.00 -17.64
O2 4TA Q . 6.00 16.66 -16.88
N3 4TA Q . 5.08 18.23 -18.19
C4 4TA Q . 4.09 18.65 -19.00
O4 4TA Q . 4.15 19.79 -19.49
S SO4 R . 20.55 30.56 -14.46
O1 SO4 R . 21.23 29.92 -13.33
O2 SO4 R . 19.99 29.53 -15.33
O3 SO4 R . 21.50 31.38 -15.20
O4 SO4 R . 19.48 31.43 -13.97
C5M 4TA S . 21.58 34.15 -32.90
C5 4TA S . 22.56 33.21 -32.27
C6 4TA S . 23.88 33.60 -32.01
N1 4TA S . 24.75 32.72 -31.48
C1B 4TA S . 26.13 33.09 -31.17
C2B 4TA S . 27.03 33.24 -32.38
C3B 4TA S . 28.02 34.33 -31.97
O3B 4TA S . 29.27 33.79 -31.56
C4B 4TA S . 27.40 35.02 -30.76
C5B 4TA S . 27.11 36.48 -31.06
O5' 4TA S . 26.39 36.59 -32.29
PD 4TA S . 26.65 37.84 -33.27
O2D 4TA S . 26.04 37.56 -34.63
O1D 4TA S . 26.28 39.10 -32.54
OCD 4TA S . 28.26 37.82 -33.27
PC 4TA S . 29.17 38.93 -33.98
O1C 4TA S . 29.06 40.20 -33.18
O2C 4TA S . 30.52 38.31 -34.22
OBC 4TA S . 28.48 39.09 -35.42
PB 4TA S . 28.29 40.51 -36.12
O2B 4TA S . 27.47 41.35 -35.19
O1B 4TA S . 27.86 40.27 -37.55
OAB 4TA S . 29.79 41.09 -36.16
PA 4TA S . 30.15 42.65 -36.32
O1A 4TA S . 29.11 43.32 -37.18
O2A 4TA S . 30.47 43.18 -34.95
OA 4TA S . 31.51 42.55 -37.20
C5' 4TA S . 32.65 41.77 -36.81
C4' 4TA S . 33.99 42.51 -36.94
O1' 4TA S . 34.21 42.95 -38.28
C1' 4TA S . 34.47 44.36 -38.35
C2' 4TA S . 34.13 44.94 -36.98
O2' 4TA S . 35.09 45.89 -36.56
C3' 4TA S . 34.10 43.74 -36.05
O3' 4TA S . 35.32 43.69 -35.33
N9A 4TA S . 33.62 44.90 -39.44
C8A 4TA S . 32.28 45.06 -39.59
N7A 4TA S . 31.98 45.58 -40.85
C5A 4TA S . 33.21 45.72 -41.45
C4A 4TA S . 34.17 45.31 -40.59
N3A 4TA S . 35.48 45.34 -40.94
C2A 4TA S . 35.83 45.80 -42.16
N1A 4TA S . 34.89 46.22 -43.04
C6A 4TA S . 33.57 46.19 -42.70
N6A 4TA S . 32.61 46.61 -43.55
O4' 4TA S . 26.19 34.34 -30.48
C2 4TA S . 24.31 31.40 -31.14
O2 4TA S . 25.09 30.59 -30.63
N3 4TA S . 23.04 30.99 -31.35
C4 4TA S . 22.15 31.82 -31.92
O4 4TA S . 20.99 31.41 -32.14
#